data_1DE6
#
_entry.id   1DE6
#
_cell.length_a   169.179
_cell.length_b   162.439
_cell.length_c   77.726
_cell.angle_alpha   90.00
_cell.angle_beta   109.89
_cell.angle_gamma   90.00
#
_symmetry.space_group_name_H-M   'C 1 2 1'
#
loop_
_entity.id
_entity.type
_entity.pdbx_description
1 polymer 'L-RHAMNOSE ISOMERASE'
2 non-polymer L-RHAMNOSE
3 non-polymer 'ZINC ION'
4 non-polymer 'MANGANESE (II) ION'
5 water water
#
_entity_poly.entity_id   1
_entity_poly.type   'polypeptide(L)'
_entity_poly.pdbx_seq_one_letter_code
;GHHHHHHMTTQLEQAWELAKQRFAAVGIDVEEALRQLDRLPVSMHCWQGDDVSGFENPEGSLTGGIQATGNYPGKARNAS
ELRADLEQAMRLIPGPKRLNLHAIYLESDTPVSRDQIKPEHFKNWVEWAKANQLGLDFNPSCFSHPLSADGFTLSHADDS
IRQFWIDHCKASRRVSAYFGEQLGTPSVMNIWIPDGMKDITVDRLAPRQRLLAALDEVISEKLNPAHHIDAVESKLFGIG
AESYTVGSNEFYMGYATSRQTALCLDAGHFHPTEVISDKISAAMLYVPQLLLHVSRPVRWDSDHVVLLDDETQAIASEIV
RHDLFDRVHIGLDFFDASINRIAAWVIGTRNMKKALLRALLEPTAELRKLEAPGDYTARLALLEEQKSLPWQAVWEMYCQ
RHDTPAGSEWLESVRAYEKEILSRRG
;
_entity_poly.pdbx_strand_id   A,B,C,D
#
loop_
_chem_comp.id
_chem_comp.type
_chem_comp.name
_chem_comp.formula
MN non-polymer 'MANGANESE (II) ION' 'Mn 2'
RNS L-saccharide L-RHAMNOSE 'C6 H12 O5'
ZN non-polymer 'ZINC ION' 'Zn 2'
#
# COMPACT_ATOMS: atom_id res chain seq x y z
N THR A 10 -43.56 -16.09 -10.30
CA THR A 10 -43.64 -16.86 -11.54
C THR A 10 -42.48 -16.49 -12.42
N GLN A 11 -42.24 -15.20 -12.51
CA GLN A 11 -41.03 -14.77 -13.28
C GLN A 11 -39.80 -15.45 -12.63
N LEU A 12 -39.83 -15.36 -11.29
CA LEU A 12 -38.83 -15.93 -10.45
C LEU A 12 -38.66 -17.40 -10.79
N GLU A 13 -39.81 -18.02 -10.68
CA GLU A 13 -39.92 -19.42 -10.90
C GLU A 13 -39.38 -19.69 -12.29
N GLN A 14 -39.80 -18.83 -13.24
CA GLN A 14 -39.28 -19.05 -14.59
C GLN A 14 -37.78 -18.93 -14.68
N ALA A 15 -37.30 -17.81 -14.14
CA ALA A 15 -35.85 -17.53 -14.10
C ALA A 15 -35.12 -18.67 -13.38
N TRP A 16 -35.78 -19.13 -12.34
CA TRP A 16 -35.19 -20.21 -11.60
C TRP A 16 -35.01 -21.45 -12.41
N GLU A 17 -36.03 -21.73 -13.16
CA GLU A 17 -35.97 -22.97 -13.94
C GLU A 17 -34.84 -22.95 -14.98
N LEU A 18 -34.72 -21.78 -15.61
CA LEU A 18 -33.69 -21.65 -16.62
C LEU A 18 -32.28 -21.85 -16.08
N ALA A 19 -32.13 -21.33 -14.87
CA ALA A 19 -30.88 -21.33 -14.15
C ALA A 19 -30.60 -22.70 -13.76
N LYS A 20 -31.67 -23.30 -13.22
CA LYS A 20 -31.58 -24.67 -12.81
C LYS A 20 -30.94 -25.50 -13.90
N GLN A 21 -31.49 -25.30 -15.11
CA GLN A 21 -30.92 -25.96 -16.26
C GLN A 21 -29.51 -25.50 -16.62
N ARG A 22 -29.28 -24.21 -16.74
CA ARG A 22 -27.92 -23.78 -17.07
C ARG A 22 -26.89 -24.34 -16.14
N PHE A 23 -27.18 -24.28 -14.87
CA PHE A 23 -26.18 -24.78 -13.94
C PHE A 23 -25.92 -26.28 -14.06
N ALA A 24 -27.05 -27.01 -14.16
CA ALA A 24 -27.02 -28.44 -14.28
C ALA A 24 -26.09 -28.76 -15.43
N ALA A 25 -26.21 -27.99 -16.51
CA ALA A 25 -25.33 -28.20 -17.67
C ALA A 25 -23.84 -28.00 -17.33
N VAL A 26 -23.50 -27.45 -16.15
CA VAL A 26 -22.11 -27.30 -15.87
C VAL A 26 -21.81 -28.11 -14.69
N GLY A 27 -22.79 -28.95 -14.42
CA GLY A 27 -22.64 -29.89 -13.35
C GLY A 27 -22.96 -29.40 -11.99
N ILE A 28 -23.77 -28.35 -11.99
CA ILE A 28 -24.10 -27.84 -10.70
C ILE A 28 -25.55 -28.02 -10.40
N ASP A 29 -25.80 -28.54 -9.24
CA ASP A 29 -27.17 -28.73 -8.74
C ASP A 29 -27.65 -27.59 -7.81
N VAL A 30 -28.46 -26.72 -8.38
CA VAL A 30 -28.96 -25.62 -7.62
C VAL A 30 -29.72 -25.98 -6.37
N GLU A 31 -30.36 -27.08 -6.43
CA GLU A 31 -31.07 -27.42 -5.23
C GLU A 31 -30.13 -27.76 -4.13
N GLU A 32 -29.06 -28.42 -4.43
CA GLU A 32 -28.12 -28.77 -3.37
C GLU A 32 -27.41 -27.51 -2.85
N ALA A 33 -27.21 -26.65 -3.80
CA ALA A 33 -26.57 -25.44 -3.44
C ALA A 33 -27.39 -24.75 -2.35
N LEU A 34 -28.68 -24.71 -2.56
CA LEU A 34 -29.52 -24.02 -1.62
C LEU A 34 -29.47 -24.61 -0.27
N ARG A 35 -29.34 -25.93 -0.30
CA ARG A 35 -29.30 -26.69 0.95
C ARG A 35 -28.02 -26.43 1.66
N GLN A 36 -26.96 -26.35 0.88
CA GLN A 36 -25.68 -26.11 1.52
C GLN A 36 -25.67 -24.72 2.19
N LEU A 37 -26.22 -23.74 1.51
CA LEU A 37 -26.26 -22.38 2.02
C LEU A 37 -26.88 -22.33 3.36
N ASP A 38 -27.78 -23.23 3.55
CA ASP A 38 -28.47 -23.24 4.84
C ASP A 38 -27.58 -23.79 5.90
N ARG A 39 -26.46 -24.31 5.49
CA ARG A 39 -25.60 -24.78 6.53
C ARG A 39 -24.55 -23.72 6.92
N LEU A 40 -24.67 -22.51 6.38
CA LEU A 40 -23.69 -21.45 6.62
C LEU A 40 -24.27 -20.21 7.30
N PRO A 41 -24.41 -20.21 8.59
CA PRO A 41 -24.97 -19.07 9.26
C PRO A 41 -24.04 -17.92 9.20
N VAL A 42 -24.61 -16.76 9.38
CA VAL A 42 -23.77 -15.59 9.41
C VAL A 42 -24.07 -14.95 10.79
N SER A 43 -23.06 -14.72 11.60
CA SER A 43 -23.20 -14.11 12.93
C SER A 43 -23.18 -12.61 12.77
N MET A 44 -24.33 -12.02 12.98
CA MET A 44 -24.46 -10.57 12.88
C MET A 44 -23.99 -9.92 14.19
N HIS A 45 -23.20 -8.89 14.01
CA HIS A 45 -22.69 -8.12 15.12
C HIS A 45 -23.77 -7.19 15.62
N CYS A 46 -24.02 -7.33 16.88
CA CYS A 46 -25.04 -6.55 17.55
C CYS A 46 -24.73 -5.04 17.61
N TRP A 47 -23.42 -4.70 17.65
CA TRP A 47 -23.00 -3.34 17.79
C TRP A 47 -23.35 -2.36 16.70
N GLN A 48 -23.76 -2.88 15.58
CA GLN A 48 -24.15 -2.08 14.47
C GLN A 48 -25.47 -1.36 14.82
N GLY A 49 -26.26 -1.97 15.69
CA GLY A 49 -27.54 -1.28 15.94
C GLY A 49 -27.54 0.04 16.80
N ASP A 50 -26.59 0.21 17.75
CA ASP A 50 -26.53 1.37 18.67
C ASP A 50 -25.20 2.04 18.65
N ASP A 51 -24.46 1.87 17.56
CA ASP A 51 -23.15 2.48 17.44
C ASP A 51 -22.21 2.06 18.54
N VAL A 52 -22.17 0.78 18.77
CA VAL A 52 -21.28 0.30 19.78
C VAL A 52 -21.47 1.02 21.08
N SER A 53 -22.67 1.51 21.34
CA SER A 53 -22.85 2.19 22.58
C SER A 53 -22.96 1.25 23.72
N GLY A 54 -23.70 0.18 23.58
CA GLY A 54 -23.77 -0.72 24.74
C GLY A 54 -24.78 -0.19 25.73
N PHE A 55 -24.98 -0.91 26.82
CA PHE A 55 -25.99 -0.47 27.72
C PHE A 55 -25.48 -0.19 29.09
N GLU A 56 -24.19 -0.29 29.24
CA GLU A 56 -23.60 -0.05 30.53
C GLU A 56 -23.81 1.43 30.84
N ASN A 57 -23.23 2.18 29.90
CA ASN A 57 -23.17 3.60 29.78
C ASN A 57 -23.19 3.95 28.31
N PRO A 58 -24.34 3.74 27.67
CA PRO A 58 -24.53 4.06 26.26
C PRO A 58 -23.89 5.40 25.79
N GLU A 59 -24.34 6.55 26.25
CA GLU A 59 -23.69 7.78 25.81
C GLU A 59 -22.41 7.97 26.64
N GLY A 60 -21.26 7.61 26.06
CA GLY A 60 -20.01 7.72 26.78
C GLY A 60 -18.78 7.31 25.97
N SER A 61 -18.66 7.99 24.83
CA SER A 61 -17.57 7.88 23.87
C SER A 61 -17.04 6.49 23.54
N LEU A 62 -17.11 6.17 22.23
CA LEU A 62 -16.59 4.94 21.66
C LEU A 62 -15.06 5.06 21.57
N THR A 63 -14.38 4.19 22.28
CA THR A 63 -12.94 4.22 22.23
C THR A 63 -12.32 2.93 21.73
N GLY A 64 -11.01 2.93 21.76
CA GLY A 64 -10.26 1.78 21.35
C GLY A 64 -9.68 1.89 19.95
N GLY A 65 -9.75 3.05 19.31
CA GLY A 65 -9.17 3.23 17.98
C GLY A 65 -10.12 2.89 16.84
N ILE A 66 -11.35 2.61 17.28
CA ILE A 66 -12.54 2.28 16.51
C ILE A 66 -13.47 3.49 16.50
N GLN A 67 -14.09 3.75 15.36
CA GLN A 67 -14.94 4.90 15.30
C GLN A 67 -16.28 4.66 14.65
N ALA A 68 -17.18 5.53 15.03
CA ALA A 68 -18.52 5.56 14.50
C ALA A 68 -18.73 6.88 13.74
N THR A 69 -18.81 6.82 12.39
CA THR A 69 -19.04 8.01 11.54
C THR A 69 -20.39 7.97 10.83
N GLY A 70 -21.07 9.12 10.87
CA GLY A 70 -22.36 9.37 10.24
C GLY A 70 -23.49 10.07 11.01
N ASN A 71 -23.69 9.73 12.29
CA ASN A 71 -24.76 10.33 13.06
C ASN A 71 -26.14 10.26 12.41
N TYR A 72 -26.34 9.21 11.67
CA TYR A 72 -27.67 9.04 11.12
C TYR A 72 -28.64 8.77 12.28
N PRO A 73 -29.89 9.21 12.22
CA PRO A 73 -30.82 9.00 13.32
C PRO A 73 -31.43 7.61 13.44
N GLY A 74 -32.03 7.37 14.62
CA GLY A 74 -32.77 6.16 14.87
C GLY A 74 -31.99 5.07 15.51
N LYS A 75 -30.86 5.40 16.05
CA LYS A 75 -30.15 4.31 16.71
C LYS A 75 -30.90 3.66 17.90
N ALA A 76 -30.66 2.34 18.12
CA ALA A 76 -31.29 1.68 19.25
C ALA A 76 -30.68 2.30 20.50
N ARG A 77 -31.45 2.28 21.60
CA ARG A 77 -31.06 2.89 22.89
C ARG A 77 -31.05 1.94 24.07
N ASN A 78 -31.57 0.75 23.79
CA ASN A 78 -31.64 -0.29 24.76
C ASN A 78 -31.83 -1.63 24.11
N ALA A 79 -31.84 -2.70 24.95
CA ALA A 79 -31.99 -4.09 24.49
C ALA A 79 -33.26 -4.31 23.69
N SER A 80 -34.30 -3.69 24.21
CA SER A 80 -35.58 -3.78 23.55
C SER A 80 -35.52 -3.20 22.14
N GLU A 81 -35.07 -1.96 22.00
CA GLU A 81 -34.97 -1.40 20.68
C GLU A 81 -34.07 -2.25 19.83
N LEU A 82 -32.95 -2.59 20.43
CA LEU A 82 -31.95 -3.38 19.70
C LEU A 82 -32.49 -4.66 19.09
N ARG A 83 -33.24 -5.38 19.93
CA ARG A 83 -33.90 -6.65 19.52
C ARG A 83 -34.97 -6.39 18.46
N ALA A 84 -35.73 -5.35 18.66
CA ALA A 84 -36.70 -5.04 17.66
C ALA A 84 -36.01 -4.82 16.35
N ASP A 85 -34.98 -3.96 16.36
CA ASP A 85 -34.24 -3.63 15.15
C ASP A 85 -33.64 -4.87 14.54
N LEU A 86 -33.14 -5.77 15.37
CA LEU A 86 -32.56 -6.97 14.87
C LEU A 86 -33.65 -7.80 14.16
N GLU A 87 -34.80 -7.80 14.78
CA GLU A 87 -35.85 -8.58 14.19
C GLU A 87 -36.21 -8.09 12.77
N GLN A 88 -36.42 -6.82 12.64
CA GLN A 88 -36.69 -6.28 11.30
C GLN A 88 -35.61 -6.73 10.29
N ALA A 89 -34.37 -6.55 10.71
CA ALA A 89 -33.33 -6.91 9.82
C ALA A 89 -33.44 -8.36 9.41
N MET A 90 -33.56 -9.18 10.42
CA MET A 90 -33.60 -10.60 10.18
C MET A 90 -34.71 -11.08 9.26
N ARG A 91 -35.85 -10.39 9.29
CA ARG A 91 -36.86 -10.84 8.42
C ARG A 91 -36.45 -10.44 7.03
N LEU A 92 -35.58 -9.49 6.85
CA LEU A 92 -35.19 -9.21 5.49
C LEU A 92 -33.96 -9.95 4.97
N ILE A 93 -33.36 -10.86 5.78
CA ILE A 93 -32.16 -11.63 5.42
C ILE A 93 -32.49 -13.13 5.47
N PRO A 94 -32.25 -13.84 4.38
CA PRO A 94 -32.61 -15.28 4.28
C PRO A 94 -31.72 -16.28 4.98
N GLY A 95 -32.33 -17.35 5.54
CA GLY A 95 -31.49 -18.41 6.10
C GLY A 95 -30.93 -18.11 7.45
N PRO A 96 -30.06 -19.01 7.91
CA PRO A 96 -29.46 -18.99 9.25
C PRO A 96 -28.58 -17.76 9.57
N LYS A 97 -28.77 -17.35 10.80
CA LYS A 97 -28.05 -16.25 11.37
C LYS A 97 -27.78 -16.48 12.84
N ARG A 98 -26.81 -15.74 13.35
CA ARG A 98 -26.51 -15.82 14.77
C ARG A 98 -26.37 -14.39 15.23
N LEU A 99 -26.33 -14.22 16.57
CA LEU A 99 -26.16 -12.87 17.12
C LEU A 99 -24.87 -12.88 17.86
N ASN A 100 -24.06 -11.86 17.51
CA ASN A 100 -22.76 -11.75 18.16
C ASN A 100 -22.86 -10.62 19.16
N LEU A 101 -22.76 -10.97 20.39
CA LEU A 101 -22.89 -9.95 21.47
C LEU A 101 -21.56 -9.57 22.20
N HIS A 102 -21.50 -8.27 22.55
CA HIS A 102 -20.40 -7.75 23.32
C HIS A 102 -20.90 -7.65 24.75
N ALA A 103 -19.95 -7.83 25.64
CA ALA A 103 -20.27 -7.76 27.06
C ALA A 103 -21.05 -6.48 27.48
N ILE A 104 -20.84 -5.36 26.82
CA ILE A 104 -21.51 -4.15 27.26
C ILE A 104 -22.98 -4.10 26.96
N TYR A 105 -23.46 -5.17 26.32
CA TYR A 105 -24.86 -5.28 25.95
C TYR A 105 -25.62 -6.00 27.01
N LEU A 106 -24.95 -6.20 28.13
CA LEU A 106 -25.59 -6.88 29.27
C LEU A 106 -26.85 -6.15 29.71
N GLU A 107 -27.72 -6.92 30.35
CA GLU A 107 -28.92 -6.32 30.84
C GLU A 107 -28.99 -6.56 32.33
N SER A 108 -28.77 -5.49 33.10
CA SER A 108 -28.79 -5.45 34.57
C SER A 108 -29.49 -4.17 35.07
N ASP A 109 -30.31 -4.32 36.14
CA ASP A 109 -30.99 -3.18 36.73
C ASP A 109 -29.98 -2.13 37.28
N THR A 110 -28.97 -2.68 37.89
CA THR A 110 -27.88 -1.93 38.42
C THR A 110 -26.62 -2.23 37.62
N PRO A 111 -25.65 -1.39 37.89
CA PRO A 111 -24.35 -1.46 37.27
C PRO A 111 -23.56 -2.66 37.69
N VAL A 112 -22.83 -3.18 36.74
CA VAL A 112 -22.02 -4.36 37.00
C VAL A 112 -20.59 -4.10 36.64
N SER A 113 -19.71 -4.34 37.57
CA SER A 113 -18.34 -4.22 37.21
C SER A 113 -18.04 -5.31 36.16
N ARG A 114 -17.27 -4.92 35.16
CA ARG A 114 -16.96 -5.79 34.04
C ARG A 114 -16.32 -7.07 34.43
N ASP A 115 -15.49 -6.94 35.42
CA ASP A 115 -14.83 -8.12 35.90
C ASP A 115 -15.82 -8.97 36.69
N GLN A 116 -17.08 -8.53 36.86
CA GLN A 116 -18.03 -9.34 37.60
C GLN A 116 -19.25 -9.73 36.79
N ILE A 117 -19.22 -9.67 35.52
CA ILE A 117 -20.48 -10.04 34.88
C ILE A 117 -20.82 -11.54 35.05
N LYS A 118 -22.09 -11.88 34.92
CA LYS A 118 -22.64 -13.22 35.04
C LYS A 118 -23.61 -13.60 33.97
N PRO A 119 -23.73 -14.90 33.83
CA PRO A 119 -24.60 -15.47 32.86
C PRO A 119 -25.98 -14.86 33.00
N GLU A 120 -26.34 -14.69 34.22
CA GLU A 120 -27.64 -14.06 34.40
C GLU A 120 -27.72 -12.65 33.78
N HIS A 121 -26.63 -11.93 33.52
CA HIS A 121 -26.81 -10.61 32.94
C HIS A 121 -27.17 -10.64 31.47
N PHE A 122 -27.31 -11.86 30.94
CA PHE A 122 -27.66 -12.04 29.53
C PHE A 122 -28.81 -13.03 29.31
N LYS A 123 -29.58 -13.29 30.34
CA LYS A 123 -30.72 -14.22 30.20
C LYS A 123 -31.78 -13.83 29.13
N ASN A 124 -32.04 -12.53 29.03
CA ASN A 124 -33.01 -12.07 28.05
C ASN A 124 -32.58 -12.35 26.66
N TRP A 125 -31.32 -11.99 26.40
CA TRP A 125 -30.70 -12.23 25.14
C TRP A 125 -30.84 -13.75 24.87
N VAL A 126 -30.51 -14.55 25.90
CA VAL A 126 -30.62 -16.00 25.70
C VAL A 126 -32.03 -16.40 25.39
N GLU A 127 -32.97 -15.89 26.17
CA GLU A 127 -34.33 -16.28 25.88
C GLU A 127 -34.76 -15.89 24.49
N TRP A 128 -34.40 -14.69 24.15
CA TRP A 128 -34.76 -14.20 22.83
C TRP A 128 -34.17 -15.05 21.72
N ALA A 129 -32.94 -15.39 21.97
CA ALA A 129 -32.29 -16.18 20.96
C ALA A 129 -33.07 -17.45 20.76
N LYS A 130 -33.39 -18.06 21.89
CA LYS A 130 -34.08 -19.30 21.78
C LYS A 130 -35.26 -19.14 20.88
N ALA A 131 -36.08 -18.19 21.30
CA ALA A 131 -37.28 -17.88 20.55
C ALA A 131 -37.09 -17.57 19.09
N ASN A 132 -35.90 -17.10 18.74
CA ASN A 132 -35.75 -16.74 17.33
C ASN A 132 -34.91 -17.76 16.61
N GLN A 133 -34.57 -18.86 17.32
CA GLN A 133 -33.75 -19.83 16.69
C GLN A 133 -32.41 -19.29 16.22
N LEU A 134 -31.74 -18.58 17.07
CA LEU A 134 -30.45 -18.03 16.73
C LEU A 134 -29.40 -18.53 17.68
N GLY A 135 -28.20 -18.71 17.18
CA GLY A 135 -27.09 -19.08 18.02
C GLY A 135 -26.50 -17.75 18.51
N LEU A 136 -25.81 -17.80 19.65
CA LEU A 136 -25.20 -16.60 20.19
C LEU A 136 -23.70 -16.69 20.32
N ASP A 137 -23.01 -15.65 19.95
CA ASP A 137 -21.59 -15.60 20.06
C ASP A 137 -21.26 -14.50 21.02
N PHE A 138 -20.03 -14.45 21.53
CA PHE A 138 -19.77 -13.43 22.49
C PHE A 138 -18.39 -12.76 22.39
N ASN A 139 -18.22 -11.67 23.17
CA ASN A 139 -16.96 -10.93 23.27
C ASN A 139 -16.81 -10.09 24.54
N PRO A 140 -15.69 -10.25 25.20
CA PRO A 140 -15.39 -9.39 26.33
C PRO A 140 -15.20 -7.96 25.72
N SER A 141 -15.59 -6.92 26.49
CA SER A 141 -15.46 -5.52 26.04
C SER A 141 -14.32 -4.85 26.65
N CYS A 142 -13.26 -4.73 25.90
CA CYS A 142 -12.09 -4.20 26.51
C CYS A 142 -11.76 -2.80 26.06
N PHE A 143 -12.76 -2.01 25.90
CA PHE A 143 -12.55 -0.64 25.48
C PHE A 143 -13.63 0.24 26.03
N SER A 144 -13.55 1.52 25.66
CA SER A 144 -14.54 2.50 26.15
C SER A 144 -14.79 2.33 27.62
N HIS A 145 -13.73 2.42 28.37
CA HIS A 145 -13.76 2.20 29.82
C HIS A 145 -12.55 2.95 30.44
N PRO A 146 -12.75 3.50 31.65
CA PRO A 146 -11.72 4.19 32.40
C PRO A 146 -10.46 3.34 32.50
N LEU A 147 -10.59 2.01 32.69
CA LEU A 147 -9.41 1.17 32.83
C LEU A 147 -8.78 0.78 31.53
N SER A 148 -9.32 1.34 30.45
CA SER A 148 -8.76 1.14 29.09
C SER A 148 -8.16 2.46 28.51
N ALA A 149 -8.34 3.52 29.26
CA ALA A 149 -7.95 4.85 28.86
C ALA A 149 -6.48 5.10 28.52
N ASP A 150 -5.53 4.37 29.08
CA ASP A 150 -4.13 4.52 28.79
C ASP A 150 -3.79 3.81 27.53
N GLY A 151 -4.78 3.09 27.04
CA GLY A 151 -4.59 2.36 25.81
C GLY A 151 -4.02 0.99 25.99
N PHE A 152 -4.08 0.49 27.24
CA PHE A 152 -3.63 -0.85 27.58
C PHE A 152 -4.64 -1.53 28.42
N THR A 153 -4.81 -2.84 28.23
CA THR A 153 -5.78 -3.52 29.06
C THR A 153 -5.14 -4.79 29.53
N LEU A 154 -5.25 -5.89 28.72
CA LEU A 154 -4.61 -7.18 29.01
C LEU A 154 -3.12 -7.12 29.03
N SER A 155 -2.50 -6.14 28.38
CA SER A 155 -1.04 -6.00 28.38
C SER A 155 -0.60 -4.82 29.27
N HIS A 156 -1.53 -4.28 30.04
CA HIS A 156 -1.23 -3.16 30.93
C HIS A 156 -0.09 -3.55 31.87
N ALA A 157 0.89 -2.66 32.04
CA ALA A 157 1.95 -2.93 32.98
C ALA A 157 1.39 -2.98 34.42
N ASP A 158 0.37 -2.19 34.74
CA ASP A 158 -0.24 -2.23 36.04
C ASP A 158 -0.95 -3.58 36.28
N ASP A 159 -0.40 -4.32 37.22
CA ASP A 159 -0.88 -5.61 37.60
C ASP A 159 -2.33 -5.59 37.90
N SER A 160 -2.76 -4.57 38.59
CA SER A 160 -4.15 -4.50 38.97
C SER A 160 -5.10 -4.23 37.79
N ILE A 161 -4.68 -3.32 36.89
CA ILE A 161 -5.48 -3.01 35.75
C ILE A 161 -5.54 -4.28 34.90
N ARG A 162 -4.34 -4.83 34.74
CA ARG A 162 -4.19 -6.08 34.04
C ARG A 162 -5.19 -7.13 34.56
N GLN A 163 -5.19 -7.32 35.87
CA GLN A 163 -6.05 -8.27 36.53
C GLN A 163 -7.48 -8.05 36.26
N PHE A 164 -7.79 -6.82 36.27
CA PHE A 164 -9.16 -6.54 36.05
C PHE A 164 -9.62 -7.05 34.71
N TRP A 165 -8.79 -6.74 33.68
CA TRP A 165 -9.16 -7.16 32.32
C TRP A 165 -9.19 -8.70 32.22
N ILE A 166 -8.21 -9.31 32.89
CA ILE A 166 -8.10 -10.75 32.98
C ILE A 166 -9.40 -11.31 33.51
N ASP A 167 -9.81 -10.71 34.61
CA ASP A 167 -11.00 -11.17 35.20
C ASP A 167 -12.19 -10.99 34.35
N HIS A 168 -12.28 -9.84 33.71
CA HIS A 168 -13.44 -9.59 32.85
C HIS A 168 -13.58 -10.68 31.75
N CYS A 169 -12.42 -11.04 31.21
CA CYS A 169 -12.24 -12.03 30.15
C CYS A 169 -12.69 -13.42 30.57
N LYS A 170 -12.21 -13.83 31.78
CA LYS A 170 -12.53 -15.09 32.42
C LYS A 170 -14.03 -15.16 32.65
N ALA A 171 -14.61 -14.08 33.17
CA ALA A 171 -16.00 -14.07 33.38
C ALA A 171 -16.76 -14.18 32.06
N SER A 172 -16.21 -13.55 31.01
CA SER A 172 -16.88 -13.59 29.70
C SER A 172 -16.95 -15.01 29.12
N ARG A 173 -15.88 -15.81 29.38
CA ARG A 173 -15.82 -17.20 28.96
C ARG A 173 -16.98 -18.00 29.53
N ARG A 174 -17.30 -17.70 30.79
CA ARG A 174 -18.44 -18.30 31.48
C ARG A 174 -19.78 -17.92 30.89
N VAL A 175 -19.94 -16.61 30.55
CA VAL A 175 -21.17 -16.19 29.90
C VAL A 175 -21.31 -16.93 28.54
N SER A 176 -20.25 -16.96 27.79
CA SER A 176 -20.22 -17.60 26.49
C SER A 176 -20.57 -19.07 26.63
N ALA A 177 -19.93 -19.80 27.55
CA ALA A 177 -20.19 -21.20 27.79
C ALA A 177 -21.66 -21.41 28.13
N TYR A 178 -22.18 -20.49 28.90
CA TYR A 178 -23.55 -20.52 29.25
C TYR A 178 -24.46 -20.46 28.00
N PHE A 179 -24.14 -19.59 27.08
CA PHE A 179 -24.90 -19.49 25.88
C PHE A 179 -24.90 -20.87 25.19
N GLY A 180 -23.70 -21.42 24.97
CA GLY A 180 -23.53 -22.69 24.29
C GLY A 180 -24.41 -23.75 24.92
N GLU A 181 -24.35 -23.77 26.26
CA GLU A 181 -25.13 -24.71 27.03
C GLU A 181 -26.59 -24.51 26.77
N GLN A 182 -27.03 -23.27 26.74
CA GLN A 182 -28.45 -23.03 26.57
C GLN A 182 -29.00 -23.18 25.22
N LEU A 183 -28.17 -22.82 24.31
CA LEU A 183 -28.58 -22.81 22.93
C LEU A 183 -28.20 -24.06 22.20
N GLY A 184 -27.35 -24.84 22.81
CA GLY A 184 -27.00 -26.06 22.11
C GLY A 184 -26.11 -25.83 20.90
N THR A 185 -25.43 -24.70 20.83
CA THR A 185 -24.48 -24.42 19.77
C THR A 185 -23.35 -23.63 20.46
N PRO A 186 -22.10 -24.07 20.35
CA PRO A 186 -21.02 -23.38 21.00
C PRO A 186 -21.02 -21.93 20.68
N SER A 187 -20.69 -21.15 21.69
CA SER A 187 -20.56 -19.72 21.48
C SER A 187 -19.08 -19.47 21.24
N VAL A 188 -18.81 -18.81 20.16
CA VAL A 188 -17.43 -18.43 19.88
C VAL A 188 -17.15 -17.08 20.59
N MET A 189 -16.20 -17.11 21.52
CA MET A 189 -15.87 -15.92 22.26
C MET A 189 -14.60 -15.32 21.76
N ASN A 190 -14.76 -14.19 21.08
CA ASN A 190 -13.66 -13.48 20.50
C ASN A 190 -13.01 -12.51 21.42
N ILE A 191 -11.68 -12.50 21.36
CA ILE A 191 -10.91 -11.60 22.20
C ILE A 191 -10.12 -10.62 21.34
N TRP A 192 -10.50 -9.36 21.49
CA TRP A 192 -9.88 -8.24 20.81
C TRP A 192 -9.64 -7.16 21.87
N ILE A 193 -8.45 -6.61 21.84
CA ILE A 193 -8.08 -5.55 22.72
C ILE A 193 -7.42 -4.48 21.87
N PRO A 194 -7.57 -3.24 22.35
CA PRO A 194 -7.04 -2.08 21.60
C PRO A 194 -5.60 -1.84 21.81
N ASP A 195 -5.03 -2.49 22.85
CA ASP A 195 -3.65 -2.24 23.23
C ASP A 195 -2.65 -1.91 22.17
N GLY A 196 -1.99 -0.81 22.34
CA GLY A 196 -0.93 -0.39 21.36
C GLY A 196 -0.41 1.03 21.69
N MET A 197 0.37 1.62 20.80
CA MET A 197 0.87 2.95 21.01
C MET A 197 0.68 3.77 19.77
N LYS A 198 0.42 5.08 20.04
CA LYS A 198 0.22 6.01 18.97
C LYS A 198 1.48 6.27 18.18
N ASP A 199 2.58 6.43 18.88
CA ASP A 199 3.86 6.83 18.24
C ASP A 199 5.08 5.91 18.42
N ILE A 200 6.22 6.38 17.95
CA ILE A 200 7.44 5.56 18.06
C ILE A 200 7.59 4.96 19.43
N THR A 201 7.65 3.64 19.43
CA THR A 201 7.72 2.76 20.60
C THR A 201 9.10 2.21 20.89
N VAL A 202 9.51 2.27 22.14
CA VAL A 202 10.83 1.75 22.51
C VAL A 202 10.74 0.28 22.83
N ASP A 203 9.74 -0.05 23.57
CA ASP A 203 9.62 -1.45 23.92
C ASP A 203 8.34 -2.18 23.46
N ARG A 204 8.42 -2.90 22.36
CA ARG A 204 7.29 -3.62 21.86
C ARG A 204 7.12 -5.01 22.51
N LEU A 205 8.21 -5.46 23.14
CA LEU A 205 8.31 -6.79 23.77
C LEU A 205 7.56 -7.01 25.04
N ALA A 206 7.83 -6.17 25.99
CA ALA A 206 7.22 -6.31 27.31
C ALA A 206 5.72 -6.47 27.32
N PRO A 207 5.07 -5.59 26.56
CA PRO A 207 3.62 -5.64 26.47
C PRO A 207 3.10 -6.98 25.86
N ARG A 208 3.84 -7.40 24.88
CA ARG A 208 3.48 -8.66 24.26
C ARG A 208 3.68 -9.80 25.27
N GLN A 209 4.74 -9.67 26.11
CA GLN A 209 4.98 -10.71 27.09
C GLN A 209 3.84 -10.76 28.06
N ARG A 210 3.42 -9.58 28.49
CA ARG A 210 2.30 -9.50 29.43
C ARG A 210 1.04 -10.04 28.82
N LEU A 211 0.89 -9.73 27.53
CA LEU A 211 -0.30 -10.17 26.81
C LEU A 211 -0.40 -11.70 26.77
N LEU A 212 0.73 -12.30 26.38
CA LEU A 212 0.80 -13.74 26.33
C LEU A 212 0.45 -14.37 27.66
N ALA A 213 1.05 -13.91 28.72
CA ALA A 213 0.79 -14.48 29.99
C ALA A 213 -0.62 -14.25 30.39
N ALA A 214 -1.13 -13.04 30.07
CA ALA A 214 -2.50 -12.71 30.44
C ALA A 214 -3.45 -13.71 29.76
N LEU A 215 -3.20 -13.96 28.51
CA LEU A 215 -4.08 -14.81 27.74
C LEU A 215 -4.12 -16.23 28.28
N ASP A 216 -2.94 -16.66 28.63
CA ASP A 216 -2.90 -17.99 29.13
C ASP A 216 -3.72 -18.06 30.37
N GLU A 217 -3.66 -17.00 31.10
CA GLU A 217 -4.44 -17.05 32.30
C GLU A 217 -5.87 -17.02 31.98
N VAL A 218 -6.17 -16.16 31.04
CA VAL A 218 -7.55 -16.01 30.64
C VAL A 218 -8.19 -17.33 30.21
N ILE A 219 -7.46 -18.14 29.54
CA ILE A 219 -8.07 -19.38 29.06
C ILE A 219 -7.80 -20.64 29.91
N SER A 220 -7.13 -20.45 30.99
CA SER A 220 -6.79 -21.51 31.88
C SER A 220 -7.97 -22.37 32.37
N GLU A 221 -9.17 -21.79 32.57
CA GLU A 221 -10.30 -22.60 33.01
C GLU A 221 -10.87 -23.42 31.92
N LYS A 222 -10.88 -24.72 32.11
CA LYS A 222 -11.38 -25.56 31.04
C LYS A 222 -12.86 -25.66 30.95
N LEU A 223 -13.34 -25.36 29.77
CA LEU A 223 -14.75 -25.36 29.48
C LEU A 223 -15.09 -26.31 28.35
N ASN A 224 -16.35 -26.69 28.36
CA ASN A 224 -16.88 -27.59 27.34
C ASN A 224 -16.81 -27.02 25.93
N PRO A 225 -15.99 -27.63 25.11
CA PRO A 225 -15.80 -27.22 23.75
C PRO A 225 -17.07 -27.23 22.97
N ALA A 226 -18.04 -28.05 23.41
CA ALA A 226 -19.34 -28.13 22.77
C ALA A 226 -20.12 -26.87 23.06
N HIS A 227 -19.73 -26.12 24.12
CA HIS A 227 -20.49 -24.90 24.42
C HIS A 227 -19.72 -23.64 24.19
N HIS A 228 -18.42 -23.79 24.16
CA HIS A 228 -17.57 -22.64 24.09
C HIS A 228 -16.23 -22.76 23.43
N ILE A 229 -15.89 -21.74 22.60
CA ILE A 229 -14.60 -21.67 21.87
C ILE A 229 -13.96 -20.35 22.08
N ASP A 230 -12.67 -20.39 22.27
CA ASP A 230 -11.95 -19.13 22.41
C ASP A 230 -11.31 -18.73 21.09
N ALA A 231 -11.42 -17.48 20.69
CA ALA A 231 -10.75 -16.97 19.48
C ALA A 231 -9.97 -15.68 19.83
N VAL A 232 -8.85 -15.45 19.14
CA VAL A 232 -8.05 -14.24 19.35
C VAL A 232 -7.99 -13.45 18.07
N GLU A 233 -8.12 -12.11 18.15
CA GLU A 233 -8.16 -11.21 16.95
C GLU A 233 -7.06 -10.19 16.78
N SER A 234 -6.17 -10.40 15.81
CA SER A 234 -5.10 -9.46 15.60
C SER A 234 -5.63 -8.15 15.00
N LYS A 235 -4.76 -7.15 14.96
CA LYS A 235 -5.16 -5.90 14.34
C LYS A 235 -3.91 -5.18 14.07
N LEU A 236 -3.91 -4.49 12.89
CA LEU A 236 -2.75 -3.76 12.43
C LEU A 236 -2.61 -2.42 13.11
N PHE A 237 -3.66 -1.66 13.09
CA PHE A 237 -3.48 -0.38 13.81
C PHE A 237 -4.83 0.21 14.06
N GLY A 238 -4.90 1.11 15.00
CA GLY A 238 -6.10 1.84 15.32
C GLY A 238 -5.82 3.37 15.32
N ILE A 239 -6.88 4.18 15.24
CA ILE A 239 -6.76 5.65 15.27
C ILE A 239 -6.23 5.94 16.64
N GLY A 240 -5.08 6.58 16.72
CA GLY A 240 -4.65 6.78 18.12
C GLY A 240 -3.71 5.74 18.69
N ALA A 241 -3.45 4.72 17.90
CA ALA A 241 -2.55 3.66 18.27
C ALA A 241 -1.95 3.22 16.96
N GLU A 242 -1.57 4.17 16.15
CA GLU A 242 -1.12 3.85 14.84
C GLU A 242 0.20 3.15 14.79
N SER A 243 1.14 3.46 15.68
CA SER A 243 2.46 2.94 15.49
C SER A 243 2.72 1.51 15.85
N TYR A 244 1.94 0.99 16.75
CA TYR A 244 2.15 -0.36 17.26
C TYR A 244 0.94 -0.89 17.96
N THR A 245 0.71 -2.17 17.72
CA THR A 245 -0.36 -2.97 18.28
C THR A 245 0.26 -4.16 18.94
N VAL A 246 -0.01 -4.27 20.21
CA VAL A 246 0.56 -5.43 20.93
C VAL A 246 0.16 -6.76 20.26
N GLY A 247 -1.15 -6.95 20.15
CA GLY A 247 -1.81 -8.12 19.53
C GLY A 247 -1.78 -8.05 18.04
N SER A 248 -0.59 -8.23 17.51
CA SER A 248 -0.39 -8.21 16.09
C SER A 248 -0.73 -9.55 15.41
N ASN A 249 -0.59 -9.56 14.08
CA ASN A 249 -0.87 -10.73 13.29
C ASN A 249 0.05 -11.88 13.75
N GLU A 250 1.36 -11.76 13.66
CA GLU A 250 2.25 -12.86 14.11
C GLU A 250 2.01 -13.28 15.57
N PHE A 251 1.79 -12.28 16.44
CA PHE A 251 1.49 -12.54 17.83
C PHE A 251 0.37 -13.56 18.03
N TYR A 252 -0.79 -13.32 17.42
CA TYR A 252 -1.95 -14.19 17.57
C TYR A 252 -1.88 -15.45 16.79
N MET A 253 -1.13 -15.40 15.70
CA MET A 253 -0.91 -16.55 14.91
C MET A 253 -0.03 -17.47 15.80
N GLY A 254 0.95 -16.92 16.46
CA GLY A 254 1.73 -17.77 17.33
C GLY A 254 0.89 -18.24 18.48
N TYR A 255 0.11 -17.35 19.00
CA TYR A 255 -0.69 -17.76 20.12
C TYR A 255 -1.66 -18.88 19.77
N ALA A 256 -2.47 -18.67 18.77
CA ALA A 256 -3.51 -19.61 18.41
C ALA A 256 -2.92 -20.93 18.03
N THR A 257 -1.78 -20.88 17.34
CA THR A 257 -1.11 -22.12 16.91
C THR A 257 -0.66 -22.92 18.16
N SER A 258 0.05 -22.24 19.08
CA SER A 258 0.61 -22.76 20.32
C SER A 258 -0.37 -23.13 21.41
N ARG A 259 -1.50 -22.44 21.50
CA ARG A 259 -2.47 -22.76 22.55
C ARG A 259 -3.70 -23.44 21.96
N GLN A 260 -3.68 -23.61 20.65
CA GLN A 260 -4.83 -24.23 20.05
C GLN A 260 -6.16 -23.56 20.29
N THR A 261 -6.20 -22.26 20.11
CA THR A 261 -7.50 -21.56 20.20
C THR A 261 -7.97 -21.30 18.76
N ALA A 262 -9.17 -20.80 18.62
CA ALA A 262 -9.49 -20.45 17.25
C ALA A 262 -8.77 -19.11 16.96
N LEU A 263 -8.52 -18.77 15.71
CA LEU A 263 -7.91 -17.53 15.27
C LEU A 263 -8.92 -16.65 14.57
N CYS A 264 -9.01 -15.38 14.96
CA CYS A 264 -9.96 -14.50 14.30
C CYS A 264 -9.29 -13.69 13.25
N LEU A 265 -9.76 -13.84 12.05
CA LEU A 265 -9.21 -13.07 10.93
C LEU A 265 -10.21 -11.96 10.52
N ASP A 266 -9.81 -10.69 10.60
CA ASP A 266 -10.71 -9.58 10.25
C ASP A 266 -10.27 -8.90 8.94
N ALA A 267 -11.14 -8.90 7.90
CA ALA A 267 -10.90 -8.32 6.59
C ALA A 267 -10.50 -6.87 6.66
N GLY A 268 -10.83 -6.11 7.73
CA GLY A 268 -10.35 -4.74 7.73
C GLY A 268 -9.10 -4.53 8.59
N HIS A 269 -8.41 -5.57 9.15
CA HIS A 269 -7.28 -5.36 10.08
C HIS A 269 -5.85 -5.61 9.67
N PHE A 270 -5.62 -5.50 8.36
CA PHE A 270 -4.36 -5.81 7.73
C PHE A 270 -3.75 -4.67 6.94
N HIS A 271 -2.63 -4.95 6.29
CA HIS A 271 -1.91 -3.94 5.53
C HIS A 271 -2.69 -3.63 4.24
N PRO A 272 -2.21 -2.62 3.53
CA PRO A 272 -2.85 -2.32 2.33
C PRO A 272 -2.60 -3.47 1.36
N THR A 273 -3.70 -3.87 0.73
CA THR A 273 -3.67 -4.93 -0.29
C THR A 273 -3.53 -6.26 0.33
N GLU A 274 -3.44 -6.25 1.62
CA GLU A 274 -3.37 -7.55 2.28
C GLU A 274 -4.77 -8.22 2.37
N VAL A 275 -4.90 -9.50 2.13
CA VAL A 275 -6.24 -10.18 2.17
C VAL A 275 -6.31 -11.43 3.02
N ILE A 276 -7.36 -11.51 3.86
CA ILE A 276 -7.50 -12.71 4.69
C ILE A 276 -7.89 -13.94 3.88
N SER A 277 -8.61 -13.73 2.74
CA SER A 277 -9.00 -14.86 1.85
C SER A 277 -7.76 -15.83 1.65
N ASP A 278 -6.58 -15.25 1.36
CA ASP A 278 -5.36 -16.03 1.22
C ASP A 278 -4.96 -16.78 2.49
N LYS A 279 -5.20 -16.13 3.63
CA LYS A 279 -4.78 -16.65 4.93
C LYS A 279 -5.52 -17.86 5.40
N ILE A 280 -6.80 -18.03 4.98
CA ILE A 280 -7.65 -19.17 5.43
C ILE A 280 -7.00 -20.57 5.32
N SER A 281 -6.45 -20.88 4.14
CA SER A 281 -5.89 -22.16 3.91
C SER A 281 -4.60 -22.35 4.64
N ALA A 282 -3.89 -21.24 4.88
CA ALA A 282 -2.69 -21.32 5.64
C ALA A 282 -2.97 -21.58 7.12
N ALA A 283 -3.75 -20.75 7.70
CA ALA A 283 -3.96 -20.89 9.13
C ALA A 283 -4.65 -22.18 9.55
N MET A 284 -5.56 -22.66 8.72
CA MET A 284 -6.30 -23.91 9.09
C MET A 284 -5.40 -25.15 9.17
N LEU A 285 -4.17 -25.03 8.73
CA LEU A 285 -3.28 -26.08 8.87
C LEU A 285 -2.70 -26.09 10.25
N TYR A 286 -2.99 -25.08 11.09
CA TYR A 286 -2.34 -25.06 12.41
C TYR A 286 -3.28 -24.73 13.53
N VAL A 287 -4.43 -24.17 13.19
CA VAL A 287 -5.33 -23.79 14.29
C VAL A 287 -6.61 -24.53 14.10
N PRO A 288 -7.26 -24.83 15.19
CA PRO A 288 -8.42 -25.68 15.15
C PRO A 288 -9.58 -25.08 14.49
N GLN A 289 -9.67 -23.83 14.70
CA GLN A 289 -10.81 -23.19 14.10
C GLN A 289 -10.50 -21.76 13.75
N LEU A 290 -11.33 -21.24 12.85
CA LEU A 290 -11.20 -19.83 12.40
C LEU A 290 -12.51 -19.11 12.57
N LEU A 291 -12.34 -17.85 13.01
CA LEU A 291 -13.43 -16.92 13.16
C LEU A 291 -13.12 -15.87 12.13
N LEU A 292 -14.02 -15.69 11.20
CA LEU A 292 -13.84 -14.76 10.09
C LEU A 292 -14.72 -13.54 10.26
N HIS A 293 -14.06 -12.40 10.28
CA HIS A 293 -14.67 -11.10 10.39
C HIS A 293 -14.66 -10.42 9.05
N VAL A 294 -15.81 -10.39 8.40
CA VAL A 294 -15.88 -9.74 7.10
C VAL A 294 -16.19 -8.26 7.34
N SER A 295 -15.46 -7.43 6.63
CA SER A 295 -15.61 -6.02 6.85
C SER A 295 -15.02 -5.34 5.70
N ARG A 296 -15.36 -4.10 5.44
CA ARG A 296 -14.74 -3.38 4.32
C ARG A 296 -13.93 -2.18 4.83
N PRO A 297 -12.63 -2.31 4.79
CA PRO A 297 -11.81 -1.20 5.22
C PRO A 297 -11.69 -0.23 4.06
N VAL A 298 -12.00 1.06 4.23
CA VAL A 298 -11.80 2.01 3.14
C VAL A 298 -10.66 2.93 3.56
N ARG A 299 -9.43 2.59 3.15
CA ARG A 299 -8.21 3.37 3.50
C ARG A 299 -7.72 3.25 4.97
N TRP A 300 -8.51 2.63 5.83
CA TRP A 300 -8.15 2.37 7.18
C TRP A 300 -9.15 1.37 7.71
N ASP A 301 -9.07 0.94 9.01
CA ASP A 301 -10.01 -0.01 9.56
C ASP A 301 -11.34 0.72 9.75
N SER A 302 -11.83 1.18 8.57
CA SER A 302 -13.07 1.99 8.57
C SER A 302 -14.36 1.29 8.92
N ASP A 303 -14.40 -0.01 8.86
CA ASP A 303 -15.72 -0.52 9.22
C ASP A 303 -16.91 -0.21 8.34
N HIS A 304 -16.70 -0.22 7.08
CA HIS A 304 -17.79 0.01 6.12
C HIS A 304 -18.53 -1.28 5.86
N VAL A 305 -19.77 -1.15 5.41
CA VAL A 305 -20.61 -2.28 5.11
C VAL A 305 -19.99 -3.13 4.04
N VAL A 306 -20.14 -4.40 4.30
CA VAL A 306 -19.63 -5.41 3.37
C VAL A 306 -20.40 -5.42 2.06
N LEU A 307 -19.69 -5.39 0.95
CA LEU A 307 -20.25 -5.41 -0.36
C LEU A 307 -19.97 -6.72 -1.00
N LEU A 308 -20.75 -7.00 -2.01
CA LEU A 308 -20.54 -8.19 -2.79
C LEU A 308 -19.39 -7.78 -3.68
N ASP A 309 -18.17 -7.93 -3.16
CA ASP A 309 -16.99 -7.50 -3.93
C ASP A 309 -15.93 -8.60 -4.10
N ASP A 310 -14.81 -8.20 -4.70
CA ASP A 310 -13.71 -9.12 -4.94
C ASP A 310 -13.36 -9.91 -3.70
N GLU A 311 -13.06 -9.21 -2.60
CA GLU A 311 -12.65 -9.88 -1.40
C GLU A 311 -13.71 -10.61 -0.66
N THR A 312 -14.92 -10.02 -0.62
CA THR A 312 -15.91 -10.77 0.13
C THR A 312 -16.10 -12.11 -0.64
N GLN A 313 -15.99 -12.07 -1.98
CA GLN A 313 -16.19 -13.29 -2.69
C GLN A 313 -15.07 -14.26 -2.51
N ALA A 314 -13.83 -13.76 -2.60
CA ALA A 314 -12.64 -14.59 -2.41
C ALA A 314 -12.73 -15.33 -1.06
N ILE A 315 -13.24 -14.57 -0.06
CA ILE A 315 -13.38 -15.21 1.24
C ILE A 315 -14.34 -16.37 1.17
N ALA A 316 -15.54 -16.15 0.60
CA ALA A 316 -16.57 -17.15 0.49
C ALA A 316 -16.07 -18.38 -0.23
N SER A 317 -15.42 -18.10 -1.31
CA SER A 317 -14.87 -19.20 -2.08
C SER A 317 -13.93 -20.05 -1.25
N GLU A 318 -13.04 -19.43 -0.48
CA GLU A 318 -12.14 -20.23 0.26
C GLU A 318 -12.84 -21.09 1.27
N ILE A 319 -13.82 -20.55 1.90
CA ILE A 319 -14.50 -21.34 2.91
C ILE A 319 -15.14 -22.58 2.29
N VAL A 320 -15.81 -22.29 1.19
CA VAL A 320 -16.58 -23.33 0.48
C VAL A 320 -15.66 -24.32 -0.24
N ARG A 321 -14.65 -23.80 -0.93
CA ARG A 321 -13.79 -24.70 -1.60
C ARG A 321 -13.22 -25.78 -0.65
N HIS A 322 -12.94 -25.34 0.53
CA HIS A 322 -12.29 -26.29 1.37
C HIS A 322 -13.19 -26.96 2.32
N ASP A 323 -14.47 -26.82 2.02
CA ASP A 323 -15.47 -27.40 2.85
C ASP A 323 -15.35 -27.06 4.31
N LEU A 324 -15.10 -25.83 4.57
CA LEU A 324 -14.91 -25.43 5.94
C LEU A 324 -16.17 -25.25 6.79
N PHE A 325 -17.24 -25.92 6.43
CA PHE A 325 -18.44 -25.78 7.19
C PHE A 325 -18.28 -25.90 8.68
N ASP A 326 -17.38 -26.74 9.17
CA ASP A 326 -17.35 -26.94 10.59
C ASP A 326 -16.42 -26.13 11.41
N ARG A 327 -15.30 -25.92 10.82
CA ARG A 327 -14.25 -25.21 11.47
C ARG A 327 -14.29 -23.69 11.30
N VAL A 328 -15.15 -23.15 10.41
CA VAL A 328 -15.18 -21.70 10.16
C VAL A 328 -16.43 -21.13 10.77
N HIS A 329 -16.30 -19.93 11.36
CA HIS A 329 -17.43 -19.20 11.96
C HIS A 329 -17.42 -17.93 11.25
N ILE A 330 -18.51 -17.69 10.56
CA ILE A 330 -18.59 -16.48 9.73
C ILE A 330 -19.32 -15.39 10.43
N GLY A 331 -18.62 -14.28 10.57
CA GLY A 331 -19.18 -13.15 11.23
C GLY A 331 -18.92 -11.83 10.51
N LEU A 332 -19.76 -10.84 10.82
CA LEU A 332 -19.63 -9.50 10.28
C LEU A 332 -18.93 -8.59 11.33
N ASP A 333 -18.15 -7.67 10.93
CA ASP A 333 -17.55 -6.76 11.84
C ASP A 333 -17.40 -5.44 11.09
N PHE A 334 -18.39 -4.57 11.22
CA PHE A 334 -18.42 -3.27 10.60
C PHE A 334 -19.47 -2.43 11.33
N PHE A 335 -19.36 -1.11 11.18
CA PHE A 335 -20.25 -0.17 11.88
C PHE A 335 -20.28 1.11 11.08
N ASP A 336 -21.35 1.32 10.38
CA ASP A 336 -21.50 2.56 9.63
C ASP A 336 -22.79 3.26 10.19
N ALA A 337 -22.54 4.40 10.78
CA ALA A 337 -23.60 5.16 11.41
C ALA A 337 -24.06 6.31 10.54
N SER A 338 -23.61 6.26 9.30
CA SER A 338 -23.96 7.30 8.35
C SER A 338 -25.24 7.01 7.60
N ILE A 339 -25.81 5.79 7.71
CA ILE A 339 -27.04 5.38 7.01
C ILE A 339 -27.89 4.57 7.92
N ASN A 340 -29.04 4.18 7.39
CA ASN A 340 -29.93 3.36 8.20
C ASN A 340 -29.24 2.08 8.71
N ARG A 341 -29.29 1.89 10.00
CA ARG A 341 -28.58 0.78 10.61
C ARG A 341 -29.07 -0.59 10.24
N ILE A 342 -30.35 -0.64 10.12
CA ILE A 342 -30.94 -1.89 9.75
C ILE A 342 -30.49 -2.21 8.33
N ALA A 343 -30.45 -1.18 7.47
CA ALA A 343 -30.10 -1.43 6.10
C ALA A 343 -28.66 -1.90 6.07
N ALA A 344 -27.85 -1.28 6.96
CA ALA A 344 -26.47 -1.64 7.09
C ALA A 344 -26.34 -3.13 7.29
N TRP A 345 -27.04 -3.63 8.27
CA TRP A 345 -26.96 -5.05 8.52
C TRP A 345 -27.52 -5.86 7.34
N VAL A 346 -28.65 -5.41 6.80
CA VAL A 346 -29.27 -6.10 5.69
C VAL A 346 -28.37 -6.24 4.49
N ILE A 347 -27.80 -5.16 4.05
CA ILE A 347 -26.98 -5.25 2.88
C ILE A 347 -25.81 -6.21 3.08
N GLY A 348 -25.15 -5.99 4.20
CA GLY A 348 -23.96 -6.76 4.51
C GLY A 348 -24.21 -8.27 4.68
N THR A 349 -25.24 -8.65 5.39
CA THR A 349 -25.52 -10.06 5.59
C THR A 349 -25.93 -10.76 4.26
N ARG A 350 -26.84 -10.09 3.53
CA ARG A 350 -27.24 -10.59 2.23
C ARG A 350 -26.06 -10.76 1.30
N ASN A 351 -25.19 -9.77 1.35
CA ASN A 351 -24.02 -9.81 0.52
C ASN A 351 -23.17 -10.99 0.89
N MET A 352 -22.99 -11.23 2.20
CA MET A 352 -22.17 -12.40 2.55
C MET A 352 -22.78 -13.68 2.04
N LYS A 353 -24.07 -13.72 2.23
CA LYS A 353 -24.76 -14.91 1.78
C LYS A 353 -24.68 -15.00 0.28
N LYS A 354 -24.86 -13.89 -0.44
CA LYS A 354 -24.75 -14.01 -1.87
C LYS A 354 -23.37 -14.58 -2.30
N ALA A 355 -22.33 -14.08 -1.62
CA ALA A 355 -20.99 -14.53 -1.98
C ALA A 355 -20.87 -16.00 -1.71
N LEU A 356 -21.40 -16.41 -0.60
CA LEU A 356 -21.29 -17.83 -0.29
C LEU A 356 -22.01 -18.69 -1.33
N LEU A 357 -23.23 -18.23 -1.72
CA LEU A 357 -24.04 -18.96 -2.68
C LEU A 357 -23.22 -19.11 -3.92
N ARG A 358 -22.66 -18.02 -4.34
CA ARG A 358 -21.90 -18.11 -5.51
C ARG A 358 -20.80 -19.06 -5.45
N ALA A 359 -20.29 -19.18 -4.22
CA ALA A 359 -19.18 -20.09 -4.11
C ALA A 359 -19.71 -21.51 -4.27
N LEU A 360 -20.89 -21.69 -3.69
CA LEU A 360 -21.56 -22.97 -3.72
C LEU A 360 -21.95 -23.33 -5.12
N LEU A 361 -22.00 -22.39 -6.04
CA LEU A 361 -22.35 -22.72 -7.43
C LEU A 361 -21.16 -22.89 -8.38
N GLU A 362 -20.03 -22.78 -7.84
CA GLU A 362 -18.86 -22.93 -8.62
C GLU A 362 -18.58 -24.42 -8.81
N PRO A 363 -18.17 -24.77 -9.99
CA PRO A 363 -17.79 -26.16 -10.35
C PRO A 363 -16.31 -26.35 -9.93
N THR A 364 -16.13 -26.41 -8.64
CA THR A 364 -14.76 -26.47 -8.14
C THR A 364 -13.93 -27.66 -8.53
N ALA A 365 -14.62 -28.79 -8.43
CA ALA A 365 -13.87 -30.01 -8.75
C ALA A 365 -13.29 -29.94 -10.17
N GLU A 366 -14.15 -29.47 -11.10
CA GLU A 366 -13.68 -29.32 -12.49
C GLU A 366 -12.52 -28.33 -12.54
N LEU A 367 -12.76 -27.21 -11.92
CA LEU A 367 -11.71 -26.21 -11.91
C LEU A 367 -10.39 -26.67 -11.31
N ARG A 368 -10.57 -27.38 -10.24
CA ARG A 368 -9.48 -27.91 -9.46
C ARG A 368 -8.68 -28.83 -10.33
N LYS A 369 -9.46 -29.59 -11.07
CA LYS A 369 -8.86 -30.52 -11.98
C LYS A 369 -8.16 -29.75 -13.05
N LEU A 370 -8.79 -28.75 -13.63
CA LEU A 370 -7.99 -28.05 -14.63
C LEU A 370 -6.66 -27.46 -14.12
N GLU A 371 -6.75 -26.84 -12.94
CA GLU A 371 -5.56 -26.22 -12.37
C GLU A 371 -4.51 -27.28 -12.15
N ALA A 372 -4.88 -28.42 -11.55
CA ALA A 372 -3.91 -29.45 -11.31
C ALA A 372 -3.13 -29.93 -12.57
N PRO A 373 -3.77 -29.83 -13.75
CA PRO A 373 -3.21 -30.21 -15.03
C PRO A 373 -2.53 -29.14 -15.74
N GLY A 374 -2.47 -28.01 -15.06
CA GLY A 374 -1.78 -26.90 -15.66
C GLY A 374 -2.64 -26.21 -16.70
N ASP A 375 -3.97 -26.51 -16.71
CA ASP A 375 -4.80 -25.82 -17.69
C ASP A 375 -5.26 -24.45 -17.15
N TYR A 376 -4.30 -23.50 -17.10
CA TYR A 376 -4.48 -22.14 -16.58
C TYR A 376 -5.31 -21.23 -17.51
N THR A 377 -5.25 -21.54 -18.82
CA THR A 377 -6.08 -20.85 -19.77
C THR A 377 -7.58 -21.12 -19.42
N ALA A 378 -7.91 -22.44 -19.36
CA ALA A 378 -9.22 -22.94 -19.04
C ALA A 378 -9.74 -22.45 -17.70
N ARG A 379 -8.91 -22.55 -16.68
CA ARG A 379 -9.20 -22.12 -15.31
C ARG A 379 -9.58 -20.62 -15.26
N LEU A 380 -8.74 -19.81 -15.82
CA LEU A 380 -9.05 -18.42 -15.82
C LEU A 380 -10.35 -18.14 -16.61
N ALA A 381 -10.37 -18.65 -17.83
CA ALA A 381 -11.56 -18.46 -18.63
C ALA A 381 -12.84 -18.85 -17.91
N LEU A 382 -12.83 -20.00 -17.30
CA LEU A 382 -14.02 -20.50 -16.66
C LEU A 382 -14.38 -19.81 -15.41
N LEU A 383 -13.32 -19.40 -14.68
CA LEU A 383 -13.57 -18.68 -13.42
C LEU A 383 -14.39 -17.39 -13.80
N GLU A 384 -13.87 -16.73 -14.82
CA GLU A 384 -14.51 -15.54 -15.34
C GLU A 384 -15.92 -15.75 -15.91
N GLU A 385 -16.10 -16.82 -16.68
CA GLU A 385 -17.44 -17.11 -17.21
C GLU A 385 -18.46 -17.38 -16.11
N GLN A 386 -17.96 -17.83 -15.00
CA GLN A 386 -18.86 -18.17 -13.92
C GLN A 386 -19.60 -16.92 -13.50
N LYS A 387 -18.96 -15.74 -13.62
CA LYS A 387 -19.62 -14.48 -13.23
C LYS A 387 -20.86 -14.12 -14.12
N SER A 388 -20.94 -14.67 -15.35
CA SER A 388 -22.13 -14.38 -16.15
C SER A 388 -23.10 -15.49 -16.12
N LEU A 389 -23.03 -16.37 -15.12
CA LEU A 389 -23.97 -17.47 -14.98
C LEU A 389 -25.11 -16.92 -14.14
N PRO A 390 -26.33 -17.41 -14.35
CA PRO A 390 -27.53 -16.87 -13.71
C PRO A 390 -27.66 -17.14 -12.20
N TRP A 391 -26.63 -16.81 -11.43
CA TRP A 391 -26.74 -17.12 -10.00
C TRP A 391 -27.76 -16.32 -9.27
N GLN A 392 -28.01 -15.16 -9.75
CA GLN A 392 -29.01 -14.32 -9.11
C GLN A 392 -30.37 -15.03 -9.06
N ALA A 393 -30.62 -15.90 -10.08
CA ALA A 393 -31.90 -16.54 -10.05
C ALA A 393 -31.95 -17.50 -8.87
N VAL A 394 -30.82 -18.17 -8.65
CA VAL A 394 -30.82 -19.10 -7.55
C VAL A 394 -30.93 -18.34 -6.25
N TRP A 395 -30.34 -17.16 -6.23
CA TRP A 395 -30.36 -16.40 -5.01
C TRP A 395 -31.78 -15.93 -4.72
N GLU A 396 -32.37 -15.53 -5.82
CA GLU A 396 -33.68 -15.06 -5.60
C GLU A 396 -34.55 -16.16 -5.11
N MET A 397 -34.31 -17.38 -5.59
CA MET A 397 -35.17 -18.46 -5.09
C MET A 397 -34.93 -18.72 -3.63
N TYR A 398 -33.63 -18.58 -3.29
CA TYR A 398 -33.26 -18.77 -1.91
C TYR A 398 -34.08 -17.80 -1.02
N CYS A 399 -34.12 -16.55 -1.44
CA CYS A 399 -34.90 -15.56 -0.68
C CYS A 399 -36.36 -15.96 -0.47
N GLN A 400 -36.90 -16.39 -1.59
CA GLN A 400 -38.30 -16.82 -1.68
C GLN A 400 -38.61 -17.97 -0.75
N ARG A 401 -37.70 -18.90 -0.78
CA ARG A 401 -37.94 -20.01 0.06
C ARG A 401 -37.84 -19.68 1.51
N HIS A 402 -37.20 -18.53 1.83
CA HIS A 402 -37.07 -18.23 3.22
C HIS A 402 -37.98 -17.12 3.51
N ASP A 403 -38.91 -16.84 2.60
CA ASP A 403 -39.86 -15.75 2.81
C ASP A 403 -39.23 -14.43 3.00
N THR A 404 -38.22 -14.18 2.18
CA THR A 404 -37.50 -12.95 2.23
C THR A 404 -37.62 -12.34 0.86
N PRO A 405 -37.67 -10.97 0.83
CA PRO A 405 -37.79 -10.28 -0.44
C PRO A 405 -36.60 -10.67 -1.26
N ALA A 406 -36.80 -10.86 -2.63
CA ALA A 406 -35.71 -11.27 -3.43
C ALA A 406 -34.90 -10.09 -4.01
N GLY A 407 -35.55 -8.93 -4.02
CA GLY A 407 -34.88 -7.76 -4.57
C GLY A 407 -34.98 -6.55 -3.67
N SER A 408 -34.75 -5.40 -4.28
CA SER A 408 -34.76 -4.15 -3.65
C SER A 408 -35.99 -3.85 -2.80
N GLU A 409 -37.06 -4.58 -2.94
CA GLU A 409 -38.26 -4.34 -2.14
C GLU A 409 -38.00 -4.26 -0.65
N TRP A 410 -36.97 -5.01 -0.21
CA TRP A 410 -36.68 -4.95 1.25
C TRP A 410 -36.46 -3.53 1.76
N LEU A 411 -35.96 -2.62 0.91
CA LEU A 411 -35.78 -1.22 1.35
C LEU A 411 -37.09 -0.56 1.84
N GLU A 412 -38.16 -0.93 1.13
CA GLU A 412 -39.44 -0.36 1.46
C GLU A 412 -39.81 -0.65 2.85
N SER A 413 -39.46 -1.86 3.22
CA SER A 413 -39.73 -2.27 4.59
C SER A 413 -38.96 -1.49 5.57
N VAL A 414 -37.70 -1.38 5.26
CA VAL A 414 -36.84 -0.65 6.16
C VAL A 414 -37.34 0.74 6.23
N ARG A 415 -37.79 1.22 5.09
CA ARG A 415 -38.30 2.58 5.07
C ARG A 415 -39.49 2.85 5.96
N ALA A 416 -40.37 1.90 5.89
CA ALA A 416 -41.56 1.96 6.62
C ALA A 416 -41.32 1.75 8.11
N TYR A 417 -40.29 0.98 8.48
CA TYR A 417 -40.04 0.79 9.91
C TYR A 417 -39.45 2.07 10.48
N GLU A 418 -38.67 2.65 9.63
CA GLU A 418 -38.05 3.89 9.98
C GLU A 418 -39.13 5.02 10.25
N LYS A 419 -40.20 5.02 9.44
CA LYS A 419 -41.22 6.04 9.55
C LYS A 419 -42.02 5.77 10.79
N GLU A 420 -42.36 4.49 10.88
CA GLU A 420 -43.17 4.17 12.01
C GLU A 420 -42.41 4.12 13.30
N ILE A 421 -41.12 3.80 13.23
CA ILE A 421 -40.40 3.60 14.43
C ILE A 421 -39.22 4.49 14.65
N LEU A 422 -38.25 4.25 13.84
CA LEU A 422 -37.03 4.99 13.99
C LEU A 422 -37.28 6.47 14.13
N SER A 423 -38.23 6.95 13.31
CA SER A 423 -38.68 8.36 13.30
C SER A 423 -39.01 8.87 14.74
N ARG A 424 -39.59 8.05 15.59
CA ARG A 424 -39.89 8.45 16.97
C ARG A 424 -38.78 8.44 18.05
N ARG A 425 -37.55 7.94 17.73
CA ARG A 425 -36.39 7.83 18.63
C ARG A 425 -35.49 9.07 18.61
N THR B 10 44.33 10.99 13.86
CA THR B 10 44.28 12.12 14.81
C THR B 10 42.98 12.95 14.92
N GLN B 11 42.47 13.40 13.76
CA GLN B 11 41.24 14.13 13.73
C GLN B 11 40.18 13.13 14.27
N LEU B 12 40.34 11.86 13.91
CA LEU B 12 39.44 10.75 14.21
C LEU B 12 39.48 10.49 15.68
N GLU B 13 40.72 10.46 16.14
CA GLU B 13 41.01 10.28 17.55
C GLU B 13 40.35 11.43 18.32
N GLN B 14 40.52 12.62 17.77
CA GLN B 14 39.91 13.75 18.45
C GLN B 14 38.38 13.67 18.45
N ALA B 15 37.81 13.45 17.29
CA ALA B 15 36.36 13.37 17.19
C ALA B 15 35.87 12.29 18.14
N TRP B 16 36.71 11.27 18.17
CA TRP B 16 36.44 10.07 18.97
C TRP B 16 36.31 10.44 20.45
N GLU B 17 37.26 11.21 20.88
CA GLU B 17 37.21 11.61 22.23
C GLU B 17 36.00 12.45 22.61
N LEU B 18 35.67 13.39 21.76
CA LEU B 18 34.53 14.25 21.93
C LEU B 18 33.29 13.40 22.02
N ALA B 19 33.18 12.49 21.04
CA ALA B 19 32.00 11.64 21.06
C ALA B 19 31.87 10.86 22.34
N LYS B 20 33.04 10.36 22.74
CA LYS B 20 33.25 9.55 23.94
C LYS B 20 32.58 10.24 25.14
N GLN B 21 32.95 11.51 25.23
CA GLN B 21 32.44 12.39 26.26
C GLN B 21 30.95 12.61 26.08
N ARG B 22 30.53 12.99 24.87
CA ARG B 22 29.12 13.23 24.68
C ARG B 22 28.24 12.05 25.08
N PHE B 23 28.66 10.86 24.65
CA PHE B 23 27.87 9.70 24.92
C PHE B 23 27.92 9.27 26.36
N ALA B 24 29.06 9.52 26.94
CA ALA B 24 29.12 9.18 28.31
C ALA B 24 28.16 10.00 29.08
N ALA B 25 28.05 11.29 28.73
CA ALA B 25 27.14 12.26 29.39
C ALA B 25 25.72 11.77 29.33
N VAL B 26 25.45 10.81 28.43
CA VAL B 26 24.09 10.27 28.28
C VAL B 26 24.01 8.82 28.73
N GLY B 27 25.10 8.52 29.34
CA GLY B 27 25.24 7.21 29.95
C GLY B 27 25.58 6.03 29.04
N ILE B 28 26.26 6.44 27.98
CA ILE B 28 26.65 5.50 27.01
C ILE B 28 28.14 5.41 26.94
N ASP B 29 28.58 4.15 27.00
CA ASP B 29 29.98 3.87 26.87
C ASP B 29 30.37 3.33 25.47
N VAL B 30 31.07 4.11 24.76
CA VAL B 30 31.43 3.87 23.44
C VAL B 30 32.37 2.72 23.25
N GLU B 31 33.21 2.49 24.26
CA GLU B 31 34.08 1.33 24.11
C GLU B 31 33.29 0.04 24.20
N GLU B 32 32.38 0.04 25.14
CA GLU B 32 31.56 -1.16 25.31
C GLU B 32 30.75 -1.43 24.03
N ALA B 33 30.33 -0.33 23.37
CA ALA B 33 29.47 -0.42 22.18
C ALA B 33 30.25 -1.13 21.08
N LEU B 34 31.47 -0.70 21.04
CA LEU B 34 32.32 -1.23 20.03
C LEU B 34 32.45 -2.70 20.24
N ARG B 35 32.55 -3.04 21.53
CA ARG B 35 32.71 -4.43 21.84
C ARG B 35 31.48 -5.18 21.52
N GLN B 36 30.33 -4.58 21.83
CA GLN B 36 29.12 -5.37 21.56
C GLN B 36 28.92 -5.55 20.03
N LEU B 37 29.37 -4.55 19.29
CA LEU B 37 29.21 -4.58 17.86
C LEU B 37 30.01 -5.75 17.35
N ASP B 38 31.12 -6.05 17.97
CA ASP B 38 31.85 -7.20 17.47
C ASP B 38 31.13 -8.48 17.80
N ARG B 39 30.04 -8.44 18.54
CA ARG B 39 29.35 -9.68 18.81
C ARG B 39 28.26 -9.87 17.81
N LEU B 40 28.18 -9.05 16.81
CA LEU B 40 27.02 -9.18 15.90
C LEU B 40 27.44 -9.35 14.44
N PRO B 41 27.76 -10.55 14.06
CA PRO B 41 28.21 -10.77 12.70
C PRO B 41 27.09 -10.58 11.69
N VAL B 42 27.51 -10.29 10.49
CA VAL B 42 26.56 -10.15 9.42
C VAL B 42 26.91 -11.21 8.37
N SER B 43 25.92 -12.03 7.97
CA SER B 43 26.12 -13.08 7.02
C SER B 43 25.87 -12.56 5.63
N MET B 44 26.99 -12.41 4.94
CA MET B 44 27.00 -11.97 3.58
C MET B 44 26.51 -13.03 2.62
N HIS B 45 25.63 -12.65 1.73
CA HIS B 45 25.09 -13.62 0.80
C HIS B 45 26.03 -13.77 -0.40
N CYS B 46 26.38 -15.03 -0.61
CA CYS B 46 27.30 -15.30 -1.71
C CYS B 46 26.83 -14.93 -3.08
N TRP B 47 25.51 -15.05 -3.33
CA TRP B 47 24.94 -14.87 -4.64
C TRP B 47 25.02 -13.52 -5.31
N GLN B 48 25.32 -12.51 -4.53
CA GLN B 48 25.45 -11.17 -5.04
C GLN B 48 26.67 -11.17 -5.89
N GLY B 49 27.57 -12.07 -5.64
CA GLY B 49 28.79 -11.95 -6.47
C GLY B 49 28.81 -12.47 -7.93
N ASP B 50 27.91 -13.40 -8.24
CA ASP B 50 27.88 -13.95 -9.56
C ASP B 50 26.45 -13.91 -10.08
N ASP B 51 25.64 -13.01 -9.55
CA ASP B 51 24.24 -12.92 -10.00
C ASP B 51 23.50 -14.23 -9.79
N VAL B 52 23.63 -14.83 -8.64
CA VAL B 52 22.88 -16.07 -8.42
C VAL B 52 23.16 -17.17 -9.51
N SER B 53 24.24 -17.05 -10.26
CA SER B 53 24.53 -18.04 -11.27
C SER B 53 24.90 -19.36 -10.66
N GLY B 54 25.75 -19.35 -9.68
CA GLY B 54 26.03 -20.64 -9.12
C GLY B 54 27.05 -21.31 -9.97
N PHE B 55 27.43 -22.53 -9.55
CA PHE B 55 28.45 -23.25 -10.27
C PHE B 55 28.02 -24.57 -10.93
N GLU B 56 26.72 -24.89 -10.78
CA GLU B 56 26.25 -26.13 -11.41
C GLU B 56 26.29 -25.98 -12.95
N ASN B 57 25.65 -24.84 -13.30
CA ASN B 57 25.37 -24.25 -14.61
C ASN B 57 25.19 -22.74 -14.48
N PRO B 58 26.29 -22.03 -14.22
CA PRO B 58 26.29 -20.57 -14.11
C PRO B 58 25.39 -19.80 -15.11
N GLU B 59 25.69 -19.87 -16.41
CA GLU B 59 24.84 -19.19 -17.38
C GLU B 59 23.64 -20.08 -17.70
N GLY B 60 22.51 -19.81 -17.04
CA GLY B 60 21.33 -20.61 -17.27
C GLY B 60 20.10 -20.13 -16.49
N SER B 61 19.73 -18.90 -16.84
CA SER B 61 18.57 -18.17 -16.33
C SER B 61 18.18 -18.34 -14.87
N LEU B 62 18.24 -17.20 -14.17
CA LEU B 62 17.84 -17.07 -12.78
C LEU B 62 16.30 -17.16 -12.69
N THR B 63 15.80 -18.18 -12.01
CA THR B 63 14.38 -18.34 -11.87
C THR B 63 13.91 -18.28 -10.42
N GLY B 64 12.63 -18.48 -10.25
CA GLY B 64 12.06 -18.46 -8.93
C GLY B 64 11.20 -17.23 -8.60
N GLY B 65 11.03 -16.31 -9.55
CA GLY B 65 10.24 -15.10 -9.28
C GLY B 65 11.14 -13.96 -8.80
N ILE B 66 12.43 -14.35 -8.72
CA ILE B 66 13.61 -13.58 -8.33
C ILE B 66 14.35 -13.14 -9.58
N GLN B 67 14.83 -11.91 -9.54
CA GLN B 67 15.47 -11.39 -10.71
C GLN B 67 16.72 -10.63 -10.42
N ALA B 68 17.50 -10.57 -11.48
CA ALA B 68 18.77 -9.88 -11.54
C ALA B 68 18.73 -8.78 -12.58
N THR B 69 18.64 -7.51 -12.13
CA THR B 69 18.64 -6.31 -12.97
C THR B 69 19.95 -5.54 -12.84
N GLY B 70 20.50 -5.15 -14.01
CA GLY B 70 21.72 -4.38 -14.14
C GLY B 70 22.76 -4.76 -15.23
N ASN B 71 23.23 -6.02 -15.27
CA ASN B 71 24.24 -6.44 -16.22
C ASN B 71 25.51 -5.63 -16.18
N TYR B 72 25.85 -5.13 -15.03
CA TYR B 72 27.10 -4.41 -14.86
C TYR B 72 28.14 -5.47 -15.01
N PRO B 73 29.31 -5.14 -15.50
CA PRO B 73 30.34 -6.13 -15.69
C PRO B 73 31.19 -6.50 -14.46
N GLY B 74 31.98 -7.57 -14.70
CA GLY B 74 32.95 -8.10 -13.73
C GLY B 74 32.36 -9.18 -12.80
N LYS B 75 31.13 -9.67 -13.11
CA LYS B 75 30.65 -10.75 -12.26
C LYS B 75 31.66 -11.93 -12.18
N ALA B 76 31.69 -12.53 -10.99
CA ALA B 76 32.58 -13.68 -10.72
C ALA B 76 32.03 -14.87 -11.53
N ARG B 77 33.02 -15.67 -12.00
CA ARG B 77 32.72 -16.80 -12.82
C ARG B 77 32.87 -18.19 -12.23
N ASN B 78 33.51 -18.26 -11.09
CA ASN B 78 33.69 -19.52 -10.42
C ASN B 78 33.97 -19.20 -8.96
N ALA B 79 34.15 -20.26 -8.16
CA ALA B 79 34.44 -20.23 -6.76
C ALA B 79 35.65 -19.40 -6.49
N SER B 80 36.60 -19.49 -7.36
CA SER B 80 37.82 -18.75 -7.16
C SER B 80 37.62 -17.27 -7.28
N GLU B 81 36.89 -16.92 -8.33
CA GLU B 81 36.61 -15.51 -8.53
C GLU B 81 35.79 -14.95 -7.35
N LEU B 82 34.82 -15.78 -7.03
CA LEU B 82 33.91 -15.47 -6.00
C LEU B 82 34.58 -15.16 -4.72
N ARG B 83 35.48 -16.04 -4.31
CA ARG B 83 36.23 -15.92 -3.07
C ARG B 83 37.11 -14.68 -3.05
N ALA B 84 37.78 -14.45 -4.18
CA ALA B 84 38.62 -13.28 -4.29
C ALA B 84 37.77 -12.01 -4.12
N ASP B 85 36.61 -12.01 -4.75
CA ASP B 85 35.68 -10.89 -4.72
C ASP B 85 35.19 -10.74 -3.26
N LEU B 86 34.77 -11.87 -2.63
CA LEU B 86 34.38 -11.80 -1.26
C LEU B 86 35.46 -11.13 -0.38
N GLU B 87 36.70 -11.60 -0.51
CA GLU B 87 37.87 -11.08 0.22
C GLU B 87 38.06 -9.56 0.06
N GLN B 88 38.01 -9.08 -1.16
CA GLN B 88 38.09 -7.64 -1.39
C GLN B 88 37.00 -6.89 -0.59
N ALA B 89 35.80 -7.41 -0.66
CA ALA B 89 34.67 -6.83 0.06
C ALA B 89 34.96 -6.85 1.52
N MET B 90 35.36 -8.04 2.00
CA MET B 90 35.62 -8.20 3.42
C MET B 90 36.66 -7.28 3.98
N ARG B 91 37.66 -6.97 3.21
CA ARG B 91 38.67 -6.06 3.75
C ARG B 91 38.19 -4.65 3.88
N LEU B 92 36.99 -4.39 3.37
CA LEU B 92 36.42 -3.06 3.44
C LEU B 92 35.23 -2.97 4.42
N ILE B 93 34.84 -4.09 5.04
CA ILE B 93 33.79 -4.17 5.98
C ILE B 93 34.40 -4.56 7.35
N PRO B 94 34.23 -3.69 8.36
CA PRO B 94 34.82 -3.91 9.69
C PRO B 94 34.09 -4.93 10.59
N GLY B 95 34.82 -5.71 11.42
CA GLY B 95 34.21 -6.65 12.36
C GLY B 95 33.64 -7.89 11.69
N PRO B 96 33.05 -8.68 12.52
CA PRO B 96 32.56 -9.97 12.15
C PRO B 96 31.63 -10.18 10.92
N LYS B 97 31.96 -11.12 10.07
CA LYS B 97 31.05 -11.48 9.01
C LYS B 97 30.98 -13.01 8.90
N ARG B 98 29.99 -13.47 8.13
CA ARG B 98 29.80 -14.88 7.85
C ARG B 98 29.49 -14.94 6.36
N LEU B 99 29.53 -16.13 5.76
CA LEU B 99 29.18 -16.27 4.36
C LEU B 99 28.00 -17.15 4.33
N ASN B 100 26.96 -16.75 3.58
CA ASN B 100 25.77 -17.55 3.49
C ASN B 100 25.84 -18.22 2.13
N LEU B 101 25.85 -19.58 2.17
CA LEU B 101 25.94 -20.30 0.88
C LEU B 101 24.67 -20.95 0.36
N HIS B 102 24.60 -20.94 -0.95
CA HIS B 102 23.53 -21.63 -1.68
C HIS B 102 24.05 -22.98 -2.13
N ALA B 103 23.16 -23.98 -2.17
CA ALA B 103 23.63 -25.32 -2.68
C ALA B 103 24.30 -25.26 -4.12
N ILE B 104 23.86 -24.31 -4.99
CA ILE B 104 24.41 -24.24 -6.32
C ILE B 104 25.84 -23.74 -6.41
N TYR B 105 26.44 -23.37 -5.23
CA TYR B 105 27.81 -22.88 -5.25
C TYR B 105 28.78 -24.02 -4.87
N LEU B 106 28.27 -25.24 -4.96
CA LEU B 106 29.08 -26.45 -4.68
C LEU B 106 30.26 -26.53 -5.64
N GLU B 107 31.32 -27.20 -5.21
CA GLU B 107 32.50 -27.34 -6.06
C GLU B 107 32.73 -28.86 -6.32
N SER B 108 32.57 -29.27 -7.55
CA SER B 108 32.76 -30.67 -7.91
C SER B 108 33.24 -30.74 -9.34
N ASP B 109 34.06 -31.75 -9.62
CA ASP B 109 34.58 -31.87 -10.97
C ASP B 109 33.48 -32.27 -11.92
N THR B 110 32.70 -33.15 -11.38
CA THR B 110 31.54 -33.64 -12.09
C THR B 110 30.26 -33.15 -11.47
N PRO B 111 29.26 -33.21 -12.29
CA PRO B 111 27.95 -32.79 -11.95
C PRO B 111 27.38 -33.63 -10.86
N VAL B 112 26.59 -32.98 -9.98
CA VAL B 112 26.00 -33.69 -8.88
C VAL B 112 24.52 -33.43 -8.79
N SER B 113 23.72 -34.45 -8.85
CA SER B 113 22.35 -34.21 -8.72
C SER B 113 22.13 -33.52 -7.40
N ARG B 114 21.19 -32.57 -7.38
CA ARG B 114 20.96 -31.77 -6.20
C ARG B 114 20.48 -32.67 -5.12
N ASP B 115 19.79 -33.74 -5.53
CA ASP B 115 19.36 -34.62 -4.50
C ASP B 115 20.49 -35.46 -3.89
N GLN B 116 21.70 -35.30 -4.35
CA GLN B 116 22.78 -36.09 -3.77
C GLN B 116 23.99 -35.29 -3.37
N ILE B 117 23.84 -34.04 -3.02
CA ILE B 117 25.04 -33.32 -2.67
C ILE B 117 25.46 -33.81 -1.29
N LYS B 118 26.75 -33.58 -1.02
CA LYS B 118 27.50 -33.98 0.16
C LYS B 118 28.45 -32.91 0.57
N PRO B 119 28.71 -33.00 1.85
CA PRO B 119 29.64 -32.14 2.60
C PRO B 119 30.90 -32.04 1.85
N GLU B 120 31.28 -33.15 1.25
CA GLU B 120 32.49 -33.05 0.46
C GLU B 120 32.36 -32.07 -0.69
N HIS B 121 31.15 -31.76 -1.19
CA HIS B 121 31.12 -30.75 -2.29
C HIS B 121 31.37 -29.26 -1.88
N PHE B 122 31.56 -29.05 -0.55
CA PHE B 122 31.78 -27.75 0.01
C PHE B 122 33.02 -27.74 0.81
N LYS B 123 33.89 -28.68 0.55
CA LYS B 123 35.08 -28.61 1.35
C LYS B 123 35.95 -27.37 1.25
N ASN B 124 36.09 -26.88 0.04
CA ASN B 124 36.95 -25.71 -0.13
C ASN B 124 36.41 -24.51 0.58
N TRP B 125 35.08 -24.43 0.52
CA TRP B 125 34.41 -23.32 1.13
C TRP B 125 34.77 -23.35 2.58
N VAL B 126 34.62 -24.52 3.13
CA VAL B 126 34.92 -24.67 4.58
C VAL B 126 36.36 -24.34 4.96
N GLU B 127 37.31 -24.88 4.21
CA GLU B 127 38.68 -24.58 4.50
C GLU B 127 38.88 -23.11 4.39
N TRP B 128 38.27 -22.48 3.39
CA TRP B 128 38.42 -21.00 3.18
C TRP B 128 37.81 -20.17 4.33
N ALA B 129 36.67 -20.62 4.76
CA ALA B 129 35.98 -20.01 5.86
C ALA B 129 36.91 -20.08 7.11
N LYS B 130 37.48 -21.30 7.35
CA LYS B 130 38.42 -21.49 8.45
C LYS B 130 39.56 -20.46 8.39
N ALA B 131 40.14 -20.42 7.26
CA ALA B 131 41.22 -19.47 7.11
C ALA B 131 40.82 -18.02 7.23
N ASN B 132 39.55 -17.74 6.93
CA ASN B 132 39.15 -16.36 6.96
C ASN B 132 38.38 -16.02 8.21
N GLN B 133 38.35 -17.00 9.09
CA GLN B 133 37.64 -16.78 10.34
C GLN B 133 36.17 -16.49 10.11
N LEU B 134 35.54 -17.19 9.17
CA LEU B 134 34.14 -16.90 8.94
C LEU B 134 33.26 -18.05 9.35
N GLY B 135 32.05 -17.74 9.79
CA GLY B 135 31.05 -18.74 10.04
C GLY B 135 30.32 -18.93 8.71
N LEU B 136 29.73 -20.05 8.54
CA LEU B 136 29.03 -20.31 7.29
C LEU B 136 27.60 -20.73 7.63
N ASP B 137 26.73 -20.27 6.71
CA ASP B 137 25.31 -20.50 6.63
C ASP B 137 24.96 -21.17 5.29
N PHE B 138 23.80 -21.80 5.21
CA PHE B 138 23.57 -22.49 3.99
C PHE B 138 22.10 -22.47 3.53
N ASN B 139 21.89 -22.88 2.26
CA ASN B 139 20.56 -22.97 1.68
C ASN B 139 20.42 -23.97 0.54
N PRO B 140 19.40 -24.78 0.66
CA PRO B 140 19.06 -25.65 -0.45
C PRO B 140 18.65 -24.71 -1.57
N SER B 141 18.96 -25.02 -2.83
CA SER B 141 18.57 -24.17 -3.97
C SER B 141 17.39 -24.79 -4.62
N CYS B 142 16.21 -24.28 -4.43
CA CYS B 142 15.07 -24.87 -5.05
C CYS B 142 14.47 -24.04 -6.19
N PHE B 143 15.28 -23.63 -7.13
CA PHE B 143 14.85 -22.81 -8.24
C PHE B 143 15.89 -22.99 -9.30
N SER B 144 15.65 -22.33 -10.41
CA SER B 144 16.57 -22.39 -11.55
C SER B 144 16.98 -23.84 -11.87
N HIS B 145 15.94 -24.67 -11.97
CA HIS B 145 16.08 -26.08 -12.21
C HIS B 145 14.90 -26.69 -13.00
N PRO B 146 15.20 -27.64 -13.87
CA PRO B 146 14.17 -28.30 -14.64
C PRO B 146 13.04 -28.78 -13.76
N LEU B 147 13.41 -29.32 -12.58
CA LEU B 147 12.37 -29.81 -11.68
C LEU B 147 11.67 -28.73 -10.88
N SER B 148 12.02 -27.48 -11.16
CA SER B 148 11.36 -26.38 -10.51
C SER B 148 10.61 -25.52 -11.57
N ALA B 149 10.73 -25.96 -12.82
CA ALA B 149 10.09 -25.24 -13.93
C ALA B 149 8.59 -25.00 -13.87
N ASP B 150 7.87 -25.87 -13.21
CA ASP B 150 6.44 -25.75 -13.10
C ASP B 150 6.07 -24.78 -12.05
N GLY B 151 7.06 -24.27 -11.41
CA GLY B 151 6.78 -23.34 -10.35
C GLY B 151 6.48 -23.95 -8.98
N PHE B 152 6.64 -25.29 -8.89
CA PHE B 152 6.44 -25.99 -7.63
C PHE B 152 7.63 -26.83 -7.37
N THR B 153 7.96 -27.06 -6.11
CA THR B 153 9.15 -27.86 -5.76
C THR B 153 8.73 -28.70 -4.63
N LEU B 154 8.95 -28.22 -3.39
CA LEU B 154 8.47 -28.99 -2.24
C LEU B 154 6.97 -29.19 -2.16
N SER B 155 6.17 -28.41 -2.94
CA SER B 155 4.69 -28.53 -2.85
C SER B 155 4.17 -29.14 -4.14
N HIS B 156 5.12 -29.55 -4.96
CA HIS B 156 4.76 -30.18 -6.21
C HIS B 156 3.86 -31.37 -5.98
N ALA B 157 2.85 -31.46 -6.79
CA ALA B 157 1.94 -32.53 -6.65
C ALA B 157 2.56 -33.85 -7.11
N ASP B 158 3.50 -33.79 -8.01
CA ASP B 158 4.08 -35.02 -8.42
C ASP B 158 5.06 -35.51 -7.36
N ASP B 159 4.69 -36.66 -6.84
CA ASP B 159 5.39 -37.32 -5.77
C ASP B 159 6.84 -37.42 -5.93
N SER B 160 7.24 -37.71 -7.16
CA SER B 160 8.66 -37.85 -7.48
C SER B 160 9.44 -36.55 -7.47
N ILE B 161 8.86 -35.50 -8.07
CA ILE B 161 9.51 -34.20 -8.12
C ILE B 161 9.61 -33.74 -6.71
N ARG B 162 8.44 -33.89 -6.06
CA ARG B 162 8.39 -33.50 -4.68
C ARG B 162 9.52 -34.20 -3.91
N GLN B 163 9.57 -35.54 -4.14
CA GLN B 163 10.61 -36.35 -3.47
C GLN B 163 12.01 -35.86 -3.75
N PHE B 164 12.25 -35.46 -5.03
CA PHE B 164 13.58 -34.96 -5.29
C PHE B 164 13.94 -33.71 -4.48
N TRP B 165 12.99 -32.76 -4.36
CA TRP B 165 13.30 -31.53 -3.60
C TRP B 165 13.46 -31.81 -2.10
N ILE B 166 12.65 -32.75 -1.59
CA ILE B 166 12.76 -33.19 -0.17
C ILE B 166 14.12 -33.76 0.10
N ASP B 167 14.60 -34.58 -0.84
CA ASP B 167 15.86 -35.20 -0.62
C ASP B 167 16.91 -34.15 -0.71
N HIS B 168 16.73 -33.23 -1.68
CA HIS B 168 17.71 -32.17 -1.77
C HIS B 168 17.80 -31.39 -0.47
N CYS B 169 16.67 -31.13 0.14
CA CYS B 169 16.71 -30.36 1.41
C CYS B 169 17.33 -31.13 2.55
N LYS B 170 16.98 -32.41 2.62
CA LYS B 170 17.58 -33.35 3.59
C LYS B 170 19.09 -33.46 3.47
N ALA B 171 19.56 -33.55 2.27
CA ALA B 171 21.00 -33.57 2.05
C ALA B 171 21.67 -32.23 2.39
N SER B 172 20.98 -31.11 2.07
CA SER B 172 21.53 -29.80 2.39
C SER B 172 21.69 -29.66 3.92
N ARG B 173 20.77 -30.24 4.69
CA ARG B 173 20.87 -30.18 6.13
C ARG B 173 22.15 -30.78 6.68
N ARG B 174 22.61 -31.81 6.00
CA ARG B 174 23.82 -32.55 6.34
C ARG B 174 24.98 -31.72 5.93
N VAL B 175 24.88 -31.04 4.80
CA VAL B 175 26.03 -30.15 4.50
C VAL B 175 26.19 -29.06 5.65
N SER B 176 25.07 -28.52 5.98
CA SER B 176 24.99 -27.47 6.95
C SER B 176 25.57 -27.92 8.25
N ALA B 177 25.11 -29.07 8.70
CA ALA B 177 25.63 -29.56 9.98
C ALA B 177 27.12 -29.76 9.90
N TYR B 178 27.57 -30.18 8.70
CA TYR B 178 28.98 -30.34 8.45
C TYR B 178 29.69 -29.01 8.69
N PHE B 179 29.15 -27.90 8.16
CA PHE B 179 29.69 -26.56 8.42
C PHE B 179 29.77 -26.27 9.92
N GLY B 180 28.69 -26.51 10.60
CA GLY B 180 28.67 -26.21 12.03
C GLY B 180 29.83 -26.92 12.74
N GLU B 181 29.92 -28.26 12.43
CA GLU B 181 30.93 -29.15 13.02
C GLU B 181 32.31 -28.60 12.79
N GLN B 182 32.60 -28.31 11.53
CA GLN B 182 33.90 -27.85 11.18
C GLN B 182 34.23 -26.47 11.65
N LEU B 183 33.20 -25.65 11.75
CA LEU B 183 33.55 -24.32 12.05
C LEU B 183 33.38 -23.97 13.48
N GLY B 184 32.64 -24.79 14.16
CA GLY B 184 32.52 -24.41 15.55
C GLY B 184 31.44 -23.42 15.80
N THR B 185 30.56 -23.19 14.85
CA THR B 185 29.44 -22.30 15.01
C THR B 185 28.42 -22.89 14.07
N PRO B 186 27.21 -23.03 14.56
CA PRO B 186 26.11 -23.62 13.82
C PRO B 186 25.79 -22.85 12.58
N SER B 187 25.55 -23.58 11.52
CA SER B 187 25.22 -23.00 10.28
C SER B 187 23.71 -22.97 10.29
N VAL B 188 23.14 -21.84 9.88
CA VAL B 188 21.70 -21.71 9.82
C VAL B 188 21.28 -22.09 8.43
N MET B 189 20.46 -23.10 8.27
CA MET B 189 20.10 -23.47 6.90
C MET B 189 18.70 -23.05 6.65
N ASN B 190 18.60 -22.09 5.76
CA ASN B 190 17.35 -21.48 5.40
C ASN B 190 16.66 -22.16 4.25
N ILE B 191 15.36 -22.33 4.39
CA ILE B 191 14.53 -22.94 3.38
C ILE B 191 13.57 -21.91 2.83
N TRP B 192 13.79 -21.62 1.56
CA TRP B 192 13.05 -20.71 0.68
C TRP B 192 12.70 -21.43 -0.65
N ILE B 193 11.43 -21.39 -1.04
CA ILE B 193 11.11 -22.00 -2.30
C ILE B 193 10.24 -21.01 -3.00
N PRO B 194 10.19 -21.08 -4.30
CA PRO B 194 9.41 -20.17 -5.07
C PRO B 194 7.94 -20.54 -5.21
N ASP B 195 7.57 -21.78 -4.91
CA ASP B 195 6.25 -22.28 -5.14
C ASP B 195 5.15 -21.31 -4.93
N GLY B 196 4.35 -21.11 -6.01
CA GLY B 196 3.18 -20.20 -6.05
C GLY B 196 2.48 -20.22 -7.41
N MET B 197 1.56 -19.26 -7.61
CA MET B 197 0.81 -19.14 -8.85
C MET B 197 0.81 -17.71 -9.34
N LYS B 198 0.96 -17.57 -10.65
CA LYS B 198 0.90 -16.27 -11.20
C LYS B 198 -0.50 -15.64 -11.14
N ASP B 199 -1.61 -16.44 -11.39
CA ASP B 199 -2.95 -15.91 -11.46
C ASP B 199 -3.92 -16.56 -10.51
N ILE B 200 -5.18 -16.16 -10.66
CA ILE B 200 -6.26 -16.61 -9.84
C ILE B 200 -6.19 -18.09 -9.67
N THR B 201 -6.11 -18.55 -8.41
CA THR B 201 -5.94 -19.93 -7.99
C THR B 201 -7.12 -20.54 -7.38
N VAL B 202 -7.42 -21.77 -7.74
CA VAL B 202 -8.59 -22.37 -7.13
C VAL B 202 -8.27 -23.05 -5.79
N ASP B 203 -7.13 -23.76 -5.80
CA ASP B 203 -6.83 -24.50 -4.60
C ASP B 203 -5.52 -24.10 -3.93
N ARG B 204 -5.58 -23.25 -2.94
CA ARG B 204 -4.39 -22.80 -2.26
C ARG B 204 -3.98 -23.77 -1.14
N LEU B 205 -4.98 -24.57 -0.76
CA LEU B 205 -4.87 -25.58 0.34
C LEU B 205 -3.96 -26.78 0.12
N ALA B 206 -4.22 -27.52 -0.97
CA ALA B 206 -3.45 -28.73 -1.29
C ALA B 206 -1.96 -28.59 -1.34
N PRO B 207 -1.44 -27.57 -1.99
CA PRO B 207 0.02 -27.31 -2.06
C PRO B 207 0.58 -27.00 -0.68
N ARG B 208 -0.24 -26.33 0.12
CA ARG B 208 0.17 -26.03 1.50
C ARG B 208 0.25 -27.30 2.34
N GLN B 209 -0.78 -28.15 2.20
CA GLN B 209 -0.78 -29.43 2.89
C GLN B 209 0.45 -30.26 2.45
N ARG B 210 0.74 -30.25 1.18
CA ARG B 210 1.90 -30.94 0.70
C ARG B 210 3.16 -30.28 1.23
N LEU B 211 3.15 -28.95 1.28
CA LEU B 211 4.37 -28.33 1.74
C LEU B 211 4.65 -28.71 3.19
N LEU B 212 3.61 -28.70 4.00
CA LEU B 212 3.70 -29.01 5.40
C LEU B 212 4.31 -30.39 5.67
N ALA B 213 3.73 -31.34 4.95
CA ALA B 213 4.17 -32.72 5.03
C ALA B 213 5.60 -32.85 4.54
N ALA B 214 5.90 -32.09 3.49
CA ALA B 214 7.27 -32.20 3.06
C ALA B 214 8.29 -31.67 4.00
N LEU B 215 7.96 -30.56 4.63
CA LEU B 215 8.91 -29.93 5.56
C LEU B 215 9.05 -30.82 6.74
N ASP B 216 7.98 -31.42 7.13
CA ASP B 216 8.19 -32.30 8.25
C ASP B 216 9.15 -33.41 7.94
N GLU B 217 9.02 -33.98 6.73
CA GLU B 217 9.98 -35.02 6.33
C GLU B 217 11.39 -34.45 6.20
N VAL B 218 11.47 -33.28 5.63
CA VAL B 218 12.75 -32.70 5.45
C VAL B 218 13.52 -32.53 6.73
N ILE B 219 12.81 -32.26 7.82
CA ILE B 219 13.52 -31.97 9.06
C ILE B 219 13.54 -33.10 10.05
N SER B 220 13.03 -34.23 9.57
CA SER B 220 12.88 -35.43 10.39
C SER B 220 14.17 -35.94 10.98
N GLU B 221 15.26 -35.71 10.30
CA GLU B 221 16.54 -36.18 10.77
C GLU B 221 17.08 -35.28 11.80
N LYS B 222 17.19 -35.82 13.00
CA LYS B 222 17.72 -34.97 14.05
C LYS B 222 19.18 -34.71 13.99
N LEU B 223 19.53 -33.42 13.86
CA LEU B 223 20.89 -33.07 13.80
C LEU B 223 21.26 -32.33 15.02
N ASN B 224 22.56 -32.15 15.23
CA ASN B 224 23.08 -31.41 16.40
C ASN B 224 22.89 -29.89 16.27
N PRO B 225 22.10 -29.38 17.16
CA PRO B 225 21.76 -27.99 17.24
C PRO B 225 22.99 -27.15 17.44
N ALA B 226 24.03 -27.78 17.91
CA ALA B 226 25.20 -27.03 18.06
C ALA B 226 25.81 -26.84 16.68
N HIS B 227 25.34 -27.62 15.72
CA HIS B 227 26.01 -27.42 14.45
C HIS B 227 25.14 -26.90 13.36
N HIS B 228 23.86 -27.04 13.60
CA HIS B 228 22.94 -26.73 12.56
C HIS B 228 21.59 -26.22 13.12
N ILE B 229 20.99 -25.31 12.32
CA ILE B 229 19.69 -24.78 12.63
C ILE B 229 18.81 -24.73 11.35
N ASP B 230 17.53 -25.12 11.48
CA ASP B 230 16.66 -25.04 10.30
C ASP B 230 15.85 -23.76 10.33
N ALA B 231 15.81 -22.97 9.24
CA ALA B 231 14.95 -21.81 9.20
C ALA B 231 14.00 -21.86 7.99
N VAL B 232 12.78 -21.36 8.08
CA VAL B 232 11.84 -21.29 6.96
C VAL B 232 11.51 -19.81 6.62
N GLU B 233 11.52 -19.48 5.32
CA GLU B 233 11.29 -18.11 4.83
C GLU B 233 10.05 -17.85 4.04
N SER B 234 9.12 -17.09 4.62
CA SER B 234 7.92 -16.72 3.88
C SER B 234 8.22 -15.67 2.81
N LYS B 235 7.29 -15.52 1.90
CA LYS B 235 7.38 -14.52 0.84
C LYS B 235 6.00 -14.18 0.34
N LEU B 236 5.79 -12.92 -0.03
CA LEU B 236 4.44 -12.54 -0.40
C LEU B 236 4.13 -12.83 -1.87
N PHE B 237 5.06 -12.46 -2.73
CA PHE B 237 4.80 -12.76 -4.09
C PHE B 237 6.10 -12.62 -4.81
N GLY B 238 6.11 -13.13 -6.02
CA GLY B 238 7.30 -13.02 -6.86
C GLY B 238 6.85 -12.79 -8.33
N ILE B 239 7.78 -12.32 -9.19
CA ILE B 239 7.42 -12.08 -10.60
C ILE B 239 7.01 -13.43 -11.20
N GLY B 240 5.83 -13.49 -11.86
CA GLY B 240 5.39 -14.77 -12.37
C GLY B 240 4.75 -15.62 -11.31
N ALA B 241 4.52 -15.11 -10.13
CA ALA B 241 3.85 -15.93 -9.14
C ALA B 241 3.17 -14.92 -8.23
N GLU B 242 2.64 -13.94 -8.90
CA GLU B 242 2.05 -12.91 -8.16
C GLU B 242 0.89 -13.21 -7.32
N SER B 243 0.04 -14.20 -7.68
CA SER B 243 -1.19 -14.26 -6.97
C SER B 243 -1.24 -15.03 -5.73
N TYR B 244 -0.32 -15.97 -5.65
CA TYR B 244 -0.39 -16.86 -4.50
C TYR B 244 0.95 -17.43 -4.33
N THR B 245 1.32 -17.52 -3.08
CA THR B 245 2.59 -18.14 -2.66
C THR B 245 2.17 -19.17 -1.60
N VAL B 246 2.57 -20.40 -1.86
CA VAL B 246 2.26 -21.52 -0.92
C VAL B 246 2.77 -21.20 0.51
N GLY B 247 4.10 -20.98 0.59
CA GLY B 247 4.81 -20.62 1.83
C GLY B 247 4.64 -19.12 2.17
N SER B 248 3.47 -18.82 2.73
CA SER B 248 3.12 -17.49 3.09
C SER B 248 3.58 -17.18 4.50
N ASN B 249 3.41 -15.94 4.88
CA ASN B 249 3.74 -15.55 6.23
C ASN B 249 3.06 -16.42 7.30
N GLU B 250 1.73 -16.49 7.24
CA GLU B 250 0.99 -17.29 8.21
C GLU B 250 1.36 -18.77 8.14
N PHE B 251 1.60 -19.30 6.93
CA PHE B 251 2.01 -20.71 6.80
C PHE B 251 3.32 -21.01 7.63
N TYR B 252 4.38 -20.21 7.41
CA TYR B 252 5.64 -20.38 8.11
C TYR B 252 5.62 -19.96 9.60
N MET B 253 4.75 -18.98 9.94
CA MET B 253 4.67 -18.59 11.33
C MET B 253 4.11 -19.82 12.05
N GLY B 254 3.05 -20.34 11.42
CA GLY B 254 2.49 -21.54 12.04
C GLY B 254 3.53 -22.71 12.05
N TYR B 255 4.20 -22.90 10.91
CA TYR B 255 5.14 -23.97 10.88
C TYR B 255 6.25 -23.83 11.92
N ALA B 256 6.93 -22.69 11.89
CA ALA B 256 8.04 -22.47 12.83
C ALA B 256 7.60 -22.62 14.28
N THR B 257 6.40 -22.12 14.58
CA THR B 257 5.90 -22.17 15.94
C THR B 257 5.64 -23.61 16.32
N SER B 258 4.99 -24.33 15.37
CA SER B 258 4.60 -25.71 15.62
C SER B 258 5.69 -26.73 15.64
N ARG B 259 6.71 -26.54 14.85
CA ARG B 259 7.83 -27.49 14.75
C ARG B 259 9.09 -26.97 15.42
N GLN B 260 8.92 -25.77 16.02
CA GLN B 260 10.07 -25.17 16.62
C GLN B 260 11.27 -25.02 15.78
N THR B 261 11.08 -24.54 14.56
CA THR B 261 12.25 -24.25 13.78
C THR B 261 12.54 -22.77 13.94
N ALA B 262 13.61 -22.30 13.33
CA ALA B 262 13.80 -20.88 13.38
C ALA B 262 12.91 -20.33 12.23
N LEU B 263 12.57 -19.01 12.37
CA LEU B 263 11.75 -18.29 11.39
C LEU B 263 12.61 -17.25 10.68
N CYS B 264 12.55 -17.23 9.33
CA CYS B 264 13.24 -16.25 8.57
C CYS B 264 12.32 -15.12 8.19
N LEU B 265 12.69 -13.93 8.59
CA LEU B 265 11.94 -12.75 8.19
C LEU B 265 12.77 -11.96 7.24
N ASP B 266 12.28 -11.79 6.03
CA ASP B 266 12.94 -11.03 5.00
C ASP B 266 12.21 -9.65 4.83
N ALA B 267 12.89 -8.52 5.02
CA ALA B 267 12.38 -7.17 4.92
C ALA B 267 11.80 -6.79 3.57
N GLY B 268 12.17 -7.48 2.51
CA GLY B 268 11.59 -7.22 1.20
C GLY B 268 10.39 -8.16 0.87
N HIS B 269 9.98 -9.03 1.80
CA HIS B 269 8.99 -10.03 1.48
C HIS B 269 7.58 -9.88 1.93
N PHE B 270 7.25 -8.62 2.26
CA PHE B 270 5.94 -8.37 2.81
C PHE B 270 5.06 -7.42 2.00
N HIS B 271 3.92 -7.02 2.56
CA HIS B 271 3.01 -6.13 1.88
C HIS B 271 3.59 -4.69 1.98
N PRO B 272 3.03 -3.79 1.15
CA PRO B 272 3.52 -2.41 1.16
C PRO B 272 3.27 -1.89 2.57
N THR B 273 4.29 -1.20 3.09
CA THR B 273 4.33 -0.57 4.42
C THR B 273 4.53 -1.60 5.50
N GLU B 274 4.46 -2.89 5.16
CA GLU B 274 4.65 -3.89 6.22
C GLU B 274 6.10 -3.95 6.64
N VAL B 275 6.37 -4.08 7.97
CA VAL B 275 7.76 -4.11 8.39
C VAL B 275 8.12 -5.25 9.29
N ILE B 276 9.27 -5.85 9.03
CA ILE B 276 9.64 -6.95 9.93
C ILE B 276 10.13 -6.44 11.26
N SER B 277 10.56 -5.19 11.32
CA SER B 277 11.04 -4.78 12.62
C SER B 277 9.97 -4.98 13.72
N ASP B 278 8.72 -4.85 13.35
CA ASP B 278 7.67 -5.01 14.32
C ASP B 278 7.49 -6.45 14.67
N LYS B 279 7.76 -7.28 13.67
CA LYS B 279 7.56 -8.72 13.88
C LYS B 279 8.52 -9.43 14.84
N ILE B 280 9.73 -8.94 14.94
CA ILE B 280 10.70 -9.57 15.73
C ILE B 280 10.21 -9.91 17.16
N SER B 281 9.77 -8.91 17.87
CA SER B 281 9.37 -9.14 19.23
C SER B 281 8.20 -10.05 19.32
N ALA B 282 7.39 -10.07 18.30
CA ALA B 282 6.22 -10.94 18.37
C ALA B 282 6.63 -12.41 18.19
N ALA B 283 7.38 -12.61 17.11
CA ALA B 283 7.79 -13.96 16.76
C ALA B 283 8.63 -14.63 17.84
N MET B 284 9.51 -13.83 18.42
CA MET B 284 10.42 -14.36 19.41
C MET B 284 9.73 -15.00 20.56
N LEU B 285 8.50 -14.65 20.70
CA LEU B 285 7.80 -15.25 21.79
C LEU B 285 7.37 -16.66 21.45
N TYR B 286 7.52 -17.10 20.18
CA TYR B 286 7.02 -18.37 19.82
C TYR B 286 7.98 -19.29 19.18
N VAL B 287 8.94 -18.74 18.54
CA VAL B 287 9.86 -19.51 17.82
C VAL B 287 11.19 -19.38 18.47
N PRO B 288 12.01 -20.42 18.40
CA PRO B 288 13.28 -20.38 19.10
C PRO B 288 14.29 -19.36 18.62
N GLN B 289 14.34 -19.20 17.32
CA GLN B 289 15.34 -18.35 16.77
C GLN B 289 14.84 -17.67 15.53
N LEU B 290 15.55 -16.56 15.23
CA LEU B 290 15.21 -15.77 14.09
C LEU B 290 16.37 -15.63 13.16
N LEU B 291 15.94 -15.78 11.91
CA LEU B 291 16.84 -15.54 10.84
C LEU B 291 16.35 -14.21 10.21
N LEU B 292 17.20 -13.18 10.18
CA LEU B 292 16.69 -11.91 9.65
C LEU B 292 17.39 -11.49 8.38
N HIS B 293 16.61 -11.39 7.28
CA HIS B 293 17.13 -10.96 6.00
C HIS B 293 16.92 -9.48 5.78
N VAL B 294 18.01 -8.77 5.72
CA VAL B 294 17.93 -7.34 5.49
C VAL B 294 17.99 -7.09 3.98
N SER B 295 17.04 -6.37 3.40
CA SER B 295 16.97 -6.17 1.95
C SER B 295 16.13 -4.94 1.65
N ARG B 296 16.36 -4.25 0.52
CA ARG B 296 15.46 -3.11 0.29
C ARG B 296 14.59 -3.35 -0.91
N PRO B 297 13.29 -3.47 -0.67
CA PRO B 297 12.34 -3.69 -1.74
C PRO B 297 11.89 -2.32 -2.23
N VAL B 298 12.07 -2.11 -3.51
CA VAL B 298 11.63 -0.84 -4.07
C VAL B 298 10.45 -1.13 -4.94
N ARG B 299 9.26 -0.96 -4.40
CA ARG B 299 7.96 -1.20 -5.04
C ARG B 299 7.54 -2.64 -5.33
N TRP B 300 8.45 -3.56 -5.01
CA TRP B 300 8.30 -5.02 -5.14
C TRP B 300 9.49 -5.67 -4.45
N ASP B 301 9.52 -7.04 -4.45
CA ASP B 301 10.64 -7.74 -3.85
C ASP B 301 11.83 -7.49 -4.75
N SER B 302 12.16 -6.20 -4.84
CA SER B 302 13.27 -5.76 -5.70
C SER B 302 14.69 -6.09 -5.31
N ASP B 303 14.96 -6.48 -4.07
CA ASP B 303 16.33 -6.81 -3.74
C ASP B 303 17.41 -5.76 -3.95
N HIS B 304 17.11 -4.51 -3.67
CA HIS B 304 18.11 -3.44 -3.75
C HIS B 304 19.02 -3.51 -2.50
N VAL B 305 20.23 -2.95 -2.61
CA VAL B 305 21.18 -2.88 -1.52
C VAL B 305 20.57 -2.10 -0.33
N VAL B 306 20.84 -2.63 0.82
CA VAL B 306 20.44 -2.13 2.11
C VAL B 306 21.06 -0.75 2.40
N LEU B 307 20.17 0.20 2.73
CA LEU B 307 20.64 1.55 3.08
C LEU B 307 20.47 1.76 4.57
N LEU B 308 21.25 2.74 5.06
CA LEU B 308 21.09 3.11 6.42
C LEU B 308 19.84 4.00 6.34
N ASP B 309 18.72 3.33 6.52
CA ASP B 309 17.39 3.93 6.42
C ASP B 309 16.52 3.64 7.62
N ASP B 310 15.31 4.16 7.58
CA ASP B 310 14.36 4.01 8.68
C ASP B 310 14.18 2.59 9.14
N GLU B 311 13.86 1.67 8.18
CA GLU B 311 13.60 0.28 8.50
C GLU B 311 14.85 -0.51 8.81
N THR B 312 15.94 -0.18 8.15
CA THR B 312 17.15 -0.94 8.51
C THR B 312 17.45 -0.62 10.01
N GLN B 313 17.37 0.62 10.35
CA GLN B 313 17.63 1.05 11.69
C GLN B 313 16.61 0.47 12.69
N ALA B 314 15.31 0.43 12.33
CA ALA B 314 14.29 -0.14 13.21
C ALA B 314 14.61 -1.62 13.49
N ILE B 315 15.06 -2.33 12.42
CA ILE B 315 15.42 -3.73 12.64
C ILE B 315 16.60 -3.84 13.64
N ALA B 316 17.64 -3.08 13.42
CA ALA B 316 18.79 -3.13 14.34
C ALA B 316 18.40 -2.88 15.79
N SER B 317 17.60 -1.84 15.97
CA SER B 317 17.11 -1.38 17.27
C SER B 317 16.35 -2.45 17.97
N GLU B 318 15.54 -3.12 17.20
CA GLU B 318 14.82 -4.15 17.85
C GLU B 318 15.74 -5.26 18.37
N ILE B 319 16.69 -5.70 17.56
CA ILE B 319 17.59 -6.76 17.93
C ILE B 319 18.33 -6.45 19.19
N VAL B 320 18.89 -5.28 19.12
CA VAL B 320 19.69 -4.78 20.22
C VAL B 320 18.84 -4.49 21.46
N ARG B 321 17.70 -3.80 21.35
CA ARG B 321 16.84 -3.51 22.50
C ARG B 321 16.48 -4.75 23.31
N HIS B 322 16.34 -5.84 22.57
CA HIS B 322 15.91 -7.10 23.13
C HIS B 322 17.04 -8.03 23.39
N ASP B 323 18.21 -7.54 23.20
CA ASP B 323 19.31 -8.36 23.51
C ASP B 323 19.33 -9.69 22.83
N LEU B 324 18.89 -9.63 21.63
CA LEU B 324 18.78 -10.82 20.85
C LEU B 324 20.07 -11.33 20.31
N PHE B 325 21.20 -11.09 20.97
CA PHE B 325 22.50 -11.58 20.46
C PHE B 325 22.55 -13.09 20.14
N ASP B 326 21.89 -13.88 20.97
CA ASP B 326 21.97 -15.26 20.67
C ASP B 326 20.96 -15.88 19.70
N ARG B 327 19.72 -15.52 19.87
CA ARG B 327 18.64 -16.01 19.07
C ARG B 327 18.43 -15.46 17.67
N VAL B 328 19.13 -14.43 17.24
CA VAL B 328 18.89 -13.86 15.94
C VAL B 328 20.08 -14.02 15.10
N HIS B 329 19.87 -14.27 13.82
CA HIS B 329 21.01 -14.38 12.93
C HIS B 329 20.72 -13.39 11.88
N ILE B 330 21.69 -12.50 11.72
CA ILE B 330 21.59 -11.40 10.81
C ILE B 330 22.24 -11.65 9.47
N GLY B 331 21.43 -11.57 8.42
CA GLY B 331 21.96 -11.75 7.10
C GLY B 331 21.38 -10.78 6.09
N LEU B 332 22.10 -10.67 4.95
CA LEU B 332 21.77 -9.87 3.78
C LEU B 332 21.07 -10.73 2.76
N ASP B 333 20.02 -10.18 2.23
CA ASP B 333 19.27 -10.83 1.15
C ASP B 333 18.93 -9.77 0.07
N PHE B 334 19.80 -9.52 -0.89
CA PHE B 334 19.55 -8.55 -1.93
C PHE B 334 20.50 -8.87 -3.05
N PHE B 335 20.14 -8.41 -4.22
CA PHE B 335 20.98 -8.63 -5.37
C PHE B 335 20.77 -7.54 -6.37
N ASP B 336 21.76 -6.67 -6.49
CA ASP B 336 21.78 -5.59 -7.44
C ASP B 336 22.94 -5.82 -8.41
N ALA B 337 22.63 -6.05 -9.67
CA ALA B 337 23.66 -6.31 -10.69
C ALA B 337 23.84 -5.13 -11.62
N SER B 338 23.37 -3.98 -11.18
CA SER B 338 23.46 -2.72 -11.95
C SER B 338 24.66 -1.91 -11.51
N ILE B 339 25.38 -2.35 -10.48
CA ILE B 339 26.56 -1.60 -10.03
C ILE B 339 27.62 -2.61 -9.64
N ASN B 340 28.80 -2.15 -9.29
CA ASN B 340 29.85 -3.03 -8.87
C ASN B 340 29.40 -3.82 -7.70
N ARG B 341 29.47 -5.13 -7.90
CA ARG B 341 29.01 -6.12 -6.94
C ARG B 341 29.75 -6.13 -5.65
N ILE B 342 31.01 -5.78 -5.65
CA ILE B 342 31.78 -5.70 -4.40
C ILE B 342 31.21 -4.52 -3.59
N ALA B 343 31.03 -3.40 -4.28
CA ALA B 343 30.51 -2.25 -3.63
C ALA B 343 29.15 -2.52 -3.12
N ALA B 344 28.36 -3.31 -3.87
CA ALA B 344 27.04 -3.62 -3.35
C ALA B 344 27.14 -4.25 -1.98
N TRP B 345 28.05 -5.22 -1.88
CA TRP B 345 28.23 -5.90 -0.58
C TRP B 345 28.77 -4.97 0.51
N VAL B 346 29.71 -4.20 0.07
CA VAL B 346 30.33 -3.23 0.98
C VAL B 346 29.33 -2.25 1.52
N ILE B 347 28.55 -1.63 0.65
CA ILE B 347 27.58 -0.67 1.11
C ILE B 347 26.60 -1.30 2.07
N GLY B 348 25.97 -2.39 1.61
CA GLY B 348 24.93 -3.03 2.42
C GLY B 348 25.45 -3.50 3.77
N THR B 349 26.65 -4.07 3.79
CA THR B 349 27.13 -4.62 5.06
C THR B 349 27.43 -3.56 6.07
N ARG B 350 28.21 -2.58 5.59
CA ARG B 350 28.54 -1.49 6.48
C ARG B 350 27.24 -0.81 7.02
N ASN B 351 26.26 -0.59 6.13
CA ASN B 351 25.02 0.01 6.52
C ASN B 351 24.41 -0.79 7.57
N MET B 352 24.40 -2.12 7.44
CA MET B 352 23.80 -2.90 8.52
C MET B 352 24.54 -2.75 9.87
N LYS B 353 25.84 -2.77 9.81
CA LYS B 353 26.67 -2.55 10.97
C LYS B 353 26.50 -1.14 11.55
N LYS B 354 26.42 -0.13 10.67
CA LYS B 354 26.14 1.21 11.15
C LYS B 354 24.85 1.23 11.93
N ALA B 355 23.79 0.62 11.41
CA ALA B 355 22.53 0.66 12.14
C ALA B 355 22.64 -0.04 13.51
N LEU B 356 23.31 -1.16 13.55
CA LEU B 356 23.48 -1.88 14.77
C LEU B 356 24.31 -1.05 15.70
N LEU B 357 25.35 -0.44 15.19
CA LEU B 357 26.06 0.36 16.13
C LEU B 357 25.22 1.50 16.75
N ARG B 358 24.34 2.10 15.96
CA ARG B 358 23.60 3.19 16.49
C ARG B 358 22.66 2.71 17.51
N ALA B 359 22.17 1.46 17.28
CA ALA B 359 21.29 0.90 18.28
C ALA B 359 22.00 0.67 19.61
N LEU B 360 23.23 0.23 19.47
CA LEU B 360 24.05 -0.01 20.63
C LEU B 360 24.35 1.27 21.37
N LEU B 361 24.33 2.38 20.67
CA LEU B 361 24.58 3.63 21.33
C LEU B 361 23.28 4.30 21.90
N GLU B 362 22.16 3.60 21.82
CA GLU B 362 20.97 4.19 22.32
C GLU B 362 20.86 3.97 23.84
N PRO B 363 20.38 4.98 24.50
CA PRO B 363 20.16 4.94 25.97
C PRO B 363 18.80 4.30 26.24
N THR B 364 18.73 3.01 25.85
CA THR B 364 17.50 2.25 25.96
C THR B 364 16.79 2.23 27.29
N ALA B 365 17.54 1.96 28.33
CA ALA B 365 16.95 1.89 29.65
C ALA B 365 16.25 3.20 30.02
N GLU B 366 16.94 4.30 29.79
CA GLU B 366 16.32 5.55 30.13
C GLU B 366 15.02 5.72 29.34
N LEU B 367 15.12 5.45 28.06
CA LEU B 367 14.01 5.58 27.13
C LEU B 367 12.94 4.66 27.52
N ARG B 368 13.31 3.45 27.87
CA ARG B 368 12.33 2.44 28.28
C ARG B 368 11.55 2.90 29.49
N LYS B 369 12.30 3.46 30.41
CA LYS B 369 11.85 4.02 31.63
C LYS B 369 10.95 5.22 31.26
N LEU B 370 11.34 6.13 30.40
CA LEU B 370 10.40 7.19 30.06
C LEU B 370 9.06 6.67 29.55
N GLU B 371 9.20 5.75 28.65
CA GLU B 371 7.99 5.15 28.05
C GLU B 371 7.01 4.51 29.06
N ALA B 372 7.58 3.70 29.97
CA ALA B 372 6.83 3.04 31.00
C ALA B 372 6.02 4.02 31.95
N PRO B 373 6.41 5.29 32.02
CA PRO B 373 5.81 6.27 32.84
C PRO B 373 4.93 7.10 32.06
N GLY B 374 4.81 6.79 30.78
CA GLY B 374 3.93 7.59 30.00
C GLY B 374 4.50 8.89 29.52
N ASP B 375 5.85 9.09 29.68
CA ASP B 375 6.47 10.35 29.24
C ASP B 375 6.79 10.27 27.75
N TYR B 376 5.72 10.31 27.00
CA TYR B 376 5.78 10.21 25.51
C TYR B 376 6.44 11.39 24.85
N THR B 377 6.36 12.52 25.54
CA THR B 377 6.94 13.73 25.06
C THR B 377 8.45 13.61 25.06
N ALA B 378 8.90 13.16 26.19
CA ALA B 378 10.31 13.03 26.39
C ALA B 378 10.80 11.89 25.57
N ARG B 379 9.98 10.81 25.47
CA ARG B 379 10.51 9.67 24.63
C ARG B 379 10.82 10.09 23.18
N LEU B 380 9.80 10.73 22.59
CA LEU B 380 9.95 11.22 21.23
C LEU B 380 11.08 12.23 21.07
N ALA B 381 11.07 13.17 22.01
CA ALA B 381 12.11 14.15 21.94
C ALA B 381 13.50 13.50 21.92
N LEU B 382 13.74 12.61 22.88
CA LEU B 382 15.03 11.97 22.97
C LEU B 382 15.33 11.04 21.85
N LEU B 383 14.32 10.26 21.50
CA LEU B 383 14.60 9.33 20.41
C LEU B 383 15.16 10.16 19.24
N GLU B 384 14.48 11.25 18.92
CA GLU B 384 14.87 12.16 17.85
C GLU B 384 16.17 12.86 18.17
N GLU B 385 16.44 13.16 19.42
CA GLU B 385 17.75 13.85 19.60
C GLU B 385 18.88 12.95 19.43
N GLN B 386 18.59 11.69 19.59
CA GLN B 386 19.59 10.67 19.49
C GLN B 386 20.22 10.74 18.11
N LYS B 387 19.43 11.11 17.07
CA LYS B 387 19.93 11.25 15.70
C LYS B 387 21.00 12.32 15.51
N SER B 388 21.07 13.33 16.41
CA SER B 388 22.13 14.36 16.23
C SER B 388 23.35 14.22 17.13
N LEU B 389 23.43 13.01 17.78
CA LEU B 389 24.56 12.66 18.63
C LEU B 389 25.67 12.12 17.73
N PRO B 390 26.94 12.24 18.12
CA PRO B 390 28.04 11.95 17.26
C PRO B 390 28.41 10.50 17.03
N TRP B 391 27.40 9.72 16.61
CA TRP B 391 27.67 8.29 16.36
C TRP B 391 28.68 8.03 15.29
N GLN B 392 28.79 8.96 14.35
CA GLN B 392 29.73 8.84 13.24
C GLN B 392 31.16 8.63 13.71
N ALA B 393 31.58 9.42 14.68
CA ALA B 393 32.94 9.27 15.19
C ALA B 393 33.15 7.88 15.77
N VAL B 394 32.11 7.32 16.33
CA VAL B 394 32.23 6.04 16.96
C VAL B 394 32.41 5.07 15.84
N TRP B 395 31.58 5.23 14.83
CA TRP B 395 31.64 4.28 13.72
C TRP B 395 32.97 4.29 13.05
N GLU B 396 33.43 5.52 12.86
CA GLU B 396 34.70 5.67 12.22
C GLU B 396 35.80 5.06 13.04
N MET B 397 35.75 5.14 14.39
CA MET B 397 36.79 4.50 15.23
C MET B 397 36.75 3.00 15.02
N TYR B 398 35.53 2.46 14.99
CA TYR B 398 35.30 1.05 14.76
C TYR B 398 35.96 0.59 13.47
N CYS B 399 35.84 1.40 12.43
CA CYS B 399 36.43 1.06 11.15
C CYS B 399 37.93 0.99 11.24
N GLN B 400 38.48 2.02 11.87
CA GLN B 400 39.92 2.15 12.09
C GLN B 400 40.45 1.00 12.92
N ARG B 401 39.80 0.67 13.99
CA ARG B 401 40.28 -0.43 14.77
C ARG B 401 40.26 -1.73 13.97
N HIS B 402 39.49 -1.74 12.91
CA HIS B 402 39.39 -2.99 12.18
C HIS B 402 40.11 -2.87 10.88
N ASP B 403 40.99 -1.88 10.84
CA ASP B 403 41.80 -1.67 9.64
C ASP B 403 41.00 -1.49 8.39
N THR B 404 39.90 -0.79 8.55
CA THR B 404 38.99 -0.57 7.44
C THR B 404 38.86 0.91 7.26
N PRO B 405 38.69 1.37 6.01
CA PRO B 405 38.48 2.80 5.73
C PRO B 405 37.26 3.32 6.46
N ALA B 406 37.42 4.53 6.94
CA ALA B 406 36.39 5.14 7.71
C ALA B 406 35.33 5.76 6.87
N GLY B 407 35.78 6.11 5.72
CA GLY B 407 34.96 6.79 4.78
C GLY B 407 34.92 6.16 3.39
N SER B 408 34.53 7.05 2.51
CA SER B 408 34.37 6.87 1.10
C SER B 408 35.63 6.42 0.35
N GLU B 409 36.78 6.53 0.96
CA GLU B 409 38.02 6.07 0.39
C GLU B 409 37.89 4.60 0.03
N TRP B 410 37.07 3.86 0.72
CA TRP B 410 36.98 2.46 0.30
C TRP B 410 36.65 2.30 -1.20
N LEU B 411 35.98 3.26 -1.76
CA LEU B 411 35.64 3.15 -3.15
C LEU B 411 36.89 3.07 -4.00
N GLU B 412 37.93 3.71 -3.60
CA GLU B 412 39.12 3.64 -4.40
C GLU B 412 39.69 2.27 -4.51
N SER B 413 39.53 1.53 -3.45
CA SER B 413 40.01 0.16 -3.43
C SER B 413 39.15 -0.62 -4.36
N VAL B 414 37.87 -0.39 -4.25
CA VAL B 414 37.06 -1.14 -5.17
C VAL B 414 37.37 -0.74 -6.63
N ARG B 415 37.62 0.56 -6.86
CA ARG B 415 37.83 0.94 -8.19
C ARG B 415 39.06 0.33 -8.73
N ALA B 416 40.04 0.27 -7.86
CA ALA B 416 41.31 -0.31 -8.23
C ALA B 416 41.22 -1.79 -8.56
N TYR B 417 40.43 -2.48 -7.78
CA TYR B 417 40.30 -3.92 -8.04
C TYR B 417 39.59 -4.13 -9.35
N GLU B 418 38.73 -3.16 -9.60
CA GLU B 418 37.95 -3.24 -10.79
C GLU B 418 38.85 -3.18 -12.01
N LYS B 419 39.69 -2.18 -11.99
CA LYS B 419 40.66 -1.95 -13.08
C LYS B 419 41.61 -3.13 -13.24
N GLU B 420 42.12 -3.64 -12.14
CA GLU B 420 43.07 -4.66 -12.30
C GLU B 420 42.48 -6.00 -12.57
N ILE B 421 41.37 -6.29 -11.97
CA ILE B 421 40.87 -7.60 -12.12
C ILE B 421 39.53 -7.74 -12.78
N LEU B 422 38.60 -6.93 -12.31
CA LEU B 422 37.29 -7.08 -12.82
C LEU B 422 37.27 -6.76 -14.31
N SER B 423 38.11 -5.80 -14.68
CA SER B 423 38.16 -5.37 -16.07
C SER B 423 38.52 -6.51 -17.04
N ARG B 424 39.13 -7.57 -16.55
CA ARG B 424 39.56 -8.65 -17.41
C ARG B 424 38.64 -9.84 -17.46
N ARG B 425 37.45 -9.75 -16.85
CA ARG B 425 36.45 -10.83 -16.78
C ARG B 425 35.39 -10.85 -17.90
N THR C 10 32.75 24.83 23.80
CA THR C 10 34.14 24.46 23.46
C THR C 10 34.13 23.10 22.81
N GLN C 11 33.51 22.16 23.49
CA GLN C 11 33.36 20.84 22.91
C GLN C 11 32.71 20.95 21.54
N LEU C 12 31.65 21.79 21.57
CA LEU C 12 30.90 22.12 20.34
C LEU C 12 31.88 22.78 19.36
N GLU C 13 32.61 23.69 19.92
CA GLU C 13 33.55 24.41 19.11
C GLU C 13 34.52 23.46 18.44
N GLN C 14 35.02 22.57 19.28
CA GLN C 14 35.98 21.62 18.78
C GLN C 14 35.42 20.71 17.67
N ALA C 15 34.25 20.15 18.02
CA ALA C 15 33.56 19.27 17.11
C ALA C 15 33.32 20.03 15.85
N TRP C 16 32.94 21.31 16.00
CA TRP C 16 32.68 22.13 14.81
C TRP C 16 33.94 22.25 13.95
N GLU C 17 35.05 22.47 14.59
CA GLU C 17 36.23 22.67 13.83
C GLU C 17 36.60 21.48 13.02
N LEU C 18 36.44 20.33 13.71
CA LEU C 18 36.73 19.07 13.05
C LEU C 18 35.86 18.88 11.81
N ALA C 19 34.55 19.11 12.07
CA ALA C 19 33.53 19.02 11.04
C ALA C 19 33.90 19.92 9.91
N LYS C 20 34.21 21.20 10.27
CA LYS C 20 34.55 22.14 9.28
C LYS C 20 35.60 21.58 8.31
N GLN C 21 36.59 20.97 8.92
CA GLN C 21 37.65 20.40 8.10
C GLN C 21 37.22 19.20 7.29
N ARG C 22 36.43 18.32 7.93
CA ARG C 22 35.98 17.13 7.22
C ARG C 22 35.22 17.50 5.97
N PHE C 23 34.24 18.35 6.16
CA PHE C 23 33.43 18.73 5.05
C PHE C 23 34.26 19.44 4.03
N ALA C 24 35.18 20.29 4.50
CA ALA C 24 35.96 21.04 3.53
C ALA C 24 36.62 20.10 2.58
N ALA C 25 37.09 19.01 3.16
CA ALA C 25 37.77 18.01 2.37
C ALA C 25 36.99 17.31 1.26
N VAL C 26 35.69 17.45 1.24
CA VAL C 26 34.85 16.86 0.24
C VAL C 26 34.18 17.96 -0.53
N GLY C 27 34.75 19.15 -0.36
CA GLY C 27 34.26 20.29 -1.08
C GLY C 27 33.04 20.93 -0.55
N ILE C 28 32.86 20.76 0.77
CA ILE C 28 31.69 21.38 1.38
C ILE C 28 32.07 22.41 2.39
N ASP C 29 31.43 23.58 2.25
CA ASP C 29 31.64 24.73 3.15
C ASP C 29 30.55 24.84 4.19
N VAL C 30 30.87 24.40 5.40
CA VAL C 30 29.91 24.48 6.44
C VAL C 30 29.39 25.90 6.74
N GLU C 31 30.23 26.91 6.57
CA GLU C 31 29.81 28.24 6.85
C GLU C 31 28.74 28.57 5.86
N GLU C 32 29.01 28.26 4.59
CA GLU C 32 28.02 28.59 3.57
C GLU C 32 26.72 27.85 3.78
N ALA C 33 26.88 26.59 4.18
CA ALA C 33 25.64 25.88 4.45
C ALA C 33 24.81 26.60 5.54
N LEU C 34 25.48 27.08 6.61
CA LEU C 34 24.77 27.78 7.69
C LEU C 34 23.99 28.98 7.19
N ARG C 35 24.65 29.72 6.30
CA ARG C 35 24.05 30.89 5.71
C ARG C 35 22.89 30.48 4.87
N GLN C 36 23.09 29.42 4.10
CA GLN C 36 21.98 28.97 3.28
C GLN C 36 20.77 28.60 4.10
N LEU C 37 21.04 27.94 5.18
CA LEU C 37 19.96 27.50 6.06
C LEU C 37 19.15 28.69 6.57
N ASP C 38 19.81 29.79 6.76
CA ASP C 38 19.11 30.97 7.20
C ASP C 38 18.20 31.52 6.14
N ARG C 39 18.36 31.05 4.92
CA ARG C 39 17.43 31.48 3.91
C ARG C 39 16.20 30.59 3.79
N LEU C 40 15.96 29.69 4.73
CA LEU C 40 14.82 28.77 4.56
C LEU C 40 13.91 28.66 5.77
N PRO C 41 12.96 29.56 5.86
CA PRO C 41 12.10 29.59 6.96
C PRO C 41 11.20 28.42 6.94
N VAL C 42 10.71 28.11 8.09
CA VAL C 42 9.74 27.04 8.17
C VAL C 42 8.46 27.68 8.76
N SER C 43 7.33 27.55 8.06
CA SER C 43 6.08 28.15 8.54
C SER C 43 5.45 27.25 9.56
N MET C 44 5.43 27.70 10.84
CA MET C 44 4.83 26.88 11.83
C MET C 44 3.34 26.98 11.82
N HIS C 45 2.63 25.89 11.98
CA HIS C 45 1.18 25.88 11.95
C HIS C 45 0.65 26.20 13.34
N CYS C 46 -0.16 27.23 13.42
CA CYS C 46 -0.66 27.62 14.75
C CYS C 46 -1.56 26.63 15.47
N TRP C 47 -2.30 25.91 14.69
CA TRP C 47 -3.31 25.04 15.17
C TRP C 47 -2.85 23.93 16.05
N GLN C 48 -1.55 23.62 16.03
CA GLN C 48 -0.97 22.59 16.88
C GLN C 48 -1.07 23.05 18.38
N GLY C 49 -1.21 24.36 18.59
CA GLY C 49 -1.28 24.85 19.97
C GLY C 49 -2.59 24.71 20.67
N ASP C 50 -3.74 24.66 19.98
CA ASP C 50 -4.97 24.55 20.76
C ASP C 50 -5.85 23.50 20.17
N ASP C 51 -5.24 22.54 19.57
CA ASP C 51 -6.01 21.49 18.93
C ASP C 51 -7.02 21.99 17.93
N VAL C 52 -6.57 22.82 16.95
CA VAL C 52 -7.43 23.30 15.89
C VAL C 52 -8.73 23.81 16.46
N SER C 53 -8.70 24.27 17.69
CA SER C 53 -9.95 24.81 18.24
C SER C 53 -10.29 26.16 17.71
N GLY C 54 -9.29 27.04 17.61
CA GLY C 54 -9.57 28.35 17.08
C GLY C 54 -10.25 29.18 18.13
N PHE C 55 -10.58 30.40 17.77
CA PHE C 55 -11.14 31.29 18.75
C PHE C 55 -12.58 31.69 18.44
N GLU C 56 -13.20 31.11 17.40
CA GLU C 56 -14.60 31.46 17.06
C GLU C 56 -15.52 30.90 18.13
N ASN C 57 -15.36 29.58 18.25
CA ASN C 57 -16.02 28.64 19.13
C ASN C 57 -15.03 27.50 19.44
N PRO C 58 -13.97 27.82 20.19
CA PRO C 58 -12.98 26.82 20.56
C PRO C 58 -13.54 25.40 20.85
N GLU C 59 -14.23 25.20 21.96
CA GLU C 59 -14.75 23.87 22.24
C GLU C 59 -15.99 23.64 21.38
N GLY C 60 -15.82 22.91 20.28
CA GLY C 60 -16.94 22.67 19.39
C GLY C 60 -16.58 21.80 18.21
N SER C 61 -16.15 20.59 18.54
CA SER C 61 -15.77 19.50 17.66
C SER C 61 -14.92 19.77 16.40
N LEU C 62 -13.72 19.16 16.36
CA LEU C 62 -12.85 19.29 15.21
C LEU C 62 -13.43 18.41 14.08
N THR C 63 -13.86 19.03 12.99
CA THR C 63 -14.42 18.22 11.92
C THR C 63 -13.62 18.34 10.62
N GLY C 64 -14.13 17.65 9.62
CA GLY C 64 -13.48 17.71 8.32
C GLY C 64 -12.77 16.43 7.94
N GLY C 65 -12.85 15.40 8.80
CA GLY C 65 -12.17 14.15 8.48
C GLY C 65 -10.73 14.14 8.98
N ILE C 66 -10.47 15.20 9.76
CA ILE C 66 -9.23 15.55 10.48
C ILE C 66 -9.48 15.29 11.97
N GLN C 67 -8.49 14.70 12.68
CA GLN C 67 -8.71 14.40 14.10
C GLN C 67 -7.59 14.73 15.02
N ALA C 68 -8.03 14.95 16.23
CA ALA C 68 -7.12 15.25 17.31
C ALA C 68 -7.10 14.13 18.34
N THR C 69 -5.98 13.40 18.38
CA THR C 69 -5.74 12.30 19.32
C THR C 69 -4.70 12.64 20.40
N GLY C 70 -5.01 12.31 21.66
CA GLY C 70 -4.15 12.53 22.80
C GLY C 70 -4.77 13.14 24.07
N ASN C 71 -5.48 14.29 23.96
CA ASN C 71 -6.01 14.91 25.14
C ASN C 71 -4.95 15.23 26.23
N TYR C 72 -3.75 15.45 25.81
CA TYR C 72 -2.72 15.85 26.77
C TYR C 72 -3.09 17.23 27.35
N PRO C 73 -2.71 17.56 28.54
CA PRO C 73 -3.08 18.87 29.07
C PRO C 73 -2.21 20.08 28.68
N GLY C 74 -2.82 21.21 28.94
CA GLY C 74 -2.21 22.52 28.80
C GLY C 74 -2.49 23.18 27.47
N LYS C 75 -3.50 22.74 26.74
CA LYS C 75 -3.64 23.45 25.47
C LYS C 75 -3.94 24.94 25.67
N ALA C 76 -3.46 25.75 24.70
CA ALA C 76 -3.72 27.19 24.71
C ALA C 76 -5.25 27.39 24.59
N ARG C 77 -5.76 28.39 25.23
CA ARG C 77 -7.19 28.67 25.22
C ARG C 77 -7.62 29.96 24.57
N ASN C 78 -6.66 30.77 24.14
CA ASN C 78 -6.92 32.01 23.45
C ASN C 78 -5.64 32.47 22.74
N ALA C 79 -5.71 33.61 22.01
CA ALA C 79 -4.61 34.13 21.29
C ALA C 79 -3.46 34.46 22.17
N SER C 80 -3.82 34.87 23.36
CA SER C 80 -2.73 35.19 24.31
C SER C 80 -1.91 33.99 24.65
N GLU C 81 -2.62 32.95 25.11
CA GLU C 81 -1.90 31.72 25.46
C GLU C 81 -1.18 31.14 24.23
N LEU C 82 -1.89 31.15 23.10
CA LEU C 82 -1.27 30.64 21.88
C LEU C 82 0.05 31.33 21.55
N ARG C 83 0.04 32.68 21.61
CA ARG C 83 1.25 33.42 21.32
C ARG C 83 2.33 33.12 22.30
N ALA C 84 1.96 33.04 23.56
CA ALA C 84 2.97 32.71 24.56
C ALA C 84 3.61 31.34 24.24
N ASP C 85 2.70 30.40 23.90
CA ASP C 85 3.20 29.11 23.65
C ASP C 85 4.07 29.14 22.45
N LEU C 86 3.63 29.84 21.43
CA LEU C 86 4.45 29.92 20.26
C LEU C 86 5.85 30.50 20.58
N GLU C 87 5.90 31.58 21.37
CA GLU C 87 7.19 32.15 21.65
C GLU C 87 8.14 31.15 22.31
N GLN C 88 7.60 30.44 23.28
CA GLN C 88 8.41 29.44 23.97
C GLN C 88 8.97 28.51 22.94
N ALA C 89 8.09 28.03 22.08
CA ALA C 89 8.55 27.08 21.07
C ALA C 89 9.71 27.65 20.25
N MET C 90 9.47 28.87 19.80
CA MET C 90 10.36 29.66 18.94
C MET C 90 11.69 29.91 19.51
N ARG C 91 11.75 30.12 20.80
CA ARG C 91 13.04 30.29 21.39
C ARG C 91 13.88 29.00 21.41
N LEU C 92 13.20 27.89 21.10
CA LEU C 92 13.91 26.60 21.07
C LEU C 92 14.22 26.09 19.65
N ILE C 93 13.89 26.87 18.62
CA ILE C 93 14.06 26.52 17.25
C ILE C 93 14.91 27.56 16.58
N PRO C 94 16.04 27.14 16.12
CA PRO C 94 16.95 28.05 15.45
C PRO C 94 16.59 28.59 14.05
N GLY C 95 16.89 29.86 13.80
CA GLY C 95 16.67 30.32 12.48
C GLY C 95 15.26 30.72 12.15
N PRO C 96 15.09 31.10 10.88
CA PRO C 96 13.85 31.63 10.35
C PRO C 96 12.61 30.73 10.49
N LYS C 97 11.55 31.42 10.88
CA LYS C 97 10.23 30.84 11.01
C LYS C 97 9.16 31.82 10.52
N ARG C 98 7.99 31.26 10.28
CA ARG C 98 6.78 31.95 9.93
C ARG C 98 5.67 31.35 10.70
N LEU C 99 4.59 32.11 10.81
CA LEU C 99 3.39 31.62 11.45
C LEU C 99 2.30 31.41 10.42
N ASN C 100 1.71 30.22 10.46
CA ASN C 100 0.64 29.91 9.51
C ASN C 100 -0.69 29.95 10.19
N LEU C 101 -1.51 30.96 9.88
CA LEU C 101 -2.78 31.06 10.57
C LEU C 101 -4.01 30.61 9.86
N HIS C 102 -4.93 30.14 10.71
CA HIS C 102 -6.23 29.77 10.21
C HIS C 102 -7.29 30.87 10.46
N ALA C 103 -8.24 31.01 9.56
CA ALA C 103 -9.25 32.04 9.76
C ALA C 103 -9.89 32.05 11.16
N ILE C 104 -10.06 30.87 11.74
CA ILE C 104 -10.74 30.75 13.01
C ILE C 104 -9.91 31.24 14.21
N TYR C 105 -8.74 31.77 13.91
CA TYR C 105 -7.87 32.26 14.94
C TYR C 105 -7.95 33.78 15.01
N LEU C 106 -8.97 34.32 14.34
CA LEU C 106 -9.20 35.75 14.33
C LEU C 106 -9.42 36.20 15.74
N GLU C 107 -9.24 37.47 15.98
CA GLU C 107 -9.44 38.06 17.31
C GLU C 107 -10.42 39.21 17.14
N SER C 108 -11.61 39.02 17.74
CA SER C 108 -12.71 39.98 17.66
C SER C 108 -13.57 39.83 18.89
N ASP C 109 -14.01 40.98 19.41
CA ASP C 109 -14.88 41.03 20.58
C ASP C 109 -16.20 40.32 20.33
N THR C 110 -16.71 40.59 19.14
CA THR C 110 -17.93 39.96 18.74
C THR C 110 -17.66 39.03 17.61
N PRO C 111 -18.58 38.12 17.48
CA PRO C 111 -18.55 37.13 16.45
C PRO C 111 -18.54 37.78 15.09
N VAL C 112 -17.83 37.10 14.18
CA VAL C 112 -17.71 37.46 12.79
C VAL C 112 -18.10 36.31 11.87
N SER C 113 -19.01 36.57 10.96
CA SER C 113 -19.43 35.58 9.98
C SER C 113 -18.16 35.38 9.14
N ARG C 114 -17.92 34.09 8.86
CA ARG C 114 -16.73 33.71 8.16
C ARG C 114 -16.70 34.42 6.88
N ASP C 115 -17.92 34.56 6.33
CA ASP C 115 -17.98 35.25 5.07
C ASP C 115 -17.80 36.75 5.22
N GLN C 116 -17.46 37.25 6.41
CA GLN C 116 -17.24 38.68 6.53
C GLN C 116 -16.01 39.05 7.28
N ILE C 117 -15.03 38.16 7.33
CA ILE C 117 -13.82 38.52 8.05
C ILE C 117 -13.03 39.60 7.35
N LYS C 118 -12.22 40.34 8.09
CA LYS C 118 -11.43 41.44 7.67
C LYS C 118 -10.09 41.49 8.37
N PRO C 119 -9.24 42.14 7.62
CA PRO C 119 -7.87 42.35 8.01
C PRO C 119 -7.83 42.72 9.45
N GLU C 120 -8.72 43.58 9.76
CA GLU C 120 -8.75 44.06 11.11
C GLU C 120 -8.95 42.95 12.06
N HIS C 121 -9.46 41.81 11.63
CA HIS C 121 -9.65 40.81 12.65
C HIS C 121 -8.38 40.08 13.02
N PHE C 122 -7.32 40.48 12.34
CA PHE C 122 -6.05 39.85 12.57
C PHE C 122 -4.95 40.82 12.97
N LYS C 123 -5.35 42.06 13.23
CA LYS C 123 -4.32 43.05 13.57
C LYS C 123 -3.28 42.66 14.64
N ASN C 124 -3.76 42.03 15.71
CA ASN C 124 -2.81 41.65 16.74
C ASN C 124 -1.86 40.61 16.24
N TRP C 125 -2.37 39.67 15.46
CA TRP C 125 -1.41 38.70 15.00
C TRP C 125 -0.34 39.45 14.23
N VAL C 126 -0.80 40.36 13.37
CA VAL C 126 0.12 41.15 12.59
C VAL C 126 1.14 41.93 13.40
N GLU C 127 0.64 42.65 14.43
CA GLU C 127 1.60 43.43 15.26
C GLU C 127 2.66 42.52 15.87
N TRP C 128 2.17 41.32 16.35
CA TRP C 128 3.01 40.30 17.00
C TRP C 128 4.09 39.73 16.07
N ALA C 129 3.60 39.47 14.89
CA ALA C 129 4.49 39.00 13.85
C ALA C 129 5.59 40.03 13.59
N LYS C 130 5.16 41.26 13.42
CA LYS C 130 6.15 42.32 13.19
C LYS C 130 7.20 42.30 14.29
N ALA C 131 6.68 42.31 15.51
CA ALA C 131 7.56 42.30 16.65
C ALA C 131 8.43 41.07 16.75
N ASN C 132 7.96 39.96 16.23
CA ASN C 132 8.75 38.76 16.37
C ASN C 132 9.52 38.43 15.11
N GLN C 133 9.49 39.35 14.17
CA GLN C 133 10.18 39.15 12.92
C GLN C 133 9.64 37.93 12.19
N LEU C 134 8.33 37.77 12.19
CA LEU C 134 7.78 36.59 11.57
C LEU C 134 6.96 36.86 10.36
N GLY C 135 7.17 36.08 9.29
CA GLY C 135 6.26 36.26 8.17
C GLY C 135 4.99 35.51 8.55
N LEU C 136 3.87 35.84 7.93
CA LEU C 136 2.64 35.19 8.29
C LEU C 136 2.10 34.54 7.06
N ASP C 137 1.40 33.39 7.28
CA ASP C 137 0.76 32.66 6.19
C ASP C 137 -0.66 32.52 6.57
N PHE C 138 -1.54 32.21 5.64
CA PHE C 138 -2.92 32.13 6.02
C PHE C 138 -3.79 31.04 5.37
N ASN C 139 -4.93 30.75 5.95
CA ASN C 139 -5.86 29.80 5.41
C ASN C 139 -7.29 30.08 5.82
N PRO C 140 -8.18 29.99 4.80
CA PRO C 140 -9.59 30.03 5.07
C PRO C 140 -9.93 28.71 5.82
N SER C 141 -10.90 28.74 6.70
CA SER C 141 -11.30 27.58 7.50
C SER C 141 -12.61 27.06 7.08
N CYS C 142 -12.57 26.10 6.23
CA CYS C 142 -13.78 25.52 5.67
C CYS C 142 -14.24 24.24 6.40
N PHE C 143 -14.21 24.26 7.70
CA PHE C 143 -14.65 23.07 8.39
C PHE C 143 -15.12 23.51 9.78
N SER C 144 -15.56 22.52 10.55
CA SER C 144 -16.02 22.75 11.89
C SER C 144 -16.98 23.91 11.91
N HIS C 145 -18.00 23.82 11.09
CA HIS C 145 -18.99 24.86 10.98
C HIS C 145 -20.28 24.23 10.53
N PRO C 146 -21.35 24.89 10.88
CA PRO C 146 -22.69 24.41 10.50
C PRO C 146 -22.89 24.21 9.02
N LEU C 147 -22.26 25.06 8.25
CA LEU C 147 -22.38 25.04 6.81
C LEU C 147 -21.34 24.18 6.15
N SER C 148 -20.69 23.39 6.99
CA SER C 148 -19.71 22.46 6.47
C SER C 148 -20.14 21.05 6.95
N ALA C 149 -21.18 21.07 7.75
CA ALA C 149 -21.72 19.85 8.31
C ALA C 149 -22.17 18.73 7.36
N ASP C 150 -22.56 19.06 6.11
CA ASP C 150 -22.93 18.00 5.17
C ASP C 150 -21.72 17.39 4.48
N GLY C 151 -20.49 17.87 4.83
CA GLY C 151 -19.27 17.38 4.19
C GLY C 151 -18.93 18.09 2.87
N PHE C 152 -19.63 19.18 2.58
CA PHE C 152 -19.35 19.94 1.32
C PHE C 152 -19.25 21.39 1.66
N THR C 153 -18.40 22.12 0.97
CA THR C 153 -18.26 23.54 1.23
C THR C 153 -18.30 24.23 -0.10
N LEU C 154 -17.15 24.44 -0.66
CA LEU C 154 -16.98 25.02 -1.95
C LEU C 154 -17.60 24.16 -3.04
N SER C 155 -17.90 22.84 -2.86
CA SER C 155 -18.48 22.06 -3.95
C SER C 155 -19.89 21.74 -3.61
N HIS C 156 -20.36 22.38 -2.56
CA HIS C 156 -21.74 22.16 -2.12
C HIS C 156 -22.70 22.44 -3.26
N ALA C 157 -23.72 21.64 -3.29
CA ALA C 157 -24.65 21.83 -4.34
C ALA C 157 -25.56 23.00 -4.01
N ASP C 158 -25.76 23.29 -2.75
CA ASP C 158 -26.58 24.42 -2.43
C ASP C 158 -25.89 25.73 -2.75
N ASP C 159 -26.54 26.46 -3.67
CA ASP C 159 -25.96 27.72 -4.10
C ASP C 159 -25.50 28.72 -3.06
N SER C 160 -26.37 28.85 -2.10
CA SER C 160 -26.13 29.76 -1.03
C SER C 160 -24.97 29.30 -0.11
N ILE C 161 -24.96 28.00 0.32
CA ILE C 161 -23.85 27.50 1.16
C ILE C 161 -22.57 27.71 0.40
N ARG C 162 -22.65 27.22 -0.83
CA ARG C 162 -21.53 27.39 -1.70
C ARG C 162 -21.05 28.83 -1.74
N GLN C 163 -22.02 29.76 -1.76
CA GLN C 163 -21.64 31.14 -1.88
C GLN C 163 -20.93 31.63 -0.67
N PHE C 164 -21.49 31.11 0.40
CA PHE C 164 -20.92 31.45 1.70
C PHE C 164 -19.40 31.13 1.83
N TRP C 165 -19.06 29.90 1.44
CA TRP C 165 -17.66 29.42 1.44
C TRP C 165 -16.90 30.17 0.42
N ILE C 166 -17.60 30.53 -0.68
CA ILE C 166 -16.87 31.33 -1.68
C ILE C 166 -16.52 32.69 -1.11
N ASP C 167 -17.50 33.21 -0.42
CA ASP C 167 -17.25 34.52 0.15
C ASP C 167 -16.17 34.52 1.18
N HIS C 168 -16.28 33.50 2.02
CA HIS C 168 -15.25 33.36 3.07
C HIS C 168 -13.82 33.26 2.47
N CYS C 169 -13.68 32.60 1.33
CA CYS C 169 -12.35 32.47 0.79
C CYS C 169 -11.86 33.75 0.20
N LYS C 170 -12.84 34.43 -0.40
CA LYS C 170 -12.46 35.69 -1.05
C LYS C 170 -12.00 36.67 -0.02
N ALA C 171 -12.78 36.69 1.11
CA ALA C 171 -12.43 37.57 2.23
C ALA C 171 -11.06 37.18 2.80
N SER C 172 -10.79 35.85 2.84
CA SER C 172 -9.49 35.43 3.34
C SER C 172 -8.37 35.89 2.40
N ARG C 173 -8.68 36.01 1.10
CA ARG C 173 -7.57 36.49 0.34
C ARG C 173 -7.11 37.84 0.74
N ARG C 174 -8.07 38.64 1.14
CA ARG C 174 -7.77 40.00 1.50
C ARG C 174 -7.02 40.07 2.82
N VAL C 175 -7.37 39.13 3.72
CA VAL C 175 -6.58 39.16 4.95
C VAL C 175 -5.12 38.86 4.66
N SER C 176 -5.00 37.88 3.79
CA SER C 176 -3.72 37.36 3.37
C SER C 176 -2.87 38.48 2.78
N ALA C 177 -3.53 39.22 1.88
CA ALA C 177 -2.79 40.33 1.20
C ALA C 177 -2.35 41.39 2.18
N TYR C 178 -3.27 41.57 3.13
CA TYR C 178 -3.03 42.51 4.20
C TYR C 178 -1.70 42.15 4.92
N PHE C 179 -1.59 40.85 5.26
CA PHE C 179 -0.36 40.31 5.89
C PHE C 179 0.87 40.65 5.02
N GLY C 180 0.79 40.26 3.75
CA GLY C 180 1.90 40.52 2.89
C GLY C 180 2.18 42.03 2.89
N GLU C 181 1.12 42.89 2.78
CA GLU C 181 1.45 44.35 2.76
C GLU C 181 2.26 44.76 3.98
N GLN C 182 1.70 44.41 5.13
CA GLN C 182 2.28 44.76 6.39
C GLN C 182 3.59 44.18 6.70
N LEU C 183 3.76 42.93 6.39
CA LEU C 183 4.99 42.31 6.77
C LEU C 183 6.07 42.37 5.76
N GLY C 184 5.67 42.69 4.54
CA GLY C 184 6.73 42.80 3.54
C GLY C 184 7.29 41.46 3.03
N THR C 185 6.41 40.49 3.13
CA THR C 185 6.66 39.14 2.71
C THR C 185 5.26 38.62 2.44
N PRO C 186 5.08 38.08 1.20
CA PRO C 186 3.82 37.65 0.77
C PRO C 186 3.35 36.53 1.66
N SER C 187 2.06 36.56 1.95
CA SER C 187 1.48 35.52 2.72
C SER C 187 0.97 34.54 1.67
N VAL C 188 1.28 33.24 1.95
CA VAL C 188 0.83 32.18 1.09
C VAL C 188 -0.49 31.74 1.66
N MET C 189 -1.55 31.89 0.86
CA MET C 189 -2.87 31.50 1.39
C MET C 189 -3.36 30.18 0.80
N ASN C 190 -3.45 29.17 1.72
CA ASN C 190 -3.77 27.84 1.32
C ASN C 190 -5.17 27.50 1.40
N ILE C 191 -5.62 26.85 0.36
CA ILE C 191 -6.99 26.42 0.30
C ILE C 191 -7.11 24.89 0.40
N TRP C 192 -7.78 24.48 1.47
CA TRP C 192 -8.07 23.10 1.82
C TRP C 192 -9.52 23.02 2.30
N ILE C 193 -10.26 22.07 1.73
CA ILE C 193 -11.65 21.79 2.05
C ILE C 193 -11.76 20.29 2.16
N PRO C 194 -12.64 19.90 3.01
CA PRO C 194 -12.84 18.50 3.35
C PRO C 194 -13.77 17.80 2.42
N ASP C 195 -14.38 18.57 1.54
CA ASP C 195 -15.40 17.99 0.71
C ASP C 195 -15.05 16.60 0.20
N GLY C 196 -16.00 15.71 0.38
CA GLY C 196 -15.93 14.31 -0.08
C GLY C 196 -17.08 13.38 0.40
N MET C 197 -16.93 12.08 0.10
CA MET C 197 -17.93 11.10 0.49
C MET C 197 -17.38 9.97 1.28
N LYS C 198 -18.21 9.55 2.23
CA LYS C 198 -17.77 8.44 3.03
C LYS C 198 -17.74 7.17 2.22
N ASP C 199 -18.86 6.90 1.53
CA ASP C 199 -19.10 5.68 0.78
C ASP C 199 -19.15 5.74 -0.72
N ILE C 200 -19.41 4.55 -1.32
CA ILE C 200 -19.46 4.45 -2.78
C ILE C 200 -20.28 5.61 -3.36
N THR C 201 -19.68 6.38 -4.25
CA THR C 201 -20.25 7.56 -4.86
C THR C 201 -20.72 7.36 -6.29
N VAL C 202 -21.91 7.90 -6.58
CA VAL C 202 -22.49 7.86 -7.94
C VAL C 202 -21.89 8.96 -8.83
N ASP C 203 -21.85 10.19 -8.28
CA ASP C 203 -21.32 11.24 -9.12
C ASP C 203 -20.14 12.01 -8.58
N ARG C 204 -18.94 11.64 -9.08
CA ARG C 204 -17.78 12.35 -8.61
C ARG C 204 -17.56 13.56 -9.46
N LEU C 205 -18.26 13.69 -10.61
CA LEU C 205 -17.96 14.81 -11.48
C LEU C 205 -18.51 16.20 -11.08
N ALA C 206 -19.80 16.22 -10.77
CA ALA C 206 -20.47 17.49 -10.44
C ALA C 206 -19.85 18.33 -9.34
N PRO C 207 -19.53 17.64 -8.26
CA PRO C 207 -18.86 18.34 -7.20
C PRO C 207 -17.55 18.92 -7.68
N ARG C 208 -16.83 18.20 -8.59
CA ARG C 208 -15.55 18.79 -9.08
C ARG C 208 -15.79 19.99 -9.96
N GLN C 209 -16.90 19.86 -10.71
CA GLN C 209 -17.29 20.96 -11.58
C GLN C 209 -17.58 22.22 -10.79
N ARG C 210 -18.38 21.99 -9.74
CA ARG C 210 -18.71 23.09 -8.84
C ARG C 210 -17.45 23.62 -8.16
N LEU C 211 -16.56 22.73 -7.71
CA LEU C 211 -15.40 23.21 -7.06
C LEU C 211 -14.61 24.06 -8.04
N LEU C 212 -14.45 23.52 -9.26
CA LEU C 212 -13.68 24.28 -10.29
C LEU C 212 -14.18 25.76 -10.44
N ALA C 213 -15.43 25.90 -10.73
CA ALA C 213 -16.11 27.21 -10.85
C ALA C 213 -15.90 28.05 -9.60
N ALA C 214 -16.11 27.47 -8.43
CA ALA C 214 -15.94 28.23 -7.21
C ALA C 214 -14.59 28.82 -7.03
N LEU C 215 -13.56 28.04 -7.38
CA LEU C 215 -12.21 28.50 -7.14
C LEU C 215 -11.86 29.64 -8.02
N ASP C 216 -12.42 29.47 -9.20
CA ASP C 216 -12.26 30.50 -10.20
C ASP C 216 -12.84 31.82 -9.66
N GLU C 217 -14.01 31.71 -9.13
CA GLU C 217 -14.60 32.89 -8.52
C GLU C 217 -13.80 33.27 -7.33
N VAL C 218 -13.45 32.30 -6.52
CA VAL C 218 -12.67 32.71 -5.40
C VAL C 218 -11.42 33.50 -5.78
N ILE C 219 -10.70 33.07 -6.83
CA ILE C 219 -9.48 33.85 -7.08
C ILE C 219 -9.62 35.05 -8.08
N SER C 220 -10.80 35.28 -8.53
CA SER C 220 -11.05 36.35 -9.49
C SER C 220 -10.47 37.70 -9.14
N GLU C 221 -10.37 38.05 -7.86
CA GLU C 221 -9.85 39.34 -7.52
C GLU C 221 -8.37 39.35 -7.60
N LYS C 222 -7.87 40.29 -8.40
CA LYS C 222 -6.43 40.27 -8.51
C LYS C 222 -5.73 41.00 -7.42
N LEU C 223 -4.89 40.25 -6.72
CA LEU C 223 -4.17 40.93 -5.63
C LEU C 223 -2.70 40.92 -5.93
N ASN C 224 -1.99 41.72 -5.21
CA ASN C 224 -0.56 41.86 -5.42
C ASN C 224 0.25 40.69 -4.96
N PRO C 225 0.97 40.14 -5.94
CA PRO C 225 1.77 38.98 -5.82
C PRO C 225 2.83 39.19 -4.83
N ALA C 226 3.15 40.44 -4.66
CA ALA C 226 4.17 40.67 -3.69
C ALA C 226 3.56 40.53 -2.30
N HIS C 227 2.26 40.46 -2.20
CA HIS C 227 1.77 40.34 -0.89
C HIS C 227 1.02 39.05 -0.70
N HIS C 228 0.61 38.49 -1.78
CA HIS C 228 -0.25 37.38 -1.65
C HIS C 228 -0.09 36.38 -2.74
N ILE C 229 -0.27 35.10 -2.31
CA ILE C 229 -0.21 33.91 -3.15
C ILE C 229 -1.27 32.93 -2.81
N ASP C 230 -1.92 32.39 -3.83
CA ASP C 230 -2.96 31.39 -3.59
C ASP C 230 -2.40 29.99 -3.77
N ALA C 231 -2.82 29.04 -2.93
CA ALA C 231 -2.35 27.67 -3.03
C ALA C 231 -3.49 26.76 -2.79
N VAL C 232 -3.47 25.65 -3.52
CA VAL C 232 -4.53 24.65 -3.40
C VAL C 232 -3.93 23.30 -2.97
N GLU C 233 -4.59 22.66 -2.02
CA GLU C 233 -4.16 21.40 -1.47
C GLU C 233 -5.10 20.18 -1.63
N SER C 234 -4.58 19.19 -2.39
CA SER C 234 -5.29 17.93 -2.59
C SER C 234 -5.14 17.13 -1.28
N LYS C 235 -5.97 16.11 -1.25
CA LYS C 235 -6.02 15.16 -0.16
C LYS C 235 -6.63 13.89 -0.73
N LEU C 236 -6.06 12.75 -0.25
CA LEU C 236 -6.60 11.43 -0.71
C LEU C 236 -7.89 11.00 -0.02
N PHE C 237 -7.86 11.11 1.28
CA PHE C 237 -9.07 10.70 1.99
C PHE C 237 -9.01 11.24 3.44
N GLY C 238 -10.16 11.26 4.04
CA GLY C 238 -10.31 11.69 5.43
C GLY C 238 -11.25 10.78 6.18
N ILE C 239 -11.16 10.70 7.51
CA ILE C 239 -12.06 9.85 8.26
C ILE C 239 -13.47 10.35 8.06
N GLY C 240 -14.39 9.50 7.70
CA GLY C 240 -15.76 10.00 7.44
C GLY C 240 -15.91 10.52 5.98
N ALA C 241 -14.88 10.40 5.17
CA ALA C 241 -14.97 10.77 3.76
C ALA C 241 -13.96 9.87 3.07
N GLU C 242 -13.97 8.57 3.40
CA GLU C 242 -12.99 7.64 2.89
C GLU C 242 -13.05 7.36 1.39
N SER C 243 -14.24 7.30 0.78
CA SER C 243 -14.31 6.89 -0.58
C SER C 243 -13.94 7.84 -1.65
N TYR C 244 -14.17 9.10 -1.39
CA TYR C 244 -13.96 10.08 -2.48
C TYR C 244 -13.74 11.45 -1.91
N THR C 245 -12.82 12.16 -2.52
CA THR C 245 -12.48 13.54 -2.19
C THR C 245 -12.59 14.34 -3.47
N VAL C 246 -13.42 15.38 -3.41
CA VAL C 246 -13.63 16.24 -4.58
C VAL C 246 -12.29 16.77 -5.05
N GLY C 247 -11.54 17.41 -4.14
CA GLY C 247 -10.29 17.97 -4.56
C GLY C 247 -9.12 17.03 -4.42
N SER C 248 -9.04 16.19 -5.43
CA SER C 248 -8.01 15.16 -5.54
C SER C 248 -6.67 15.70 -6.06
N ASN C 249 -5.67 14.82 -6.07
CA ASN C 249 -4.37 15.26 -6.53
C ASN C 249 -4.48 15.82 -7.97
N GLU C 250 -5.05 14.97 -8.86
CA GLU C 250 -5.16 15.37 -10.27
C GLU C 250 -5.96 16.67 -10.45
N PHE C 251 -6.99 16.77 -9.63
CA PHE C 251 -7.87 17.94 -9.67
C PHE C 251 -7.11 19.24 -9.46
N TYR C 252 -6.29 19.24 -8.43
CA TYR C 252 -5.55 20.45 -8.15
C TYR C 252 -4.36 20.60 -9.01
N MET C 253 -3.87 19.45 -9.43
CA MET C 253 -2.72 19.54 -10.30
C MET C 253 -3.20 20.26 -11.56
N GLY C 254 -4.34 19.79 -12.06
CA GLY C 254 -4.84 20.49 -13.26
C GLY C 254 -5.10 21.93 -12.95
N TYR C 255 -5.78 22.16 -11.84
CA TYR C 255 -6.14 23.50 -11.39
C TYR C 255 -5.00 24.44 -11.28
N ALA C 256 -4.03 24.02 -10.49
CA ALA C 256 -2.88 24.89 -10.30
C ALA C 256 -2.21 25.15 -11.61
N THR C 257 -2.13 24.11 -12.42
CA THR C 257 -1.43 24.26 -13.63
C THR C 257 -2.15 25.25 -14.52
N SER C 258 -3.44 24.99 -14.72
CA SER C 258 -4.17 25.82 -15.63
C SER C 258 -4.47 27.25 -15.13
N ARG C 259 -4.55 27.52 -13.78
CA ARG C 259 -4.86 28.85 -13.33
C ARG C 259 -3.59 29.45 -12.82
N GLN C 260 -2.47 28.77 -12.96
CA GLN C 260 -1.25 29.24 -12.39
C GLN C 260 -1.31 29.71 -10.93
N THR C 261 -1.88 28.91 -10.06
CA THR C 261 -1.83 29.23 -8.66
C THR C 261 -0.67 28.37 -8.08
N ALA C 262 -0.32 28.51 -6.78
CA ALA C 262 0.66 27.68 -6.17
C ALA C 262 -0.06 26.33 -5.91
N LEU C 263 0.74 25.27 -5.79
CA LEU C 263 0.21 23.95 -5.49
C LEU C 263 0.83 23.51 -4.16
N CYS C 264 -0.05 23.10 -3.30
CA CYS C 264 0.31 22.66 -1.97
C CYS C 264 0.43 21.14 -1.98
N LEU C 265 1.60 20.62 -1.62
CA LEU C 265 1.78 19.14 -1.56
C LEU C 265 1.97 18.81 -0.09
N ASP C 266 1.04 18.02 0.47
CA ASP C 266 1.09 17.62 1.86
C ASP C 266 1.56 16.16 2.03
N ALA C 267 2.72 15.96 2.69
CA ALA C 267 3.31 14.63 2.93
C ALA C 267 2.36 13.58 3.56
N GLY C 268 1.24 13.94 4.21
CA GLY C 268 0.41 12.94 4.79
C GLY C 268 -0.83 12.65 3.92
N HIS C 269 -0.95 13.27 2.72
CA HIS C 269 -2.17 13.23 1.93
C HIS C 269 -2.31 12.38 0.68
N PHE C 270 -1.38 11.45 0.55
CA PHE C 270 -1.32 10.57 -0.59
C PHE C 270 -1.54 9.06 -0.26
N HIS C 271 -1.35 8.19 -1.25
CA HIS C 271 -1.54 6.76 -1.10
C HIS C 271 -0.38 6.16 -0.34
N PRO C 272 -0.53 4.97 0.10
CA PRO C 272 0.52 4.32 0.81
C PRO C 272 1.74 4.23 -0.10
N THR C 273 2.93 4.51 0.46
CA THR C 273 4.22 4.49 -0.24
C THR C 273 4.42 5.67 -1.20
N GLU C 274 3.34 6.50 -1.35
CA GLU C 274 3.44 7.66 -2.25
C GLU C 274 4.20 8.78 -1.58
N VAL C 275 5.16 9.45 -2.23
CA VAL C 275 5.92 10.49 -1.62
C VAL C 275 5.94 11.80 -2.43
N ILE C 276 5.71 12.91 -1.74
CA ILE C 276 5.75 14.16 -2.49
C ILE C 276 7.11 14.58 -2.84
N SER C 277 8.11 14.00 -2.19
CA SER C 277 9.41 14.41 -2.56
C SER C 277 9.64 14.22 -4.08
N ASP C 278 9.09 13.17 -4.62
CA ASP C 278 9.22 12.85 -6.04
C ASP C 278 8.41 13.86 -6.85
N LYS C 279 7.28 14.28 -6.29
CA LYS C 279 6.47 15.25 -7.01
C LYS C 279 7.00 16.68 -7.16
N ILE C 280 7.93 17.13 -6.32
CA ILE C 280 8.45 18.47 -6.38
C ILE C 280 9.04 18.83 -7.75
N SER C 281 10.02 18.03 -8.26
CA SER C 281 10.62 18.43 -9.53
C SER C 281 9.59 18.36 -10.70
N ALA C 282 8.59 17.47 -10.63
CA ALA C 282 7.61 17.40 -11.68
C ALA C 282 6.72 18.62 -11.61
N ALA C 283 6.15 18.92 -10.44
CA ALA C 283 5.19 20.03 -10.35
C ALA C 283 5.81 21.39 -10.68
N MET C 284 7.01 21.62 -10.21
CA MET C 284 7.59 22.88 -10.52
C MET C 284 7.76 23.15 -12.02
N LEU C 285 7.54 22.20 -12.88
CA LEU C 285 7.68 22.53 -14.30
C LEU C 285 6.41 23.11 -14.81
N TYR C 286 5.36 23.06 -13.97
CA TYR C 286 4.10 23.58 -14.43
C TYR C 286 3.47 24.61 -13.53
N VAL C 287 3.88 24.61 -12.27
CA VAL C 287 3.22 25.53 -11.39
C VAL C 287 4.25 26.56 -10.97
N PRO C 288 3.79 27.78 -10.75
CA PRO C 288 4.72 28.83 -10.41
C PRO C 288 5.34 28.71 -9.00
N GLN C 289 4.58 28.18 -8.03
CA GLN C 289 5.09 27.98 -6.69
C GLN C 289 4.57 26.75 -6.04
N LEU C 290 5.26 26.32 -4.96
CA LEU C 290 4.84 25.13 -4.26
C LEU C 290 4.83 25.46 -2.83
N LEU C 291 3.80 24.95 -2.28
CA LEU C 291 3.69 25.05 -0.83
C LEU C 291 3.85 23.61 -0.30
N LEU C 292 4.86 23.39 0.50
CA LEU C 292 5.04 22.07 0.99
C LEU C 292 4.67 21.90 2.40
N HIS C 293 3.65 21.09 2.71
CA HIS C 293 3.22 20.66 4.04
C HIS C 293 3.92 19.36 4.44
N VAL C 294 4.90 19.46 5.36
CA VAL C 294 5.63 18.32 5.90
C VAL C 294 4.78 17.79 7.07
N SER C 295 4.53 16.49 7.07
CA SER C 295 3.70 15.81 8.08
C SER C 295 4.03 14.32 8.08
N ARG C 296 3.78 13.60 9.17
CA ARG C 296 4.02 12.17 9.15
C ARG C 296 2.73 11.39 9.30
N PRO C 297 2.26 10.89 8.17
CA PRO C 297 1.02 10.08 8.20
C PRO C 297 1.40 8.63 8.72
N VAL C 298 0.74 8.15 9.76
CA VAL C 298 1.00 6.79 10.27
C VAL C 298 -0.19 5.88 9.94
N ARG C 299 -0.19 5.27 8.70
CA ARG C 299 -1.24 4.37 8.21
C ARG C 299 -2.46 5.11 7.73
N TRP C 300 -2.46 6.41 8.00
CA TRP C 300 -3.51 7.29 7.58
C TRP C 300 -3.04 8.70 7.66
N ASP C 301 -3.85 9.71 7.30
CA ASP C 301 -3.41 11.06 7.41
C ASP C 301 -3.54 11.37 8.88
N SER C 302 -2.72 10.67 9.64
CA SER C 302 -2.72 10.77 11.07
C SER C 302 -2.04 12.04 11.56
N ASP C 303 -1.36 12.79 10.74
CA ASP C 303 -0.82 14.02 11.33
C ASP C 303 0.13 13.97 12.49
N HIS C 304 1.06 13.02 12.40
CA HIS C 304 2.07 12.88 13.44
C HIS C 304 3.20 13.89 13.22
N VAL C 305 3.93 14.14 14.27
CA VAL C 305 5.07 15.03 14.25
C VAL C 305 6.13 14.51 13.30
N VAL C 306 6.63 15.50 12.62
CA VAL C 306 7.70 15.32 11.65
C VAL C 306 9.01 14.78 12.24
N LEU C 307 9.56 13.66 11.68
CA LEU C 307 10.81 13.14 12.19
C LEU C 307 11.90 13.38 11.22
N LEU C 308 13.15 13.26 11.72
CA LEU C 308 14.27 13.32 10.79
C LEU C 308 14.25 11.90 10.23
N ASP C 309 13.52 11.70 9.15
CA ASP C 309 13.38 10.37 8.61
C ASP C 309 13.62 10.38 7.11
N ASP C 310 13.43 9.25 6.52
CA ASP C 310 13.74 9.16 5.13
C ASP C 310 13.02 10.21 4.26
N GLU C 311 11.70 10.28 4.41
CA GLU C 311 10.97 11.19 3.58
C GLU C 311 11.13 12.65 3.90
N THR C 312 11.25 12.99 5.16
CA THR C 312 11.47 14.37 5.42
C THR C 312 12.81 14.76 4.83
N GLN C 313 13.77 13.84 4.83
CA GLN C 313 15.06 14.19 4.27
C GLN C 313 14.98 14.33 2.74
N ALA C 314 14.18 13.45 2.13
CA ALA C 314 14.05 13.43 0.66
C ALA C 314 13.43 14.73 0.18
N ILE C 315 12.50 15.19 0.91
CA ILE C 315 11.84 16.48 0.57
C ILE C 315 12.90 17.61 0.68
N ALA C 316 13.64 17.60 1.78
CA ALA C 316 14.66 18.58 1.96
C ALA C 316 15.61 18.55 0.81
N SER C 317 16.04 17.35 0.48
CA SER C 317 17.04 17.32 -0.58
C SER C 317 16.53 17.88 -1.87
N GLU C 318 15.31 17.49 -2.20
CA GLU C 318 14.75 17.99 -3.45
C GLU C 318 14.71 19.49 -3.52
N ILE C 319 14.24 20.11 -2.44
CA ILE C 319 14.18 21.59 -2.46
C ILE C 319 15.54 22.23 -2.70
N VAL C 320 16.48 21.77 -1.90
CA VAL C 320 17.86 22.28 -1.94
C VAL C 320 18.50 21.96 -3.24
N ARG C 321 18.41 20.72 -3.71
CA ARG C 321 19.09 20.36 -4.96
C ARG C 321 18.69 21.25 -6.12
N HIS C 322 17.40 21.64 -6.03
CA HIS C 322 16.83 22.38 -7.11
C HIS C 322 16.91 23.84 -6.87
N ASP C 323 17.39 24.22 -5.70
CA ASP C 323 17.55 25.64 -5.40
C ASP C 323 16.24 26.39 -5.44
N LEU C 324 15.33 25.74 -4.84
CA LEU C 324 14.01 26.25 -4.83
C LEU C 324 13.82 27.27 -3.76
N PHE C 325 14.89 27.96 -3.37
CA PHE C 325 14.71 28.96 -2.32
C PHE C 325 13.48 29.88 -2.51
N ASP C 326 13.25 30.26 -3.74
CA ASP C 326 12.19 31.21 -3.96
C ASP C 326 10.78 30.73 -4.17
N ARG C 327 10.66 29.68 -4.97
CA ARG C 327 9.39 29.08 -5.34
C ARG C 327 8.73 28.09 -4.35
N VAL C 328 9.46 27.79 -3.26
CA VAL C 328 8.96 26.83 -2.28
C VAL C 328 8.77 27.53 -0.99
N HIS C 329 7.66 27.15 -0.40
CA HIS C 329 7.20 27.60 0.88
C HIS C 329 7.03 26.32 1.69
N ILE C 330 7.84 26.27 2.76
CA ILE C 330 7.92 25.10 3.61
C ILE C 330 7.17 25.34 4.85
N GLY C 331 6.26 24.46 5.12
CA GLY C 331 5.45 24.55 6.32
C GLY C 331 5.14 23.22 6.90
N LEU C 332 4.68 23.26 8.13
CA LEU C 332 4.35 22.08 8.90
C LEU C 332 2.88 21.89 8.89
N ASP C 333 2.48 20.64 8.90
CA ASP C 333 1.05 20.36 8.92
C ASP C 333 0.83 19.09 9.66
N PHE C 334 0.78 19.15 10.96
CA PHE C 334 0.55 17.97 11.74
C PHE C 334 -0.06 18.50 12.99
N PHE C 335 -0.61 17.61 13.80
CA PHE C 335 -1.28 17.90 15.07
C PHE C 335 -1.28 16.63 15.92
N ASP C 336 -0.46 16.69 16.95
CA ASP C 336 -0.47 15.62 17.90
C ASP C 336 -0.84 16.21 19.25
N ALA C 337 -1.94 15.75 19.78
CA ALA C 337 -2.43 16.24 21.05
C ALA C 337 -2.17 15.25 22.21
N SER C 338 -1.26 14.32 21.97
CA SER C 338 -0.99 13.30 22.96
C SER C 338 0.24 13.55 23.75
N ILE C 339 1.00 14.57 23.33
CA ILE C 339 2.23 14.99 24.01
C ILE C 339 2.23 16.50 24.20
N ASN C 340 3.27 17.01 24.82
CA ASN C 340 3.33 18.44 25.01
C ASN C 340 3.28 19.12 23.67
N ARG C 341 2.36 20.05 23.48
CA ARG C 341 2.28 20.68 22.16
C ARG C 341 3.44 21.53 21.76
N ILE C 342 4.11 22.16 22.70
CA ILE C 342 5.24 22.98 22.44
C ILE C 342 6.31 22.03 21.93
N ALA C 343 6.47 20.93 22.70
CA ALA C 343 7.47 20.01 22.25
C ALA C 343 7.15 19.55 20.84
N ALA C 344 5.86 19.36 20.53
CA ALA C 344 5.47 18.88 19.21
C ALA C 344 6.05 19.83 18.20
N TRP C 345 5.85 21.12 18.40
CA TRP C 345 6.34 22.07 17.45
C TRP C 345 7.83 22.05 17.38
N VAL C 346 8.41 22.03 18.57
CA VAL C 346 9.87 22.07 18.57
C VAL C 346 10.54 20.93 17.82
N ILE C 347 10.04 19.72 18.11
CA ILE C 347 10.61 18.55 17.49
C ILE C 347 10.51 18.60 15.97
N GLY C 348 9.27 18.86 15.51
CA GLY C 348 9.04 18.87 14.09
C GLY C 348 9.83 19.93 13.35
N THR C 349 9.89 21.13 13.98
CA THR C 349 10.56 22.26 13.33
C THR C 349 12.04 22.06 13.24
N ARG C 350 12.59 21.63 14.32
CA ARG C 350 14.04 21.41 14.27
C ARG C 350 14.35 20.31 13.30
N ASN C 351 13.46 19.27 13.27
CA ASN C 351 13.74 18.17 12.38
C ASN C 351 13.75 18.65 10.95
N MET C 352 12.75 19.44 10.59
CA MET C 352 12.74 19.90 9.21
C MET C 352 14.06 20.66 8.93
N LYS C 353 14.47 21.44 9.88
CA LYS C 353 15.72 22.22 9.69
C LYS C 353 16.92 21.36 9.63
N LYS C 354 16.92 20.30 10.41
CA LYS C 354 18.05 19.37 10.33
C LYS C 354 18.11 18.73 8.96
N ALA C 355 16.90 18.34 8.47
CA ALA C 355 16.85 17.73 7.12
C ALA C 355 17.39 18.75 6.09
N LEU C 356 16.98 20.01 6.25
CA LEU C 356 17.49 21.05 5.35
C LEU C 356 18.97 21.19 5.45
N LEU C 357 19.45 21.30 6.66
CA LEU C 357 20.91 21.46 6.68
C LEU C 357 21.67 20.30 6.00
N ARG C 358 21.19 19.11 6.24
CA ARG C 358 21.91 17.97 5.65
C ARG C 358 21.98 18.05 4.17
N ALA C 359 20.89 18.51 3.62
CA ALA C 359 20.79 18.70 2.19
C ALA C 359 21.76 19.74 1.73
N LEU C 360 21.88 20.74 2.59
CA LEU C 360 22.80 21.81 2.27
C LEU C 360 24.22 21.32 2.40
N LEU C 361 24.48 20.25 3.15
CA LEU C 361 25.86 19.78 3.27
C LEU C 361 26.19 18.72 2.25
N GLU C 362 25.28 18.46 1.30
CA GLU C 362 25.47 17.48 0.25
C GLU C 362 26.27 18.03 -0.87
N PRO C 363 27.25 17.28 -1.34
CA PRO C 363 28.14 17.64 -2.47
C PRO C 363 27.41 17.31 -3.76
N THR C 364 26.34 18.01 -3.95
CA THR C 364 25.46 17.79 -5.04
C THR C 364 26.09 17.77 -6.38
N ALA C 365 26.95 18.73 -6.62
CA ALA C 365 27.51 18.82 -7.91
C ALA C 365 28.25 17.58 -8.30
N GLU C 366 29.12 17.19 -7.39
CA GLU C 366 29.85 15.97 -7.54
C GLU C 366 28.90 14.82 -7.83
N LEU C 367 27.95 14.67 -6.94
CA LEU C 367 27.02 13.59 -7.14
C LEU C 367 26.32 13.62 -8.49
N ARG C 368 25.91 14.85 -8.82
CA ARG C 368 25.18 15.07 -10.04
C ARG C 368 26.03 14.67 -11.22
N LYS C 369 27.26 15.03 -11.02
CA LYS C 369 28.24 14.73 -11.99
C LYS C 369 28.43 13.20 -12.10
N LEU C 370 28.48 12.50 -10.99
CA LEU C 370 28.72 11.10 -11.10
C LEU C 370 27.53 10.42 -11.77
N GLU C 371 26.35 10.86 -11.34
CA GLU C 371 25.13 10.27 -11.88
C GLU C 371 25.03 10.43 -13.42
N ALA C 372 25.36 11.64 -13.88
CA ALA C 372 25.28 11.93 -15.31
C ALA C 372 26.27 11.04 -16.13
N PRO C 373 27.30 10.44 -15.51
CA PRO C 373 28.26 9.61 -16.18
C PRO C 373 27.96 8.22 -16.07
N GLY C 374 26.83 7.99 -15.43
CA GLY C 374 26.46 6.59 -15.25
C GLY C 374 27.28 5.93 -14.11
N ASP C 375 27.93 6.75 -13.20
CA ASP C 375 28.65 6.11 -12.10
C ASP C 375 27.70 5.89 -10.90
N TYR C 376 26.79 4.94 -11.05
CA TYR C 376 25.77 4.63 -10.06
C TYR C 376 26.35 3.96 -8.86
N THR C 377 27.50 3.33 -9.12
CA THR C 377 28.23 2.70 -8.03
C THR C 377 28.71 3.77 -7.05
N ALA C 378 29.43 4.73 -7.61
CA ALA C 378 29.96 5.82 -6.83
C ALA C 378 28.81 6.64 -6.22
N ARG C 379 27.78 6.85 -6.99
CA ARG C 379 26.70 7.64 -6.49
C ARG C 379 26.08 7.08 -5.27
N LEU C 380 25.76 5.77 -5.33
CA LEU C 380 25.15 5.12 -4.21
C LEU C 380 26.08 5.19 -3.00
N ALA C 381 27.34 4.81 -3.25
CA ALA C 381 28.37 4.81 -2.20
C ALA C 381 28.41 6.12 -1.46
N LEU C 382 28.51 7.18 -2.25
CA LEU C 382 28.61 8.53 -1.76
C LEU C 382 27.42 9.03 -1.03
N LEU C 383 26.31 8.72 -1.57
CA LEU C 383 25.13 9.20 -0.94
C LEU C 383 25.11 8.61 0.46
N GLU C 384 25.38 7.33 0.52
CA GLU C 384 25.37 6.65 1.82
C GLU C 384 26.46 7.10 2.78
N GLU C 385 27.66 7.35 2.31
CA GLU C 385 28.73 7.82 3.18
C GLU C 385 28.41 9.19 3.76
N GLN C 386 27.56 9.91 3.03
CA GLN C 386 27.20 11.23 3.46
C GLN C 386 26.64 11.21 4.90
N LYS C 387 25.89 10.17 5.16
CA LYS C 387 25.22 9.87 6.42
C LYS C 387 26.18 9.72 7.66
N SER C 388 27.43 9.32 7.41
CA SER C 388 28.32 9.20 8.52
C SER C 388 29.29 10.37 8.59
N LEU C 389 28.99 11.43 7.87
CA LEU C 389 29.82 12.63 7.96
C LEU C 389 29.29 13.43 9.14
N PRO C 390 30.11 14.27 9.72
CA PRO C 390 29.74 15.00 10.97
C PRO C 390 28.78 16.17 10.84
N TRP C 391 27.63 15.99 10.23
CA TRP C 391 26.72 17.09 10.10
C TRP C 391 26.16 17.53 11.43
N GLN C 392 26.18 16.65 12.47
CA GLN C 392 25.55 17.00 13.75
C GLN C 392 26.24 18.23 14.31
N ALA C 393 27.54 18.28 14.06
CA ALA C 393 28.38 19.38 14.58
C ALA C 393 28.01 20.73 13.97
N VAL C 394 27.71 20.65 12.70
CA VAL C 394 27.34 21.85 12.00
C VAL C 394 25.98 22.26 12.51
N TRP C 395 25.11 21.30 12.74
CA TRP C 395 23.79 21.65 13.22
C TRP C 395 23.86 22.31 14.58
N GLU C 396 24.71 21.73 15.43
CA GLU C 396 24.85 22.24 16.80
C GLU C 396 25.38 23.68 16.81
N MET C 397 26.35 24.00 15.96
CA MET C 397 26.91 25.34 15.83
C MET C 397 25.79 26.28 15.38
N TYR C 398 24.92 25.78 14.48
CA TYR C 398 23.73 26.52 13.97
C TYR C 398 22.88 26.95 15.12
N CYS C 399 22.61 25.96 15.96
CA CYS C 399 21.81 26.17 17.18
C CYS C 399 22.40 27.29 18.05
N GLN C 400 23.65 27.13 18.32
CA GLN C 400 24.41 28.07 19.13
C GLN C 400 24.38 29.49 18.57
N ARG C 401 24.62 29.66 17.28
CA ARG C 401 24.63 30.97 16.71
C ARG C 401 23.29 31.62 16.81
N HIS C 402 22.28 30.82 16.87
CA HIS C 402 20.93 31.37 17.01
C HIS C 402 20.49 31.36 18.49
N ASP C 403 21.46 31.14 19.41
CA ASP C 403 21.10 31.14 20.79
C ASP C 403 19.98 30.16 21.11
N THR C 404 20.13 28.89 20.67
CA THR C 404 19.17 27.83 20.90
C THR C 404 19.92 26.60 21.42
N PRO C 405 19.24 25.82 22.25
CA PRO C 405 19.88 24.64 22.77
C PRO C 405 20.31 23.75 21.67
N ALA C 406 21.49 23.18 21.76
CA ALA C 406 22.02 22.32 20.72
C ALA C 406 21.48 20.91 20.77
N GLY C 407 21.09 20.54 21.95
CA GLY C 407 20.58 19.21 22.16
C GLY C 407 19.32 19.19 22.98
N SER C 408 19.19 18.05 23.68
CA SER C 408 18.06 17.65 24.51
C SER C 408 17.68 18.60 25.63
N GLU C 409 18.61 19.50 25.97
CA GLU C 409 18.40 20.50 27.01
C GLU C 409 17.13 21.31 26.75
N TRP C 410 16.84 21.50 25.48
CA TRP C 410 15.61 22.25 25.27
C TRP C 410 14.44 21.64 25.98
N LEU C 411 14.48 20.33 26.25
CA LEU C 411 13.32 19.74 26.87
C LEU C 411 13.11 20.26 28.26
N GLU C 412 14.18 20.77 28.86
CA GLU C 412 14.07 21.25 30.22
C GLU C 412 13.24 22.49 30.34
N SER C 413 13.48 23.24 29.33
CA SER C 413 12.76 24.49 29.12
C SER C 413 11.28 24.24 28.97
N VAL C 414 10.98 23.30 28.10
CA VAL C 414 9.60 23.00 27.88
C VAL C 414 9.05 22.47 29.14
N ARG C 415 9.83 21.65 29.85
CA ARG C 415 9.25 21.10 31.07
C ARG C 415 9.00 22.19 32.06
N ALA C 416 9.93 23.10 32.10
CA ALA C 416 9.78 24.21 33.01
C ALA C 416 8.53 25.06 32.73
N TYR C 417 8.29 25.39 31.47
CA TYR C 417 7.14 26.16 31.12
C TYR C 417 5.86 25.41 31.50
N GLU C 418 5.91 24.12 31.30
CA GLU C 418 4.81 23.26 31.60
C GLU C 418 4.39 23.40 33.06
N LYS C 419 5.38 23.33 33.92
CA LYS C 419 5.21 23.45 35.34
C LYS C 419 4.71 24.80 35.72
N GLU C 420 5.32 25.83 35.14
CA GLU C 420 4.94 27.15 35.57
C GLU C 420 3.63 27.62 35.00
N ILE C 421 3.41 27.34 33.72
CA ILE C 421 2.22 27.79 32.99
C ILE C 421 1.17 26.78 32.54
N LEU C 422 1.57 25.81 31.79
CA LEU C 422 0.62 24.91 31.27
C LEU C 422 -0.09 24.20 32.38
N SER C 423 0.64 23.90 33.43
CA SER C 423 0.05 23.22 34.59
C SER C 423 -1.22 23.90 35.16
N ARG C 424 -1.36 25.19 34.94
CA ARG C 424 -2.48 25.92 35.50
C ARG C 424 -3.63 26.21 34.54
N ARG C 425 -3.60 25.63 33.32
CA ARG C 425 -4.63 25.81 32.30
C ARG C 425 -5.77 24.80 32.39
N THR D 10 -33.48 -19.73 -27.50
CA THR D 10 -34.74 -19.94 -26.76
C THR D 10 -34.65 -19.72 -25.27
N GLN D 11 -33.80 -20.53 -24.61
CA GLN D 11 -33.57 -20.32 -23.16
C GLN D 11 -33.10 -18.83 -23.00
N LEU D 12 -32.12 -18.49 -23.84
CA LEU D 12 -31.59 -17.16 -23.91
C LEU D 12 -32.71 -16.17 -24.14
N GLU D 13 -33.52 -16.56 -25.11
CA GLU D 13 -34.63 -15.75 -25.48
C GLU D 13 -35.52 -15.40 -24.31
N GLN D 14 -35.86 -16.47 -23.62
CA GLN D 14 -36.71 -16.36 -22.45
C GLN D 14 -36.04 -15.53 -21.36
N ALA D 15 -34.84 -15.94 -21.08
CA ALA D 15 -34.02 -15.30 -20.07
C ALA D 15 -34.00 -13.82 -20.44
N TRP D 16 -33.79 -13.59 -21.70
CA TRP D 16 -33.82 -12.20 -22.19
C TRP D 16 -35.10 -11.41 -21.92
N GLU D 17 -36.20 -12.12 -22.10
CA GLU D 17 -37.47 -11.46 -21.87
C GLU D 17 -37.72 -11.11 -20.38
N LEU D 18 -37.46 -12.11 -19.53
CA LEU D 18 -37.59 -11.81 -18.12
C LEU D 18 -36.70 -10.62 -17.74
N ALA D 19 -35.47 -10.68 -18.21
CA ALA D 19 -34.56 -9.63 -17.88
C ALA D 19 -35.10 -8.28 -18.28
N LYS D 20 -35.61 -8.30 -19.54
CA LYS D 20 -36.15 -7.09 -20.12
C LYS D 20 -37.19 -6.49 -19.21
N GLN D 21 -38.03 -7.40 -18.76
CA GLN D 21 -39.05 -6.91 -17.87
C GLN D 21 -38.48 -6.43 -16.52
N ARG D 22 -37.51 -7.21 -16.00
CA ARG D 22 -37.01 -6.80 -14.73
C ARG D 22 -36.47 -5.44 -14.79
N PHE D 23 -35.62 -5.26 -15.76
CA PHE D 23 -34.97 -3.95 -15.85
C PHE D 23 -35.94 -2.81 -16.13
N ALA D 24 -36.98 -3.20 -16.91
CA ALA D 24 -37.97 -2.22 -17.26
C ALA D 24 -38.57 -1.65 -15.99
N ALA D 25 -38.92 -2.56 -15.11
CA ALA D 25 -39.47 -2.18 -13.82
C ALA D 25 -38.63 -1.24 -12.98
N VAL D 26 -37.36 -1.10 -13.25
CA VAL D 26 -36.54 -0.17 -12.49
C VAL D 26 -36.11 0.97 -13.38
N GLY D 27 -36.83 1.02 -14.50
CA GLY D 27 -36.57 2.11 -15.39
C GLY D 27 -35.40 1.95 -16.28
N ILE D 28 -35.07 0.71 -16.48
CA ILE D 28 -33.95 0.48 -17.36
C ILE D 28 -34.35 -0.22 -18.65
N ASP D 29 -33.97 0.41 -19.80
CA ASP D 29 -34.25 -0.13 -21.11
C ASP D 29 -33.07 -0.99 -21.57
N VAL D 30 -33.23 -2.30 -21.52
CA VAL D 30 -32.15 -3.12 -22.01
C VAL D 30 -31.77 -2.82 -23.44
N GLU D 31 -32.75 -2.59 -24.31
CA GLU D 31 -32.39 -2.35 -25.70
C GLU D 31 -31.49 -1.19 -25.84
N GLU D 32 -31.89 -0.18 -25.15
CA GLU D 32 -31.05 0.99 -25.34
C GLU D 32 -29.58 0.76 -24.89
N ALA D 33 -29.52 0.01 -23.82
CA ALA D 33 -28.25 -0.31 -23.24
C ALA D 33 -27.38 -0.97 -24.26
N LEU D 34 -28.03 -1.86 -25.03
CA LEU D 34 -27.33 -2.61 -26.05
C LEU D 34 -26.84 -1.71 -27.14
N ARG D 35 -27.68 -0.72 -27.47
CA ARG D 35 -27.31 0.25 -28.48
C ARG D 35 -26.13 1.07 -28.03
N GLN D 36 -26.25 1.46 -26.85
CA GLN D 36 -25.19 2.26 -26.33
C GLN D 36 -23.84 1.54 -26.28
N LEU D 37 -23.89 0.23 -25.89
CA LEU D 37 -22.70 -0.64 -25.83
C LEU D 37 -22.09 -0.74 -27.21
N ASP D 38 -22.96 -0.64 -28.19
CA ASP D 38 -22.44 -0.60 -29.53
C ASP D 38 -21.72 0.69 -29.87
N ARG D 39 -21.81 1.68 -28.99
CA ARG D 39 -21.07 2.90 -29.22
C ARG D 39 -19.71 2.95 -28.45
N LEU D 40 -19.30 1.85 -27.85
CA LEU D 40 -18.11 1.81 -27.02
C LEU D 40 -17.12 0.76 -27.43
N PRO D 41 -16.33 1.10 -28.36
CA PRO D 41 -15.34 0.16 -28.84
C PRO D 41 -14.22 0.05 -27.86
N VAL D 42 -13.60 -1.12 -27.93
CA VAL D 42 -12.43 -1.36 -27.09
C VAL D 42 -11.29 -1.56 -28.07
N SER D 43 -10.21 -0.81 -27.85
CA SER D 43 -9.04 -0.94 -28.69
C SER D 43 -8.15 -2.02 -28.14
N MET D 44 -8.12 -3.18 -28.84
CA MET D 44 -7.27 -4.29 -28.46
C MET D 44 -5.79 -4.03 -28.77
N HIS D 45 -4.96 -4.41 -27.82
CA HIS D 45 -3.55 -4.15 -27.98
C HIS D 45 -2.96 -5.30 -28.78
N CYS D 46 -2.26 -4.95 -29.83
CA CYS D 46 -1.67 -5.92 -30.66
C CYS D 46 -0.64 -6.85 -29.98
N TRP D 47 0.17 -6.23 -29.14
CA TRP D 47 1.34 -6.86 -28.47
C TRP D 47 1.10 -8.06 -27.59
N GLN D 48 -0.17 -8.27 -27.27
CA GLN D 48 -0.49 -9.42 -26.48
C GLN D 48 -0.26 -10.65 -27.38
N GLY D 49 -0.27 -10.43 -28.70
CA GLY D 49 -0.18 -11.55 -29.59
C GLY D 49 1.14 -12.21 -29.81
N ASP D 50 2.24 -11.45 -29.70
CA ASP D 50 3.58 -11.95 -29.92
C ASP D 50 4.55 -11.56 -28.80
N ASP D 51 3.96 -11.41 -27.66
CA ASP D 51 4.81 -11.07 -26.57
C ASP D 51 5.55 -9.78 -26.80
N VAL D 52 4.87 -8.79 -27.36
CA VAL D 52 5.60 -7.55 -27.56
C VAL D 52 6.88 -7.74 -28.33
N SER D 53 6.89 -8.75 -29.13
CA SER D 53 8.12 -8.99 -29.92
C SER D 53 8.28 -8.00 -31.05
N GLY D 54 7.20 -7.80 -31.83
CA GLY D 54 7.33 -6.83 -32.92
C GLY D 54 7.94 -7.57 -34.09
N PHE D 55 8.07 -6.85 -35.16
CA PHE D 55 8.55 -7.47 -36.34
C PHE D 55 9.85 -6.85 -36.76
N GLU D 56 10.39 -6.01 -35.92
CA GLU D 56 11.66 -5.42 -36.33
C GLU D 56 12.74 -6.47 -36.26
N ASN D 57 12.78 -6.98 -35.00
CA ASN D 57 13.65 -8.00 -34.40
C ASN D 57 12.89 -8.80 -33.32
N PRO D 58 11.82 -9.53 -33.73
CA PRO D 58 11.02 -10.31 -32.80
C PRO D 58 11.80 -10.94 -31.63
N GLU D 59 12.67 -11.90 -31.91
CA GLU D 59 13.43 -12.49 -30.82
C GLU D 59 14.61 -11.57 -30.45
N GLY D 60 14.39 -10.75 -29.42
CA GLY D 60 15.41 -9.82 -28.99
C GLY D 60 15.04 -9.02 -27.74
N SER D 61 14.81 -9.79 -26.68
CA SER D 61 14.48 -9.32 -25.34
C SER D 61 13.58 -8.12 -25.17
N LEU D 62 12.47 -8.33 -24.47
CA LEU D 62 11.52 -7.28 -24.16
C LEU D 62 12.13 -6.39 -23.08
N THR D 63 12.28 -5.11 -23.34
CA THR D 63 12.84 -4.24 -22.33
C THR D 63 11.91 -3.06 -21.95
N GLY D 64 12.41 -2.18 -21.09
CA GLY D 64 11.68 -1.00 -20.65
C GLY D 64 11.12 -1.09 -19.23
N GLY D 65 11.28 -2.23 -18.56
CA GLY D 65 10.80 -2.40 -17.19
C GLY D 65 9.50 -3.17 -17.13
N ILE D 66 9.13 -3.56 -18.36
CA ILE D 66 7.95 -4.32 -18.75
C ILE D 66 8.41 -5.75 -18.93
N GLN D 67 7.54 -6.70 -18.62
CA GLN D 67 7.97 -8.07 -18.74
C GLN D 67 6.91 -9.01 -19.17
N ALA D 68 7.41 -10.01 -19.87
CA ALA D 68 6.60 -11.10 -20.37
C ALA D 68 6.83 -12.41 -19.57
N THR D 69 5.87 -12.87 -18.72
CA THR D 69 5.93 -14.08 -17.93
C THR D 69 4.93 -15.12 -18.46
N GLY D 70 5.45 -16.35 -18.55
CA GLY D 70 4.68 -17.48 -19.04
C GLY D 70 5.26 -18.45 -20.07
N ASN D 71 5.82 -17.96 -21.17
CA ASN D 71 6.31 -18.85 -22.20
C ASN D 71 5.30 -19.90 -22.76
N TYR D 72 4.02 -19.61 -22.66
CA TYR D 72 3.04 -20.51 -23.21
C TYR D 72 3.30 -20.56 -24.70
N PRO D 73 3.07 -21.68 -25.36
CA PRO D 73 3.38 -21.77 -26.80
C PRO D 73 2.35 -21.16 -27.72
N GLY D 74 2.73 -21.01 -28.99
CA GLY D 74 1.81 -20.53 -30.01
C GLY D 74 1.91 -19.06 -30.31
N LYS D 75 2.82 -18.31 -29.72
CA LYS D 75 2.84 -16.90 -30.06
C LYS D 75 2.94 -16.70 -31.57
N ALA D 76 2.39 -15.59 -32.07
CA ALA D 76 2.42 -15.19 -33.45
C ALA D 76 3.85 -14.77 -33.69
N ARG D 77 4.32 -14.89 -34.92
CA ARG D 77 5.70 -14.60 -35.21
C ARG D 77 5.88 -13.61 -36.34
N ASN D 78 4.75 -13.18 -36.91
CA ASN D 78 4.74 -12.21 -38.00
C ASN D 78 3.34 -11.63 -38.11
N ALA D 79 3.22 -10.63 -39.02
CA ALA D 79 1.96 -9.92 -39.29
C ALA D 79 0.83 -10.81 -39.65
N SER D 80 1.21 -11.77 -40.48
CA SER D 80 0.22 -12.72 -40.86
C SER D 80 -0.38 -13.50 -39.71
N GLU D 81 0.44 -14.16 -38.90
CA GLU D 81 -0.04 -14.94 -37.79
C GLU D 81 -0.79 -14.05 -36.86
N LEU D 82 -0.20 -12.88 -36.63
CA LEU D 82 -0.82 -11.94 -35.76
C LEU D 82 -2.26 -11.61 -36.16
N ARG D 83 -2.40 -11.18 -37.42
CA ARG D 83 -3.72 -10.86 -37.96
C ARG D 83 -4.73 -12.02 -37.83
N ALA D 84 -4.22 -13.23 -38.09
CA ALA D 84 -5.05 -14.42 -38.00
C ALA D 84 -5.51 -14.64 -36.58
N ASP D 85 -4.54 -14.50 -35.67
CA ASP D 85 -4.85 -14.64 -34.25
C ASP D 85 -5.86 -13.60 -33.82
N LEU D 86 -5.59 -12.38 -34.22
CA LEU D 86 -6.53 -11.30 -33.93
C LEU D 86 -7.95 -11.61 -34.41
N GLU D 87 -8.11 -11.96 -35.71
CA GLU D 87 -9.46 -12.31 -36.24
C GLU D 87 -10.14 -13.36 -35.42
N GLN D 88 -9.35 -14.38 -35.02
CA GLN D 88 -9.95 -15.41 -34.20
C GLN D 88 -10.49 -14.77 -32.95
N ALA D 89 -9.65 -13.90 -32.39
CA ALA D 89 -10.16 -13.35 -31.11
C ALA D 89 -11.42 -12.53 -31.36
N MET D 90 -11.30 -11.75 -32.42
CA MET D 90 -12.36 -10.88 -32.76
C MET D 90 -13.71 -11.52 -32.97
N ARG D 91 -13.67 -12.74 -33.44
CA ARG D 91 -14.92 -13.44 -33.67
C ARG D 91 -15.57 -13.91 -32.40
N LEU D 92 -14.79 -13.91 -31.37
CA LEU D 92 -15.37 -14.36 -30.12
C LEU D 92 -15.66 -13.25 -29.13
N ILE D 93 -15.53 -11.98 -29.62
CA ILE D 93 -15.77 -10.77 -28.86
C ILE D 93 -16.83 -9.96 -29.58
N PRO D 94 -17.92 -9.64 -28.94
CA PRO D 94 -18.99 -8.90 -29.59
C PRO D 94 -18.83 -7.39 -29.62
N GLY D 95 -19.35 -6.84 -30.67
CA GLY D 95 -19.38 -5.42 -30.78
C GLY D 95 -18.07 -4.88 -31.26
N PRO D 96 -18.05 -3.57 -31.20
CA PRO D 96 -16.96 -2.77 -31.69
C PRO D 96 -15.58 -2.96 -31.08
N LYS D 97 -14.63 -2.92 -31.96
CA LYS D 97 -13.23 -3.04 -31.58
C LYS D 97 -12.39 -2.23 -32.47
N ARG D 98 -11.18 -2.00 -31.94
CA ARG D 98 -10.12 -1.31 -32.61
C ARG D 98 -8.84 -2.11 -32.37
N LEU D 99 -7.83 -1.75 -33.11
CA LEU D 99 -6.57 -2.38 -32.96
C LEU D 99 -5.61 -1.29 -32.61
N ASN D 100 -4.86 -1.50 -31.48
CA ASN D 100 -3.88 -0.57 -31.09
C ASN D 100 -2.51 -1.11 -31.47
N LEU D 101 -1.80 -0.40 -32.36
CA LEU D 101 -0.49 -0.85 -32.85
C LEU D 101 0.75 -0.14 -32.33
N HIS D 102 1.86 -0.94 -32.23
CA HIS D 102 3.09 -0.38 -31.79
C HIS D 102 3.90 -0.17 -33.02
N ALA D 103 4.79 0.80 -33.03
CA ALA D 103 5.58 1.02 -34.21
C ALA D 103 6.42 -0.19 -34.55
N ILE D 104 6.75 -1.06 -33.60
CA ILE D 104 7.57 -2.18 -34.01
C ILE D 104 6.89 -3.22 -34.81
N TYR D 105 5.57 -3.06 -34.94
CA TYR D 105 4.74 -3.97 -35.71
C TYR D 105 4.68 -3.62 -37.20
N LEU D 106 5.55 -2.69 -37.59
CA LEU D 106 5.67 -2.29 -38.99
C LEU D 106 5.98 -3.52 -39.87
N GLU D 107 5.66 -3.34 -41.15
CA GLU D 107 5.87 -4.38 -42.13
C GLU D 107 6.72 -3.78 -43.24
N SER D 108 7.95 -4.27 -43.36
CA SER D 108 8.87 -3.81 -44.35
C SER D 108 9.78 -4.98 -44.68
N ASP D 109 10.12 -5.11 -45.95
CA ASP D 109 11.04 -6.13 -46.45
C ASP D 109 12.41 -5.91 -45.81
N THR D 110 12.80 -4.64 -45.77
CA THR D 110 14.04 -4.25 -45.17
C THR D 110 13.77 -3.52 -43.86
N PRO D 111 14.79 -3.54 -43.05
CA PRO D 111 14.82 -2.86 -41.80
C PRO D 111 14.66 -1.36 -41.96
N VAL D 112 13.87 -0.81 -41.05
CA VAL D 112 13.66 0.63 -41.08
C VAL D 112 14.17 1.27 -39.78
N SER D 113 14.96 2.33 -39.84
CA SER D 113 15.35 3.03 -38.64
C SER D 113 14.10 3.68 -38.06
N ARG D 114 13.92 3.49 -36.76
CA ARG D 114 12.77 3.99 -36.02
C ARG D 114 12.54 5.44 -36.29
N ASP D 115 13.63 6.15 -36.44
CA ASP D 115 13.45 7.53 -36.71
C ASP D 115 13.00 7.78 -38.13
N GLN D 116 12.79 6.70 -38.88
CA GLN D 116 12.40 6.88 -40.25
C GLN D 116 11.17 6.16 -40.65
N ILE D 117 10.36 5.69 -39.76
CA ILE D 117 9.17 5.01 -40.28
C ILE D 117 8.18 5.95 -41.03
N LYS D 118 7.40 5.35 -41.93
CA LYS D 118 6.44 5.98 -42.77
C LYS D 118 5.22 5.12 -42.90
N PRO D 119 4.15 5.89 -43.14
CA PRO D 119 2.83 5.37 -43.31
C PRO D 119 2.90 4.13 -44.15
N GLU D 120 3.81 4.21 -45.13
CA GLU D 120 3.84 3.07 -45.97
C GLU D 120 4.16 1.84 -45.19
N HIS D 121 4.97 1.95 -44.12
CA HIS D 121 5.26 0.69 -43.43
C HIS D 121 4.07 0.03 -42.76
N PHE D 122 2.91 0.68 -42.79
CA PHE D 122 1.74 0.12 -42.14
C PHE D 122 0.54 -0.07 -43.05
N LYS D 123 0.79 0.05 -44.30
CA LYS D 123 -0.34 -0.13 -45.23
C LYS D 123 -1.15 -1.44 -45.03
N ASN D 124 -0.48 -2.55 -44.81
CA ASN D 124 -1.20 -3.78 -44.68
C ASN D 124 -2.15 -3.76 -43.56
N TRP D 125 -1.67 -3.12 -42.48
CA TRP D 125 -2.48 -3.05 -41.29
C TRP D 125 -3.70 -2.27 -41.67
N VAL D 126 -3.43 -1.14 -42.34
CA VAL D 126 -4.52 -0.27 -42.79
C VAL D 126 -5.54 -0.93 -43.69
N GLU D 127 -5.06 -1.72 -44.67
CA GLU D 127 -6.04 -2.40 -45.55
C GLU D 127 -6.84 -3.40 -44.82
N TRP D 128 -6.17 -4.09 -43.89
CA TRP D 128 -6.77 -5.12 -43.08
C TRP D 128 -7.84 -4.57 -42.16
N ALA D 129 -7.53 -3.41 -41.63
CA ALA D 129 -8.43 -2.74 -40.71
C ALA D 129 -9.69 -2.33 -41.50
N LYS D 130 -9.47 -1.81 -42.71
CA LYS D 130 -10.61 -1.45 -43.55
C LYS D 130 -11.50 -2.66 -43.75
N ALA D 131 -10.88 -3.71 -44.18
CA ALA D 131 -11.59 -4.96 -44.38
C ALA D 131 -12.28 -5.45 -43.15
N ASN D 132 -11.73 -5.11 -41.98
CA ASN D 132 -12.34 -5.64 -40.80
C ASN D 132 -13.16 -4.60 -40.06
N GLN D 133 -13.32 -3.45 -40.65
CA GLN D 133 -14.16 -2.48 -39.96
C GLN D 133 -13.66 -2.15 -38.58
N LEU D 134 -12.35 -1.95 -38.49
CA LEU D 134 -11.68 -1.63 -37.23
C LEU D 134 -11.09 -0.21 -37.27
N GLY D 135 -11.16 0.50 -36.14
CA GLY D 135 -10.43 1.75 -36.17
C GLY D 135 -8.99 1.36 -35.74
N LEU D 136 -8.00 2.18 -36.04
CA LEU D 136 -6.64 1.85 -35.62
C LEU D 136 -6.06 2.95 -34.73
N ASP D 137 -5.29 2.49 -33.71
CA ASP D 137 -4.57 3.37 -32.80
C ASP D 137 -3.10 3.09 -32.92
N PHE D 138 -2.29 4.02 -32.42
CA PHE D 138 -0.87 3.88 -32.58
C PHE D 138 -0.02 4.32 -31.37
N ASN D 139 1.27 3.91 -31.44
CA ASN D 139 2.30 4.16 -30.39
C ASN D 139 3.74 4.07 -30.89
N PRO D 140 4.50 5.15 -30.68
CA PRO D 140 5.91 5.10 -30.96
C PRO D 140 6.45 4.03 -29.99
N SER D 141 7.49 3.30 -30.42
CA SER D 141 8.08 2.22 -29.59
C SER D 141 9.38 2.72 -29.05
N CYS D 142 9.34 3.09 -27.80
CA CYS D 142 10.54 3.63 -27.26
C CYS D 142 11.24 2.63 -26.31
N PHE D 143 11.29 1.37 -26.66
CA PHE D 143 11.99 0.48 -25.77
C PHE D 143 12.54 -0.61 -26.60
N SER D 144 13.21 -1.57 -25.98
CA SER D 144 13.76 -2.69 -26.70
C SER D 144 14.54 -2.25 -27.91
N HIS D 145 15.47 -1.34 -27.64
CA HIS D 145 16.30 -0.81 -28.69
C HIS D 145 17.65 -0.38 -28.08
N PRO D 146 18.70 -0.61 -28.81
CA PRO D 146 20.01 -0.23 -28.35
C PRO D 146 20.06 1.23 -27.87
N LEU D 147 19.30 2.08 -28.50
CA LEU D 147 19.30 3.47 -28.10
C LEU D 147 18.42 3.80 -26.92
N SER D 148 17.91 2.75 -26.39
CA SER D 148 17.04 2.81 -25.24
C SER D 148 17.69 2.09 -24.03
N ALA D 149 18.89 1.49 -24.33
CA ALA D 149 19.64 0.68 -23.38
C ALA D 149 19.98 1.28 -22.07
N ASP D 150 20.27 2.56 -22.05
CA ASP D 150 20.62 3.28 -20.86
C ASP D 150 19.44 3.59 -19.97
N GLY D 151 18.23 3.23 -20.35
CA GLY D 151 17.08 3.56 -19.50
C GLY D 151 16.53 4.94 -19.79
N PHE D 152 17.01 5.66 -20.82
CA PHE D 152 16.51 7.02 -21.18
C PHE D 152 16.32 7.10 -22.65
N THR D 153 15.32 7.86 -23.07
CA THR D 153 15.00 7.95 -24.48
C THR D 153 14.70 9.38 -24.79
N LEU D 154 13.42 9.77 -24.62
CA LEU D 154 13.11 11.17 -24.83
C LEU D 154 13.76 12.14 -23.83
N SER D 155 14.20 11.61 -22.67
CA SER D 155 14.82 12.50 -21.69
C SER D 155 16.32 12.29 -21.66
N HIS D 156 16.79 11.48 -22.56
CA HIS D 156 18.21 11.20 -22.59
C HIS D 156 18.97 12.48 -22.65
N ALA D 157 20.02 12.53 -21.89
CA ALA D 157 20.89 13.70 -21.87
C ALA D 157 21.69 13.80 -23.18
N ASP D 158 21.93 12.70 -23.83
CA ASP D 158 22.67 12.79 -25.06
C ASP D 158 21.77 13.37 -26.15
N ASP D 159 22.13 14.53 -26.66
CA ASP D 159 21.37 15.26 -27.68
C ASP D 159 20.93 14.45 -28.87
N SER D 160 21.89 13.72 -29.35
CA SER D 160 21.68 12.88 -30.50
C SER D 160 20.68 11.76 -30.24
N ILE D 161 20.85 11.06 -29.09
CA ILE D 161 19.93 9.98 -28.74
C ILE D 161 18.53 10.54 -28.60
N ARG D 162 18.56 11.63 -27.90
CA ARG D 162 17.37 12.32 -27.65
C ARG D 162 16.67 12.66 -28.94
N GLN D 163 17.46 13.16 -29.90
CA GLN D 163 16.94 13.52 -31.18
C GLN D 163 16.33 12.37 -31.95
N PHE D 164 17.05 11.27 -31.91
CA PHE D 164 16.54 10.10 -32.55
C PHE D 164 15.17 9.71 -32.04
N TRP D 165 14.99 9.77 -30.74
CA TRP D 165 13.70 9.41 -30.21
C TRP D 165 12.61 10.46 -30.57
N ILE D 166 13.02 11.75 -30.60
CA ILE D 166 12.08 12.78 -30.95
C ILE D 166 11.65 12.52 -32.36
N ASP D 167 12.62 12.19 -33.14
CA ASP D 167 12.28 11.91 -34.53
C ASP D 167 11.33 10.72 -34.74
N HIS D 168 11.57 9.69 -33.98
CA HIS D 168 10.70 8.56 -34.11
C HIS D 168 9.29 8.91 -33.70
N CYS D 169 9.19 9.80 -32.70
CA CYS D 169 7.88 10.15 -32.23
C CYS D 169 7.17 10.99 -33.26
N LYS D 170 7.89 11.98 -33.79
CA LYS D 170 7.35 12.85 -34.89
C LYS D 170 6.82 12.02 -36.10
N ALA D 171 7.68 11.05 -36.49
CA ALA D 171 7.30 10.14 -37.57
C ALA D 171 6.06 9.36 -37.22
N SER D 172 6.00 8.94 -35.93
CA SER D 172 4.87 8.12 -35.50
C SER D 172 3.57 8.87 -35.61
N ARG D 173 3.62 10.19 -35.35
CA ARG D 173 2.43 11.02 -35.42
C ARG D 173 1.86 10.96 -36.85
N ARG D 174 2.77 10.95 -37.82
CA ARG D 174 2.45 10.90 -39.25
C ARG D 174 1.80 9.59 -39.58
N VAL D 175 2.40 8.48 -39.13
CA VAL D 175 1.69 7.23 -39.41
C VAL D 175 0.28 7.23 -38.83
N SER D 176 0.17 7.75 -37.60
CA SER D 176 -1.09 7.81 -36.90
C SER D 176 -2.10 8.62 -37.70
N ALA D 177 -1.63 9.78 -38.14
CA ALA D 177 -2.53 10.69 -38.89
C ALA D 177 -3.04 10.05 -40.19
N TYR D 178 -2.15 9.25 -40.77
CA TYR D 178 -2.48 8.51 -41.94
C TYR D 178 -3.60 7.52 -41.62
N PHE D 179 -3.46 6.85 -40.48
CA PHE D 179 -4.48 5.91 -40.09
C PHE D 179 -5.84 6.60 -40.03
N GLY D 180 -5.87 7.71 -39.29
CA GLY D 180 -7.14 8.43 -39.19
C GLY D 180 -7.62 8.83 -40.59
N GLU D 181 -6.74 9.41 -41.44
CA GLU D 181 -7.17 9.78 -42.80
C GLU D 181 -7.79 8.61 -43.48
N GLN D 182 -7.02 7.55 -43.56
CA GLN D 182 -7.55 6.39 -44.20
C GLN D 182 -8.72 5.73 -43.53
N LEU D 183 -8.88 5.80 -42.22
CA LEU D 183 -9.96 5.01 -41.68
C LEU D 183 -11.13 5.82 -41.35
N GLY D 184 -10.93 7.07 -41.37
CA GLY D 184 -12.08 7.89 -41.03
C GLY D 184 -12.44 7.98 -39.54
N THR D 185 -11.45 7.72 -38.73
CA THR D 185 -11.60 7.79 -37.32
C THR D 185 -10.20 8.09 -36.86
N PRO D 186 -10.09 9.12 -36.06
CA PRO D 186 -8.80 9.50 -35.61
C PRO D 186 -8.12 8.35 -34.83
N SER D 187 -6.82 8.25 -35.07
CA SER D 187 -5.97 7.27 -34.37
C SER D 187 -5.40 7.94 -33.07
N VAL D 188 -5.62 7.30 -31.93
CA VAL D 188 -5.07 7.91 -30.76
C VAL D 188 -3.64 7.42 -30.67
N MET D 189 -2.65 8.36 -30.72
CA MET D 189 -1.26 7.96 -30.63
C MET D 189 -0.67 8.27 -29.27
N ASN D 190 -0.51 7.19 -28.46
CA ASN D 190 0.00 7.25 -27.10
C ASN D 190 1.54 7.30 -26.96
N ILE D 191 2.03 8.19 -26.14
CA ILE D 191 3.44 8.23 -25.95
C ILE D 191 3.75 7.68 -24.55
N TRP D 192 4.45 6.57 -24.51
CA TRP D 192 4.88 5.96 -23.26
C TRP D 192 6.37 5.74 -23.41
N ILE D 193 7.18 6.07 -22.41
CA ILE D 193 8.65 5.89 -22.46
C ILE D 193 9.08 5.25 -21.16
N PRO D 194 10.16 4.53 -21.16
CA PRO D 194 10.50 3.82 -19.89
C PRO D 194 11.39 4.63 -18.95
N ASP D 195 11.91 5.76 -19.48
CA ASP D 195 12.83 6.60 -18.79
C ASP D 195 12.62 6.65 -17.30
N GLY D 196 13.72 6.35 -16.61
CA GLY D 196 13.75 6.33 -15.16
C GLY D 196 15.10 5.79 -14.63
N MET D 197 15.18 5.64 -13.29
CA MET D 197 16.36 5.15 -12.61
C MET D 197 15.97 4.03 -11.65
N LYS D 198 16.78 2.99 -11.63
CA LYS D 198 16.56 1.90 -10.75
C LYS D 198 16.78 2.32 -9.28
N ASP D 199 17.83 3.15 -8.98
CA ASP D 199 18.12 3.51 -7.63
C ASP D 199 18.05 4.97 -7.28
N ILE D 200 18.50 5.21 -6.05
CA ILE D 200 18.46 6.53 -5.51
C ILE D 200 19.00 7.53 -6.47
N THR D 201 18.15 8.48 -6.85
CA THR D 201 18.54 9.47 -7.83
C THR D 201 18.86 10.86 -7.28
N VAL D 202 19.86 11.49 -7.85
CA VAL D 202 20.29 12.83 -7.42
C VAL D 202 19.54 13.92 -8.13
N ASP D 203 19.45 13.79 -9.43
CA ASP D 203 18.73 14.79 -10.18
C ASP D 203 17.50 14.35 -10.99
N ARG D 204 16.35 14.48 -10.35
CA ARG D 204 15.08 14.14 -10.93
C ARG D 204 14.56 15.20 -11.86
N LEU D 205 15.08 16.42 -11.72
CA LEU D 205 14.61 17.57 -12.49
C LEU D 205 15.01 17.64 -13.95
N ALA D 206 16.30 17.65 -14.16
CA ALA D 206 16.88 17.74 -15.48
C ALA D 206 16.23 16.84 -16.54
N PRO D 207 16.09 15.55 -16.19
CA PRO D 207 15.49 14.69 -17.15
C PRO D 207 14.07 15.16 -17.49
N ARG D 208 13.43 15.68 -16.44
CA ARG D 208 12.05 16.09 -16.60
C ARG D 208 11.98 17.29 -17.53
N GLN D 209 13.00 18.12 -17.37
CA GLN D 209 13.18 19.28 -18.20
C GLN D 209 13.40 18.90 -19.65
N ARG D 210 14.26 17.91 -19.86
CA ARG D 210 14.50 17.44 -21.21
C ARG D 210 13.28 16.77 -21.85
N LEU D 211 12.55 16.03 -21.04
CA LEU D 211 11.39 15.32 -21.51
C LEU D 211 10.39 16.37 -21.98
N LEU D 212 10.21 17.44 -21.11
CA LEU D 212 9.24 18.55 -21.42
C LEU D 212 9.48 19.15 -22.83
N ALA D 213 10.77 19.50 -23.02
CA ALA D 213 11.24 20.11 -24.25
C ALA D 213 11.02 19.21 -25.44
N ALA D 214 11.45 17.97 -25.27
CA ALA D 214 11.27 16.99 -26.34
C ALA D 214 9.83 16.78 -26.70
N LEU D 215 8.91 16.68 -25.74
CA LEU D 215 7.54 16.42 -26.08
C LEU D 215 7.00 17.58 -26.89
N ASP D 216 7.37 18.79 -26.45
CA ASP D 216 6.90 19.96 -27.16
C ASP D 216 7.36 19.88 -28.59
N GLU D 217 8.63 19.50 -28.76
CA GLU D 217 9.06 19.38 -30.10
C GLU D 217 8.27 18.26 -30.80
N VAL D 218 8.15 17.10 -30.15
CA VAL D 218 7.42 16.03 -30.82
C VAL D 218 6.03 16.42 -31.28
N ILE D 219 5.35 17.29 -30.56
CA ILE D 219 4.01 17.56 -31.03
C ILE D 219 3.92 18.86 -31.78
N SER D 220 5.06 19.39 -32.10
CA SER D 220 5.12 20.67 -32.79
C SER D 220 4.37 20.77 -34.14
N GLU D 221 4.46 19.71 -34.95
CA GLU D 221 3.81 19.66 -36.20
C GLU D 221 2.31 19.55 -36.02
N LYS D 222 1.56 20.52 -36.47
CA LYS D 222 0.12 20.42 -36.30
C LYS D 222 -0.53 19.47 -37.29
N LEU D 223 -1.32 18.56 -36.71
CA LEU D 223 -2.05 17.49 -37.44
C LEU D 223 -3.58 17.59 -37.35
N ASN D 224 -4.29 16.96 -38.30
CA ASN D 224 -5.70 17.02 -38.26
C ASN D 224 -6.29 16.18 -37.15
N PRO D 225 -6.89 16.94 -36.22
CA PRO D 225 -7.55 16.39 -35.05
C PRO D 225 -8.55 15.36 -35.45
N ALA D 226 -8.98 15.49 -36.70
CA ALA D 226 -9.96 14.53 -37.16
C ALA D 226 -9.29 13.21 -37.50
N HIS D 227 -7.97 13.30 -37.62
CA HIS D 227 -7.28 12.06 -37.96
C HIS D 227 -6.33 11.58 -36.91
N HIS D 228 -5.95 12.52 -36.05
CA HIS D 228 -4.93 12.21 -35.08
C HIS D 228 -4.98 12.90 -33.75
N ILE D 229 -4.83 12.09 -32.65
CA ILE D 229 -4.79 12.57 -31.28
C ILE D 229 -3.49 12.12 -30.56
N ASP D 230 -2.84 13.08 -29.87
CA ASP D 230 -1.64 12.79 -29.09
C ASP D 230 -2.04 12.51 -27.63
N ALA D 231 -1.53 11.43 -26.97
CA ALA D 231 -1.79 11.05 -25.57
C ALA D 231 -0.42 10.73 -24.87
N VAL D 232 -0.33 11.09 -23.57
CA VAL D 232 0.84 10.83 -22.81
C VAL D 232 0.47 9.99 -21.63
N GLU D 233 1.31 8.95 -21.42
CA GLU D 233 1.06 7.99 -20.36
C GLU D 233 2.08 7.92 -19.20
N SER D 234 1.62 8.28 -17.99
CA SER D 234 2.47 8.23 -16.81
C SER D 234 2.59 6.77 -16.42
N LYS D 235 3.60 6.61 -15.54
CA LYS D 235 3.93 5.31 -14.91
C LYS D 235 4.66 5.54 -13.61
N LEU D 236 4.34 4.69 -12.61
CA LEU D 236 4.96 4.84 -11.30
C LEU D 236 6.38 4.34 -11.25
N PHE D 237 6.48 3.08 -11.59
CA PHE D 237 7.79 2.46 -11.65
C PHE D 237 7.76 1.20 -12.58
N GLY D 238 8.91 0.73 -12.97
CA GLY D 238 9.10 -0.46 -13.73
C GLY D 238 10.29 -1.22 -13.13
N ILE D 239 10.40 -2.52 -13.51
CA ILE D 239 11.46 -3.38 -13.04
C ILE D 239 12.74 -2.86 -13.56
N GLY D 240 13.69 -2.60 -12.69
CA GLY D 240 14.88 -2.05 -13.31
C GLY D 240 14.87 -0.54 -13.36
N ALA D 241 13.82 0.10 -12.88
CA ALA D 241 13.78 1.56 -12.84
C ALA D 241 12.80 1.83 -11.73
N GLU D 242 13.00 1.17 -10.64
CA GLU D 242 12.08 1.27 -9.51
C GLU D 242 11.99 2.59 -8.74
N SER D 243 13.12 3.30 -8.68
CA SER D 243 13.15 4.48 -7.84
C SER D 243 12.63 5.79 -8.40
N TYR D 244 12.67 5.91 -9.71
CA TYR D 244 12.26 7.16 -10.34
C TYR D 244 11.83 6.98 -11.78
N THR D 245 10.72 7.62 -12.12
CA THR D 245 10.15 7.63 -13.46
C THR D 245 10.08 9.06 -13.88
N VAL D 246 10.70 9.38 -14.97
CA VAL D 246 10.70 10.76 -15.44
C VAL D 246 9.28 11.25 -15.68
N GLY D 247 8.59 10.46 -16.47
CA GLY D 247 7.22 10.74 -16.81
C GLY D 247 6.27 10.15 -15.77
N SER D 248 6.16 10.87 -14.65
CA SER D 248 5.30 10.55 -13.53
C SER D 248 3.89 11.12 -13.74
N ASN D 249 2.99 10.77 -12.84
CA ASN D 249 1.64 11.16 -12.89
C ASN D 249 1.54 12.68 -12.98
N GLU D 250 2.14 13.37 -12.05
CA GLU D 250 2.04 14.84 -12.03
C GLU D 250 2.59 15.49 -13.27
N PHE D 251 3.72 14.98 -13.69
CA PHE D 251 4.41 15.45 -14.87
C PHE D 251 3.49 15.50 -16.14
N TYR D 252 2.73 14.45 -16.34
CA TYR D 252 1.86 14.24 -17.48
C TYR D 252 0.52 14.89 -17.29
N MET D 253 0.17 14.99 -16.00
CA MET D 253 -1.06 15.72 -15.69
C MET D 253 -0.77 17.19 -16.05
N GLY D 254 0.42 17.62 -15.66
CA GLY D 254 0.79 18.95 -15.96
C GLY D 254 0.84 19.15 -17.45
N TYR D 255 1.58 18.24 -18.05
CA TYR D 255 1.78 18.29 -19.48
C TYR D 255 0.48 18.29 -20.31
N ALA D 256 -0.38 17.36 -20.04
CA ALA D 256 -1.59 17.25 -20.83
C ALA D 256 -2.48 18.47 -20.62
N THR D 257 -2.42 18.99 -19.40
CA THR D 257 -3.27 20.14 -19.09
C THR D 257 -2.75 21.36 -19.82
N SER D 258 -1.45 21.48 -19.77
CA SER D 258 -0.86 22.61 -20.35
C SER D 258 -0.75 22.68 -21.86
N ARG D 259 -0.66 21.57 -22.52
CA ARG D 259 -0.45 21.54 -23.94
C ARG D 259 -1.68 20.96 -24.54
N GLN D 260 -2.63 20.65 -23.68
CA GLN D 260 -3.87 20.16 -24.22
C GLN D 260 -3.81 18.92 -25.11
N THR D 261 -3.07 17.95 -24.61
CA THR D 261 -3.09 16.74 -25.33
C THR D 261 -4.00 15.88 -24.54
N ALA D 262 -4.19 14.67 -25.02
CA ALA D 262 -5.02 13.71 -24.30
C ALA D 262 -4.12 13.12 -23.20
N LEU D 263 -4.75 12.60 -22.17
CA LEU D 263 -4.01 12.00 -21.08
C LEU D 263 -4.34 10.55 -21.01
N CYS D 264 -3.27 9.73 -20.94
CA CYS D 264 -3.51 8.29 -20.81
C CYS D 264 -3.37 7.83 -19.35
N LEU D 265 -4.42 7.18 -18.89
CA LEU D 265 -4.49 6.61 -17.57
C LEU D 265 -4.51 5.10 -17.67
N ASP D 266 -3.44 4.48 -17.20
CA ASP D 266 -3.25 3.02 -17.14
C ASP D 266 -3.49 2.46 -15.70
N ALA D 267 -4.56 1.67 -15.52
CA ALA D 267 -4.94 1.06 -14.29
C ALA D 267 -3.83 0.24 -13.59
N GLY D 268 -2.75 -0.14 -14.27
CA GLY D 268 -1.68 -0.89 -13.59
C GLY D 268 -0.51 0.05 -13.21
N HIS D 269 -0.56 1.39 -13.52
CA HIS D 269 0.60 2.29 -13.32
C HIS D 269 0.70 3.19 -12.14
N PHE D 270 -0.04 2.87 -11.12
CA PHE D 270 -0.17 3.71 -9.94
C PHE D 270 0.28 3.07 -8.65
N HIS D 271 0.05 3.78 -7.53
CA HIS D 271 0.41 3.32 -6.24
C HIS D 271 -0.51 2.21 -5.75
N PRO D 272 -0.13 1.58 -4.66
CA PRO D 272 -0.96 0.58 -4.12
C PRO D 272 -2.25 1.23 -3.66
N THR D 273 -3.32 0.59 -4.05
CA THR D 273 -4.66 1.04 -3.72
C THR D 273 -5.09 2.27 -4.53
N GLU D 274 -4.20 2.80 -5.34
CA GLU D 274 -4.55 3.94 -6.16
C GLU D 274 -5.40 3.51 -7.36
N VAL D 275 -6.52 4.21 -7.70
CA VAL D 275 -7.42 3.88 -8.83
C VAL D 275 -7.69 5.00 -9.82
N ILE D 276 -7.51 4.65 -11.06
CA ILE D 276 -7.79 5.56 -12.13
C ILE D 276 -9.29 5.84 -12.25
N SER D 277 -10.18 4.97 -11.75
CA SER D 277 -11.60 5.28 -11.83
C SER D 277 -11.86 6.62 -11.15
N ASP D 278 -11.22 6.86 -10.02
CA ASP D 278 -11.43 8.11 -9.37
C ASP D 278 -10.90 9.26 -10.27
N LYS D 279 -9.79 9.03 -10.98
CA LYS D 279 -9.17 10.10 -11.75
C LYS D 279 -9.92 10.60 -12.96
N ILE D 280 -10.74 9.73 -13.53
CA ILE D 280 -11.43 10.12 -14.73
C ILE D 280 -12.18 11.43 -14.63
N SER D 281 -13.06 11.53 -13.64
CA SER D 281 -13.75 12.79 -13.52
C SER D 281 -12.85 13.95 -13.17
N ALA D 282 -11.74 13.79 -12.50
CA ALA D 282 -10.98 15.01 -12.23
C ALA D 282 -10.27 15.49 -13.47
N ALA D 283 -9.65 14.52 -14.13
CA ALA D 283 -8.85 14.82 -15.29
C ALA D 283 -9.64 15.42 -16.44
N MET D 284 -10.83 14.96 -16.67
CA MET D 284 -11.61 15.50 -17.81
C MET D 284 -11.97 17.00 -17.72
N LEU D 285 -11.82 17.63 -16.51
CA LEU D 285 -12.07 19.05 -16.31
C LEU D 285 -10.91 19.80 -16.86
N TYR D 286 -9.87 19.11 -17.15
CA TYR D 286 -8.73 19.84 -17.59
C TYR D 286 -8.11 19.35 -18.87
N VAL D 287 -8.42 18.16 -19.30
CA VAL D 287 -7.73 17.73 -20.51
C VAL D 287 -8.80 17.39 -21.48
N PRO D 288 -8.49 17.55 -22.78
CA PRO D 288 -9.50 17.32 -23.80
C PRO D 288 -10.06 15.95 -23.91
N GLN D 289 -9.17 14.98 -23.80
CA GLN D 289 -9.57 13.62 -23.93
C GLN D 289 -8.76 12.75 -23.02
N LEU D 290 -9.22 11.54 -22.92
CA LEU D 290 -8.58 10.58 -22.08
C LEU D 290 -8.52 9.27 -22.79
N LEU D 291 -7.34 8.68 -22.68
CA LEU D 291 -7.12 7.39 -23.18
C LEU D 291 -6.99 6.56 -21.91
N LEU D 292 -7.85 5.56 -21.79
CA LEU D 292 -7.84 4.66 -20.68
C LEU D 292 -7.32 3.27 -21.05
N HIS D 293 -6.22 2.86 -20.42
CA HIS D 293 -5.60 1.53 -20.51
C HIS D 293 -6.01 0.65 -19.33
N VAL D 294 -6.88 -0.25 -19.62
CA VAL D 294 -7.36 -1.14 -18.61
C VAL D 294 -6.36 -2.27 -18.56
N SER D 295 -5.94 -2.63 -17.33
CA SER D 295 -4.90 -3.66 -17.04
C SER D 295 -5.03 -4.12 -15.61
N ARG D 296 -4.66 -5.36 -15.27
CA ARG D 296 -4.70 -5.80 -13.90
C ARG D 296 -3.27 -5.92 -13.31
N PRO D 297 -2.91 -5.02 -12.41
CA PRO D 297 -1.58 -5.12 -11.80
C PRO D 297 -1.76 -6.07 -10.60
N VAL D 298 -0.87 -7.02 -10.50
CA VAL D 298 -0.94 -7.97 -9.37
C VAL D 298 0.37 -7.74 -8.57
N ARG D 299 0.29 -6.85 -7.60
CA ARG D 299 1.43 -6.48 -6.75
C ARG D 299 2.55 -5.70 -7.43
N TRP D 300 2.38 -5.41 -8.69
CA TRP D 300 3.30 -4.64 -9.52
C TRP D 300 2.62 -4.33 -10.86
N ASP D 301 3.34 -3.66 -11.80
CA ASP D 301 2.73 -3.38 -13.08
C ASP D 301 2.89 -4.67 -13.90
N SER D 302 2.27 -5.70 -13.35
CA SER D 302 2.36 -7.06 -13.87
C SER D 302 1.58 -7.34 -15.11
N ASP D 303 0.71 -6.48 -15.51
CA ASP D 303 0.03 -6.77 -16.77
C ASP D 303 -0.88 -8.00 -16.87
N HIS D 304 -1.53 -8.34 -15.84
CA HIS D 304 -2.40 -9.48 -15.98
C HIS D 304 -3.68 -9.09 -16.76
N VAL D 305 -4.40 -10.11 -17.19
CA VAL D 305 -5.62 -9.98 -17.95
C VAL D 305 -6.67 -9.31 -17.17
N VAL D 306 -7.43 -8.43 -17.81
CA VAL D 306 -8.47 -7.73 -17.14
C VAL D 306 -9.59 -8.63 -16.73
N LEU D 307 -9.99 -8.57 -15.48
CA LEU D 307 -11.10 -9.35 -15.00
C LEU D 307 -12.36 -8.50 -14.84
N LEU D 308 -13.48 -9.14 -14.63
CA LEU D 308 -14.66 -8.38 -14.37
C LEU D 308 -14.59 -8.21 -12.84
N ASP D 309 -13.89 -7.15 -12.45
CA ASP D 309 -13.71 -6.95 -11.08
C ASP D 309 -14.11 -5.55 -10.71
N ASP D 310 -13.89 -5.27 -9.41
CA ASP D 310 -14.26 -4.02 -8.83
C ASP D 310 -13.74 -2.89 -9.59
N GLU D 311 -12.48 -2.80 -9.86
CA GLU D 311 -11.98 -1.64 -10.52
C GLU D 311 -12.26 -1.58 -12.00
N THR D 312 -12.43 -2.73 -12.53
CA THR D 312 -12.72 -2.61 -13.97
C THR D 312 -14.16 -2.09 -14.05
N GLN D 313 -14.97 -2.58 -13.19
CA GLN D 313 -16.32 -2.09 -13.18
C GLN D 313 -16.37 -0.60 -12.82
N ALA D 314 -15.57 -0.22 -11.82
CA ALA D 314 -15.50 1.18 -11.44
C ALA D 314 -15.17 2.05 -12.58
N ILE D 315 -14.19 1.63 -13.35
CA ILE D 315 -13.82 2.44 -14.49
C ILE D 315 -15.01 2.59 -15.49
N ALA D 316 -15.68 1.49 -15.83
CA ALA D 316 -16.76 1.56 -16.77
C ALA D 316 -17.80 2.54 -16.25
N SER D 317 -18.10 2.43 -14.94
CA SER D 317 -19.13 3.25 -14.43
C SER D 317 -18.87 4.67 -14.69
N GLU D 318 -17.68 5.05 -14.40
CA GLU D 318 -17.28 6.45 -14.55
C GLU D 318 -17.46 6.94 -15.96
N ILE D 319 -16.98 6.13 -16.91
CA ILE D 319 -17.07 6.52 -18.29
C ILE D 319 -18.54 6.69 -18.70
N VAL D 320 -19.33 5.70 -18.32
CA VAL D 320 -20.68 5.77 -18.65
C VAL D 320 -21.46 6.87 -17.87
N ARG D 321 -21.36 6.96 -16.53
CA ARG D 321 -22.07 7.95 -15.77
C ARG D 321 -21.86 9.32 -16.32
N HIS D 322 -20.64 9.53 -16.79
CA HIS D 322 -20.30 10.85 -17.30
C HIS D 322 -20.52 11.07 -18.79
N ASP D 323 -21.08 10.08 -19.41
CA ASP D 323 -21.40 10.16 -20.82
C ASP D 323 -20.19 10.50 -21.68
N LEU D 324 -19.14 9.81 -21.31
CA LEU D 324 -17.88 10.06 -21.89
C LEU D 324 -17.69 9.43 -23.26
N PHE D 325 -18.78 9.08 -23.90
CA PHE D 325 -18.63 8.45 -25.21
C PHE D 325 -17.66 9.12 -26.16
N ASP D 326 -17.52 10.44 -26.15
CA ASP D 326 -16.64 10.96 -27.19
C ASP D 326 -15.23 11.28 -26.81
N ARG D 327 -15.09 11.64 -25.56
CA ARG D 327 -13.81 12.08 -25.04
C ARG D 327 -12.91 11.02 -24.45
N VAL D 328 -13.42 9.79 -24.26
CA VAL D 328 -12.61 8.71 -23.71
C VAL D 328 -12.43 7.67 -24.74
N HIS D 329 -11.23 7.11 -24.72
CA HIS D 329 -10.88 6.02 -25.62
C HIS D 329 -10.46 4.85 -24.76
N ILE D 330 -11.24 3.81 -24.82
CA ILE D 330 -11.00 2.64 -24.00
C ILE D 330 -10.10 1.67 -24.73
N GLY D 331 -8.98 1.32 -24.08
CA GLY D 331 -7.94 0.43 -24.56
C GLY D 331 -7.54 -0.56 -23.48
N LEU D 332 -7.01 -1.68 -23.94
CA LEU D 332 -6.53 -2.72 -23.09
C LEU D 332 -5.06 -2.52 -23.04
N ASP D 333 -4.48 -2.85 -21.92
CA ASP D 333 -3.03 -2.74 -21.78
C ASP D 333 -2.60 -3.86 -20.85
N PHE D 334 -2.37 -5.06 -21.40
CA PHE D 334 -1.92 -6.17 -20.58
C PHE D 334 -1.21 -7.17 -21.47
N PHE D 335 -0.44 -8.11 -20.87
CA PHE D 335 0.29 -9.10 -21.66
C PHE D 335 0.59 -10.21 -20.73
N ASP D 336 -0.12 -11.30 -20.95
CA ASP D 336 0.04 -12.50 -20.18
C ASP D 336 0.52 -13.67 -21.09
N ALA D 337 1.80 -14.06 -20.97
CA ALA D 337 2.29 -15.07 -21.83
C ALA D 337 2.23 -16.42 -21.21
N SER D 338 1.56 -16.51 -20.11
CA SER D 338 1.49 -17.82 -19.47
C SER D 338 0.24 -18.63 -19.91
N ILE D 339 -0.61 -18.04 -20.80
CA ILE D 339 -1.79 -18.85 -21.21
C ILE D 339 -2.05 -18.62 -22.67
N ASN D 340 -3.15 -19.20 -23.12
CA ASN D 340 -3.41 -18.92 -24.51
C ASN D 340 -3.59 -17.39 -24.76
N ARG D 341 -2.80 -16.81 -25.67
CA ARG D 341 -2.89 -15.39 -25.92
C ARG D 341 -4.20 -14.91 -26.51
N ILE D 342 -4.86 -15.83 -27.23
CA ILE D 342 -6.13 -15.45 -27.86
C ILE D 342 -7.14 -15.40 -26.75
N ALA D 343 -7.03 -16.38 -25.88
CA ALA D 343 -7.91 -16.44 -24.75
C ALA D 343 -7.71 -15.19 -23.94
N ALA D 344 -6.47 -14.80 -23.83
CA ALA D 344 -6.18 -13.64 -23.05
C ALA D 344 -6.95 -12.42 -23.58
N TRP D 345 -6.85 -12.17 -24.90
CA TRP D 345 -7.58 -11.06 -25.48
C TRP D 345 -9.10 -11.26 -25.30
N VAL D 346 -9.57 -12.48 -25.52
CA VAL D 346 -10.93 -12.70 -25.39
C VAL D 346 -11.47 -12.43 -24.02
N ILE D 347 -10.83 -12.98 -23.00
CA ILE D 347 -11.32 -12.77 -21.65
C ILE D 347 -11.30 -11.29 -21.29
N GLY D 348 -10.22 -10.65 -21.65
CA GLY D 348 -10.00 -9.26 -21.38
C GLY D 348 -11.08 -8.32 -21.94
N THR D 349 -11.30 -8.50 -23.25
CA THR D 349 -12.20 -7.66 -23.99
C THR D 349 -13.60 -7.87 -23.62
N ARG D 350 -13.94 -9.10 -23.50
CA ARG D 350 -15.29 -9.40 -23.09
C ARG D 350 -15.57 -8.83 -21.73
N ASN D 351 -14.57 -8.96 -20.86
CA ASN D 351 -14.73 -8.45 -19.51
C ASN D 351 -14.97 -6.95 -19.53
N MET D 352 -14.18 -6.27 -20.34
CA MET D 352 -14.38 -4.82 -20.37
C MET D 352 -15.81 -4.46 -20.82
N LYS D 353 -16.29 -5.29 -21.75
CA LYS D 353 -17.58 -4.99 -22.31
C LYS D 353 -18.63 -5.30 -21.32
N LYS D 354 -18.42 -6.35 -20.60
CA LYS D 354 -19.39 -6.69 -19.61
C LYS D 354 -19.47 -5.57 -18.55
N ALA D 355 -18.31 -5.07 -18.09
CA ALA D 355 -18.33 -3.98 -17.11
C ALA D 355 -19.10 -2.82 -17.71
N LEU D 356 -18.77 -2.47 -18.95
CA LEU D 356 -19.52 -1.38 -19.59
C LEU D 356 -21.04 -1.58 -19.60
N LEU D 357 -21.44 -2.76 -19.99
CA LEU D 357 -22.85 -3.02 -20.07
C LEU D 357 -23.48 -2.87 -18.74
N ARG D 358 -22.81 -3.37 -17.71
CA ARG D 358 -23.48 -3.26 -16.44
C ARG D 358 -23.59 -1.81 -16.03
N ALA D 359 -22.67 -1.02 -16.45
CA ALA D 359 -22.76 0.37 -16.12
C ALA D 359 -23.95 1.02 -16.86
N LEU D 360 -24.09 0.61 -18.12
CA LEU D 360 -25.19 1.07 -18.97
C LEU D 360 -26.53 0.63 -18.37
N LEU D 361 -26.53 -0.42 -17.53
CA LEU D 361 -27.76 -0.88 -16.95
C LEU D 361 -28.03 -0.29 -15.63
N GLU D 362 -27.21 0.62 -15.25
CA GLU D 362 -27.41 1.18 -13.96
C GLU D 362 -28.48 2.28 -14.03
N PRO D 363 -29.36 2.42 -13.07
CA PRO D 363 -30.35 3.50 -13.06
C PRO D 363 -29.70 4.74 -12.44
N THR D 364 -28.71 5.27 -13.14
CA THR D 364 -27.94 6.40 -12.68
C THR D 364 -28.63 7.69 -12.24
N ALA D 365 -29.65 8.04 -13.00
CA ALA D 365 -30.33 9.25 -12.68
C ALA D 365 -31.02 9.11 -11.35
N GLU D 366 -31.65 7.97 -11.16
CA GLU D 366 -32.36 7.68 -9.92
C GLU D 366 -31.34 7.78 -8.75
N LEU D 367 -30.22 7.05 -8.95
CA LEU D 367 -29.11 7.01 -8.01
C LEU D 367 -28.49 8.36 -7.80
N ARG D 368 -28.33 9.07 -8.91
CA ARG D 368 -27.78 10.40 -8.78
C ARG D 368 -28.66 11.33 -7.93
N LYS D 369 -29.92 11.06 -8.12
CA LYS D 369 -30.93 11.81 -7.45
C LYS D 369 -30.94 11.40 -6.02
N LEU D 370 -30.89 10.13 -5.76
CA LEU D 370 -30.84 9.79 -4.33
C LEU D 370 -29.66 10.40 -3.58
N GLU D 371 -28.48 10.35 -4.25
CA GLU D 371 -27.27 10.92 -3.71
C GLU D 371 -27.38 12.44 -3.40
N ALA D 372 -27.96 13.14 -4.37
CA ALA D 372 -28.13 14.56 -4.21
C ALA D 372 -28.95 14.93 -2.99
N PRO D 373 -29.87 14.06 -2.62
CA PRO D 373 -30.71 14.23 -1.48
C PRO D 373 -30.16 13.77 -0.18
N GLY D 374 -28.99 13.16 -0.24
CA GLY D 374 -28.37 12.67 0.94
C GLY D 374 -29.01 11.35 1.30
N ASP D 375 -29.72 10.67 0.39
CA ASP D 375 -30.29 9.33 0.66
C ASP D 375 -29.21 8.18 0.38
N TYR D 376 -28.18 8.17 1.25
CA TYR D 376 -27.03 7.30 1.24
C TYR D 376 -27.35 5.91 1.50
N THR D 377 -28.36 5.70 2.32
CA THR D 377 -28.88 4.39 2.65
C THR D 377 -29.41 3.78 1.34
N ALA D 378 -30.32 4.49 0.71
CA ALA D 378 -30.89 3.98 -0.51
C ALA D 378 -29.86 3.84 -1.63
N ARG D 379 -28.91 4.73 -1.72
CA ARG D 379 -27.90 4.62 -2.73
C ARG D 379 -27.05 3.34 -2.59
N LEU D 380 -26.66 3.11 -1.37
CA LEU D 380 -25.83 1.94 -1.18
C LEU D 380 -26.64 0.74 -1.49
N ALA D 381 -27.82 0.80 -0.89
CA ALA D 381 -28.65 -0.32 -1.08
C ALA D 381 -28.88 -0.62 -2.53
N LEU D 382 -29.22 0.43 -3.24
CA LEU D 382 -29.50 0.21 -4.65
C LEU D 382 -28.28 -0.10 -5.40
N LEU D 383 -27.20 0.57 -5.11
CA LEU D 383 -26.04 0.18 -5.87
C LEU D 383 -25.83 -1.33 -5.76
N GLU D 384 -25.97 -1.85 -4.54
CA GLU D 384 -25.73 -3.27 -4.28
C GLU D 384 -26.71 -4.22 -4.94
N GLU D 385 -27.96 -3.84 -4.88
CA GLU D 385 -29.03 -4.65 -5.52
C GLU D 385 -28.82 -4.85 -7.02
N GLN D 386 -28.22 -3.86 -7.56
CA GLN D 386 -27.94 -3.84 -8.96
C GLN D 386 -27.16 -5.10 -9.33
N LYS D 387 -26.32 -5.56 -8.41
CA LYS D 387 -25.48 -6.72 -8.71
C LYS D 387 -26.25 -8.01 -8.86
N SER D 388 -27.42 -8.09 -8.28
CA SER D 388 -28.10 -9.37 -8.43
C SER D 388 -29.21 -9.24 -9.41
N LEU D 389 -29.17 -8.20 -10.23
CA LEU D 389 -30.17 -8.04 -11.27
C LEU D 389 -29.64 -8.86 -12.45
N PRO D 390 -30.55 -9.35 -13.33
CA PRO D 390 -30.24 -10.22 -14.45
C PRO D 390 -29.45 -9.68 -15.62
N TRP D 391 -28.41 -8.87 -15.38
CA TRP D 391 -27.65 -8.36 -16.50
C TRP D 391 -27.04 -9.38 -17.44
N GLN D 392 -26.78 -10.59 -16.93
CA GLN D 392 -26.16 -11.64 -17.69
C GLN D 392 -26.93 -11.95 -18.95
N ALA D 393 -28.25 -11.94 -18.75
CA ALA D 393 -29.23 -12.19 -19.82
C ALA D 393 -29.08 -11.16 -20.92
N VAL D 394 -28.90 -9.96 -20.47
CA VAL D 394 -28.69 -8.90 -21.41
C VAL D 394 -27.38 -9.07 -22.12
N TRP D 395 -26.34 -9.46 -21.38
CA TRP D 395 -25.04 -9.61 -21.99
C TRP D 395 -25.06 -10.72 -23.04
N GLU D 396 -25.66 -11.85 -22.65
CA GLU D 396 -25.73 -12.96 -23.56
C GLU D 396 -26.55 -12.57 -24.85
N MET D 397 -27.63 -11.75 -24.72
CA MET D 397 -28.39 -11.36 -25.93
C MET D 397 -27.49 -10.55 -26.86
N TYR D 398 -26.69 -9.69 -26.24
CA TYR D 398 -25.70 -8.87 -26.93
C TYR D 398 -24.79 -9.80 -27.71
N CYS D 399 -24.22 -10.83 -27.07
CA CYS D 399 -23.36 -11.78 -27.75
C CYS D 399 -24.05 -12.42 -28.94
N GLN D 400 -25.25 -12.89 -28.66
CA GLN D 400 -26.03 -13.56 -29.67
C GLN D 400 -26.25 -12.66 -30.87
N ARG D 401 -26.68 -11.43 -30.57
CA ARG D 401 -26.88 -10.55 -31.66
C ARG D 401 -25.66 -10.41 -32.49
N HIS D 402 -24.47 -10.39 -31.89
CA HIS D 402 -23.25 -10.17 -32.65
C HIS D 402 -22.58 -11.42 -33.15
N ASP D 403 -23.35 -12.52 -33.09
CA ASP D 403 -22.93 -13.86 -33.49
C ASP D 403 -21.67 -14.29 -32.71
N THR D 404 -21.75 -14.13 -31.37
CA THR D 404 -20.64 -14.46 -30.55
C THR D 404 -21.13 -15.44 -29.54
N PRO D 405 -20.26 -16.32 -29.11
CA PRO D 405 -20.71 -17.28 -28.09
C PRO D 405 -21.08 -16.56 -26.79
N ALA D 406 -22.22 -16.87 -26.26
CA ALA D 406 -22.65 -16.22 -25.07
C ALA D 406 -21.93 -16.64 -23.78
N GLY D 407 -21.39 -17.84 -23.82
CA GLY D 407 -20.74 -18.42 -22.68
C GLY D 407 -19.40 -18.94 -23.03
N SER D 408 -19.05 -19.94 -22.21
CA SER D 408 -17.79 -20.62 -22.13
C SER D 408 -17.43 -21.39 -23.36
N GLU D 409 -18.43 -21.58 -24.18
CA GLU D 409 -18.26 -22.25 -25.46
C GLU D 409 -17.22 -21.57 -26.29
N TRP D 410 -17.03 -20.26 -26.11
CA TRP D 410 -15.98 -19.71 -26.93
C TRP D 410 -14.63 -20.37 -26.70
N LEU D 411 -14.49 -21.00 -25.55
CA LEU D 411 -13.24 -21.70 -25.18
C LEU D 411 -12.85 -22.85 -26.16
N GLU D 412 -13.92 -23.52 -26.62
CA GLU D 412 -13.77 -24.62 -27.59
C GLU D 412 -13.26 -24.13 -28.89
N SER D 413 -13.69 -22.94 -29.27
CA SER D 413 -13.12 -22.40 -30.49
C SER D 413 -11.65 -22.15 -30.30
N VAL D 414 -11.36 -21.62 -29.11
CA VAL D 414 -9.98 -21.32 -28.87
C VAL D 414 -9.16 -22.57 -28.87
N ARG D 415 -9.73 -23.58 -28.19
CA ARG D 415 -9.02 -24.84 -28.11
C ARG D 415 -8.77 -25.39 -29.50
N ALA D 416 -9.83 -25.35 -30.31
CA ALA D 416 -9.80 -25.82 -31.66
C ALA D 416 -8.73 -25.16 -32.51
N TYR D 417 -8.64 -23.81 -32.47
CA TYR D 417 -7.67 -23.09 -33.26
C TYR D 417 -6.26 -23.41 -32.78
N GLU D 418 -6.16 -23.68 -31.51
CA GLU D 418 -4.89 -23.98 -30.94
C GLU D 418 -4.40 -25.27 -31.56
N LYS D 419 -5.27 -26.26 -31.47
CA LYS D 419 -5.00 -27.59 -32.04
C LYS D 419 -4.57 -27.51 -33.47
N GLU D 420 -5.44 -26.87 -34.26
CA GLU D 420 -5.24 -26.70 -35.67
C GLU D 420 -4.11 -25.80 -36.11
N ILE D 421 -3.85 -24.77 -35.36
CA ILE D 421 -2.85 -23.79 -35.80
C ILE D 421 -1.63 -23.56 -34.93
N LEU D 422 -1.96 -23.04 -33.79
CA LEU D 422 -0.95 -22.69 -32.83
C LEU D 422 -0.03 -23.86 -32.53
N SER D 423 -0.65 -25.05 -32.44
CA SER D 423 0.01 -26.28 -32.19
C SER D 423 1.19 -26.43 -33.17
N ARG D 424 1.00 -26.02 -34.45
CA ARG D 424 2.11 -26.09 -35.44
C ARG D 424 3.27 -25.03 -35.39
N ARG D 425 3.09 -23.97 -34.56
CA ARG D 425 4.04 -22.88 -34.45
C ARG D 425 5.11 -23.20 -33.44
C1 RNS E . -11.57 -3.44 16.55
C2 RNS E . -11.91 -4.83 15.95
C3 RNS E . -13.10 -5.30 16.76
C4 RNS E . -14.08 -4.17 17.00
C5 RNS E . -15.36 -4.62 17.64
C6 RNS E . -16.12 -3.50 18.32
O1 RNS E . -11.07 -2.49 15.95
O2 RNS E . -12.23 -4.66 14.58
O3 RNS E . -13.67 -6.55 16.32
O4 RNS E . -14.26 -3.42 15.80
O5 RNS E . -15.07 -5.77 18.51
ZN ZN F . -13.17 -7.95 13.83
MN MN G . -12.49 -3.50 12.47
C1 RNS H . 13.44 -14.77 -2.48
C2 RNS H . 14.07 -15.08 -1.06
C3 RNS H . 15.30 -15.99 -1.18
C4 RNS H . 16.16 -15.52 -2.34
C5 RNS H . 17.54 -16.15 -2.40
C6 RNS H . 17.97 -16.46 -3.83
O1 RNS H . 13.40 -13.61 -3.00
O2 RNS H . 14.46 -13.85 -0.44
O3 RNS H . 16.06 -16.05 0.08
O4 RNS H . 16.22 -14.08 -2.26
O5 RNS H . 17.68 -17.28 -1.46
ZN ZN I . 15.44 -13.65 2.27
MN MN J . 13.91 -10.74 -1.94
C1 RNS K . -6.31 18.13 6.11
C2 RNS K . -5.33 19.22 5.55
C3 RNS K . -5.67 20.59 6.14
C4 RNS K . -5.81 20.46 7.65
C5 RNS K . -5.56 21.74 8.41
C6 RNS K . -6.46 21.87 9.62
O1 RNS K . -6.01 17.32 7.00
O2 RNS K . -3.99 18.87 5.89
O3 RNS K . -4.65 21.55 5.75
O4 RNS K . -4.88 19.45 8.09
O5 RNS K . -5.57 22.94 7.50
ZN ZN L . -1.53 20.09 4.66
MN MN M . -3.11 16.15 7.07
C1 RNS N . 4.34 0.31 -19.58
C2 RNS N . 3.13 1.02 -20.29
C3 RNS N . 3.16 0.85 -21.79
C4 RNS N . 3.59 -0.56 -22.17
C5 RNS N . 3.18 -0.93 -23.56
C6 RNS N . 4.04 -2.02 -24.19
O1 RNS N . 4.25 -0.28 -18.48
O2 RNS N . 1.89 0.51 -19.79
O3 RNS N . 1.84 1.13 -22.26
O4 RNS N . 3.01 -1.48 -21.24
O5 RNS N . 3.02 0.29 -24.39
ZN ZN O . -0.59 1.41 -20.66
MN MN P . 1.70 -1.63 -17.85
#